data_7VF5
#
_entry.id   7VF5
#
_cell.length_a   1.00
_cell.length_b   1.00
_cell.length_c   1.00
_cell.angle_alpha   90.00
_cell.angle_beta   90.00
_cell.angle_gamma   90.00
#
_symmetry.space_group_name_H-M   'P 1'
#
loop_
_entity.id
_entity.type
_entity.pdbx_description
1 polymer 'Protein virilizer homolog'
2 polymer 'Pre-mRNA-splicing regulator WTAP'
#
loop_
_entity_poly.entity_id
_entity_poly.type
_entity_poly.pdbx_seq_one_letter_code
_entity_poly.pdbx_strand_id
1 'polypeptide(L)'
;MAVDSAMELLFLDTFKHPSAEQSSHIDVVRFPCVVYINEVRVIPPGVRAHSSLPDNRAYGETSPHTFQLDLFFNNVSKPS
APVFDRLGSLEYDENTSIIFRPNSKVNTDGLVLRGWYNCLTLAIYGSVDRVISHDRDSPPPPPPPPPPPQPQPSLKRNPK
HADGEKEDQFNGSPPRPQPRGPRTPPGPPPPDDDEDDPVPLPVSGDKEEDAPHREDYFEPISPDRNSVPQEGQYSDEGEV
EEEQQEEGEEDEDDVDVEEEEDEDEDDRRTVDSIPEEEEEDEEEEGEEDEEGEGDDGYEQISSDEDGIADLERETFKYPN
FDVEYTAEDLASVPPMTYDPYDRELVPLLYFSCPYKTTFEIEISRMKDQGPDKENSGAIEASVKLTELLDLYREDRGAKW
VTALEEIPSLIIKGLSYLQLKNTKQDSLGQLVDWTMQALNLQVALRQPIALNVRQLKAGTKLVSSLAECGAQGVTGLLQA
GVISGLFELLFADHVSSSLKLNAFKALDSVISMTEGMEAFLRGRQNEKSGYQKLLELILLDQTVRVVTAGSAILQKCHFY
EVLSEIKRLGDHLAEKTSSLPNHSEPDHDTDAGLERTNPEYENEVEASMDMDLLESSNISEGEIERLINLLEEVFHLMET
APHTMIQQPVKSFPTMARITGPPERDDPYPVLFRYLHSHHFLELVTLLLSIPVTSAHPGVLQATKDVLKFLAQSQKGLLF
FMSEYEATNLLIRALCHFYDQDEEEGLQSDGVIDDAFALWLQDSTQTLQCITELFSHFQRCTASEETDHSDLLGTLHNLY
LITFNPVGRSAVGHVFSLEKNLQSLITLMEYYSKEALGDSKSKKSVAYNYACILILVVVQSSSDVQMLEQHAASLLKLCK
ADENNAKLQELGKWLEPLKNLRFEINCIPNLIEYVKQNIDNLMTPEGVGLTTALRVLCNVACPPPPVEGQQKDLKWNLAV
IQLFSAEGMDTFIRVLQKLNSILTQPWRLHVNMGTTLHRVTTISMARCTLTLLKTMLTELLRGGSFEFKDMRVPSALVTL
HMLLCSIPLSGRLDSDEQKIQNDIIDILLTFTQGVNEKLTISEETLANNTWSLMLKEVLSSILKVPEGFFSGLILLSELL
PLPLPMQTTQVIEPHDISVALNTRKLWSMHLHVQAKLLQEIVRSFSGTTCQPIQHMLRRICVQLCDLASPTALLIMRTVL
DLIVEDLQSTSEDKEKQYTSQTTRLLALLDALASHKACKLAILHLINGTIKGDERYAEIFQDLLALVRSPGDSVIRQQCV
EYVTSILQSLCDQDIALILPSSSEGSISELEQLSNSLPNKELMTSICDCLLATLANSESSYNCLLTCVRTMMFLAEHDYG
LFHLKSSLRKNSSALHSLLKRVVSTFSKDTGELASSFLEFMRQILNSDTIGCCGDDNGLMEVEGAHTSRTMSINAAELKQ
LLQSKEESPENLFLELEKLVLEHSKDDDNLDSLLDSVVGLKQMLESSGDPLPLSDQDVEPVLSAPESLQNLFNNRTAYVL
ADVMDDQLKSMWFTPFQAEEIDTDLDLVKVDLIELSEKCCSDFDLHSELERSFLSEPSSPGRTKTTKGFKLGKHKHETFI
TSSGKSEYIEPAKRAHVVPPPRGRGRGGFGQGIRPHDIFRQRKQNTSRPPSMHVDDFVAAESKEVVPQDGIPPPKRPLKV
SQKISSRGGFSGNRGGRGAFHSQNRFFTPPASKGNYSRREGTRGSSWSAQNTPRGNYNESRGGQSNFNRGPLPPLRPLSS
TGYRPSPRDRASRGRGGLGPSWASANSGSGGSRGKFVSGGSGRGRHVRSFTR
;
A
2 'polypeptide(L)'
;MTNEEPLPKKVRLSETDFKVMARDELILRWKQYEAYVQALEGKYTDLNSNDVTGLRESEEKLKQQQQESARRENILVMRL
ATKEQEMQECTTQIQYLKQVQQPSVAQLRSTMVDPAINLFFLKMKGELEQTKDKLEQAQNELSAWKFTPDSQTGKKLMAK
CRMLIQENQELGRQLSQGRIAQLEAELALQKKYSEELKSSQDELNDFIIQLDEEVEGMQSTILVLQQQLKETRQQLAQYQ
QQQSQASAPSTSRTTASEPVEQSEATSKDCSRLTNGPSNGSSSRQRTSGSGFHREGNTTEDDFPSSPGNGNKSSNSSEER
TGRGGSGYVNQLSAGYESVDSPTGSENSLTHQSNDTDSSHDPQEEKAVSGKGNRTVGSRHVQNGLDSSVNVQGSVL
;
C,D
#
# COMPACT_ATOMS: atom_id res chain seq x y z
N VAL A 333 -2.59 -43.67 14.50
CA VAL A 333 -3.88 -42.99 14.60
C VAL A 333 -3.68 -41.49 14.73
N PRO A 334 -3.88 -40.76 13.64
CA PRO A 334 -3.75 -39.30 13.68
C PRO A 334 -4.92 -38.66 14.39
N PRO A 335 -4.66 -37.85 15.42
CA PRO A 335 -5.75 -37.20 16.16
C PRO A 335 -6.32 -36.00 15.43
N MET A 336 -7.63 -35.85 15.55
CA MET A 336 -8.34 -34.76 14.88
C MET A 336 -8.17 -33.42 15.59
N THR A 337 -8.03 -33.41 16.91
CA THR A 337 -7.81 -32.15 17.63
C THR A 337 -6.47 -31.58 17.23
N TYR A 338 -6.50 -30.50 16.44
CA TYR A 338 -5.30 -29.90 15.88
C TYR A 338 -4.85 -28.73 16.73
N ASP A 339 -3.70 -28.88 17.38
CA ASP A 339 -3.00 -27.77 18.00
C ASP A 339 -1.97 -27.28 16.99
N PRO A 340 -2.07 -26.04 16.49
CA PRO A 340 -1.19 -25.63 15.39
C PRO A 340 0.29 -25.71 15.70
N TYR A 341 0.68 -25.65 16.97
CA TYR A 341 2.09 -25.64 17.34
C TYR A 341 2.55 -26.93 18.00
N ASP A 342 1.77 -28.01 17.91
CA ASP A 342 2.23 -29.28 18.44
C ASP A 342 3.23 -29.99 17.53
N ARG A 343 3.38 -29.54 16.29
CA ARG A 343 4.33 -30.11 15.34
C ARG A 343 5.54 -29.20 15.24
N GLU A 344 6.73 -29.78 15.40
CA GLU A 344 7.97 -29.04 15.24
C GLU A 344 8.57 -29.34 13.87
N LEU A 345 9.63 -28.61 13.54
CA LEU A 345 10.34 -28.84 12.30
C LEU A 345 11.45 -29.87 12.48
N VAL A 346 11.78 -30.55 11.40
CA VAL A 346 12.82 -31.57 11.39
C VAL A 346 13.77 -31.25 10.24
N PRO A 347 14.98 -31.82 10.20
CA PRO A 347 15.92 -31.48 9.13
C PRO A 347 15.36 -31.78 7.74
N LEU A 348 15.82 -30.99 6.77
CA LEU A 348 15.36 -31.15 5.39
C LEU A 348 15.59 -32.58 4.90
N LEU A 349 14.56 -33.15 4.29
CA LEU A 349 14.62 -34.53 3.84
C LEU A 349 14.76 -34.66 2.33
N TYR A 350 14.07 -33.80 1.57
CA TYR A 350 14.08 -33.89 0.11
C TYR A 350 14.77 -32.69 -0.52
N PHE A 351 14.32 -31.47 -0.23
CA PHE A 351 14.93 -30.29 -0.80
C PHE A 351 16.27 -30.00 -0.14
N SER A 352 17.22 -29.53 -0.93
CA SER A 352 18.52 -29.14 -0.41
C SER A 352 18.44 -27.74 0.19
N CYS A 353 19.43 -27.42 1.01
CA CYS A 353 19.46 -26.11 1.66
C CYS A 353 19.58 -25.02 0.61
N PRO A 354 18.88 -23.90 0.76
CA PRO A 354 18.96 -22.84 -0.26
C PRO A 354 20.34 -22.21 -0.37
N TYR A 355 21.04 -22.02 0.76
CA TYR A 355 22.34 -21.36 0.72
C TYR A 355 23.46 -22.30 0.32
N LYS A 356 23.24 -23.61 0.33
CA LYS A 356 24.28 -24.55 -0.08
C LYS A 356 24.51 -24.45 -1.59
N THR A 357 25.76 -24.37 -1.99
CA THR A 357 26.11 -24.30 -3.40
C THR A 357 26.03 -25.69 -4.02
N THR A 358 26.19 -25.73 -5.35
CA THR A 358 26.03 -26.99 -6.07
C THR A 358 27.06 -28.03 -5.62
N PHE A 359 28.30 -27.62 -5.38
CA PHE A 359 29.32 -28.59 -4.99
C PHE A 359 29.03 -29.17 -3.61
N GLU A 360 28.62 -28.35 -2.66
CA GLU A 360 28.30 -28.86 -1.32
C GLU A 360 27.08 -29.78 -1.38
N ILE A 361 26.08 -29.42 -2.18
CA ILE A 361 24.92 -30.28 -2.34
C ILE A 361 25.33 -31.63 -2.92
N GLU A 362 26.17 -31.62 -3.96
CA GLU A 362 26.61 -32.85 -4.59
C GLU A 362 27.42 -33.70 -3.62
N ILE A 363 28.33 -33.10 -2.86
CA ILE A 363 29.15 -33.86 -1.93
C ILE A 363 28.32 -34.42 -0.77
N SER A 364 27.33 -33.67 -0.27
CA SER A 364 26.46 -34.22 0.76
C SER A 364 25.62 -35.37 0.23
N ARG A 365 25.10 -35.23 -1.00
CA ARG A 365 24.32 -36.29 -1.61
C ARG A 365 25.16 -37.55 -1.78
N MET A 366 26.39 -37.40 -2.24
CA MET A 366 27.25 -38.56 -2.45
C MET A 366 27.84 -39.10 -1.16
N LYS A 367 27.81 -38.31 -0.09
CA LYS A 367 28.28 -38.80 1.21
C LYS A 367 27.21 -39.59 1.93
N ASP A 368 25.96 -39.10 1.92
CA ASP A 368 24.91 -39.82 2.63
C ASP A 368 24.29 -40.93 1.79
N GLN A 369 24.05 -40.68 0.49
CA GLN A 369 23.48 -41.70 -0.38
C GLN A 369 24.49 -42.79 -0.69
N GLY A 370 25.77 -42.45 -0.81
CA GLY A 370 26.78 -43.41 -1.17
C GLY A 370 26.75 -43.76 -2.65
N PRO A 371 27.02 -45.02 -2.97
CA PRO A 371 26.97 -45.44 -4.38
C PRO A 371 25.57 -45.31 -4.96
N ASP A 372 25.50 -44.98 -6.24
CA ASP A 372 24.23 -44.78 -6.91
C ASP A 372 24.45 -44.95 -8.42
N LYS A 373 23.39 -44.73 -9.18
CA LYS A 373 23.46 -44.86 -10.64
C LYS A 373 24.44 -43.83 -11.22
N GLU A 374 24.41 -42.61 -10.71
CA GLU A 374 25.27 -41.55 -11.21
C GLU A 374 26.69 -41.61 -10.66
N ASN A 375 27.03 -42.63 -9.87
CA ASN A 375 28.42 -42.79 -9.45
C ASN A 375 29.34 -43.08 -10.63
N SER A 376 28.87 -43.92 -11.57
CA SER A 376 29.63 -44.12 -12.80
C SER A 376 29.71 -42.83 -13.60
N GLY A 377 28.59 -42.08 -13.67
CA GLY A 377 28.59 -40.81 -14.34
C GLY A 377 29.55 -39.82 -13.72
N ALA A 378 29.83 -39.98 -12.43
CA ALA A 378 30.86 -39.16 -11.79
C ALA A 378 32.25 -39.69 -12.09
N ILE A 379 32.42 -41.00 -12.21
CA ILE A 379 33.78 -41.54 -12.35
C ILE A 379 34.34 -41.21 -13.73
N GLU A 380 33.52 -41.20 -14.79
CA GLU A 380 34.18 -40.95 -16.07
C GLU A 380 34.76 -39.54 -16.13
N ALA A 381 34.20 -38.62 -15.34
CA ALA A 381 34.70 -37.25 -15.27
C ALA A 381 35.79 -37.10 -14.22
N SER A 382 35.71 -37.87 -13.12
CA SER A 382 36.76 -37.80 -12.11
C SER A 382 38.07 -38.36 -12.62
N VAL A 383 38.03 -39.44 -13.39
CA VAL A 383 39.26 -39.96 -13.99
C VAL A 383 39.83 -38.98 -15.00
N LYS A 384 38.98 -38.33 -15.80
CA LYS A 384 39.45 -37.31 -16.73
C LYS A 384 40.07 -36.13 -16.00
N LEU A 385 39.46 -35.72 -14.88
CA LEU A 385 40.00 -34.63 -14.09
C LEU A 385 41.37 -34.99 -13.51
N THR A 386 41.48 -36.16 -12.88
CA THR A 386 42.73 -36.52 -12.24
C THR A 386 43.84 -36.84 -13.24
N GLU A 387 43.48 -37.25 -14.47
CA GLU A 387 44.47 -37.36 -15.53
C GLU A 387 44.81 -36.00 -16.14
N LEU A 388 43.88 -35.06 -16.09
CA LEU A 388 44.02 -33.77 -16.75
C LEU A 388 44.91 -32.82 -15.97
N LEU A 389 44.88 -32.87 -14.63
CA LEU A 389 45.82 -32.11 -13.82
C LEU A 389 47.19 -32.74 -13.74
N ASP A 390 47.34 -34.01 -14.15
CA ASP A 390 48.63 -34.67 -14.15
C ASP A 390 49.36 -34.54 -15.48
N LEU A 391 48.64 -34.51 -16.60
CA LEU A 391 49.29 -34.39 -17.89
C LEU A 391 49.81 -32.96 -18.10
N TYR A 392 49.28 -32.00 -17.34
CA TYR A 392 49.78 -30.62 -17.33
C TYR A 392 50.21 -30.29 -15.91
N ARG A 393 51.45 -30.61 -15.58
CA ARG A 393 52.03 -30.24 -14.30
C ARG A 393 53.11 -29.16 -14.43
N GLU A 394 53.70 -29.01 -15.61
CA GLU A 394 54.70 -27.98 -15.85
C GLU A 394 54.49 -27.23 -17.16
N ASP A 395 53.44 -27.52 -17.92
CA ASP A 395 53.20 -26.90 -19.21
C ASP A 395 52.15 -25.80 -19.08
N ARG A 396 52.43 -24.64 -19.66
CA ARG A 396 51.52 -23.50 -19.62
C ARG A 396 51.23 -22.98 -21.03
N GLY A 397 51.12 -23.89 -22.00
CA GLY A 397 50.91 -23.52 -23.39
C GLY A 397 49.46 -23.48 -23.80
N ALA A 398 49.22 -23.60 -25.11
CA ALA A 398 47.87 -23.57 -25.64
C ALA A 398 47.04 -24.74 -25.12
N LYS A 399 47.64 -25.93 -25.04
CA LYS A 399 46.93 -27.10 -24.54
C LYS A 399 46.53 -26.94 -23.07
N TRP A 400 47.38 -26.28 -22.28
CA TRP A 400 47.02 -25.98 -20.90
C TRP A 400 45.81 -25.05 -20.85
N VAL A 401 45.78 -24.03 -21.71
CA VAL A 401 44.65 -23.13 -21.74
C VAL A 401 43.38 -23.85 -22.17
N THR A 402 43.50 -24.80 -23.11
CA THR A 402 42.35 -25.61 -23.50
C THR A 402 41.85 -26.46 -22.33
N ALA A 403 42.76 -27.03 -21.54
CA ALA A 403 42.35 -27.79 -20.37
C ALA A 403 41.68 -26.90 -19.34
N LEU A 404 42.13 -25.65 -19.23
CA LEU A 404 41.52 -24.71 -18.29
C LEU A 404 40.06 -24.43 -18.64
N GLU A 405 39.68 -24.55 -19.91
CA GLU A 405 38.31 -24.35 -20.33
C GLU A 405 37.45 -25.59 -20.18
N GLU A 406 38.05 -26.74 -19.89
CA GLU A 406 37.31 -27.96 -19.61
C GLU A 406 37.21 -28.27 -18.13
N ILE A 407 38.11 -27.73 -17.32
CA ILE A 407 38.03 -27.96 -15.86
C ILE A 407 36.68 -27.56 -15.28
N PRO A 408 36.09 -26.38 -15.58
CA PRO A 408 34.83 -26.00 -14.91
C PRO A 408 33.70 -27.00 -15.09
N SER A 409 33.58 -27.62 -16.26
CA SER A 409 32.52 -28.61 -16.45
C SER A 409 32.78 -29.87 -15.65
N LEU A 410 34.05 -30.15 -15.34
CA LEU A 410 34.41 -31.33 -14.56
C LEU A 410 34.46 -31.07 -13.06
N ILE A 411 34.39 -29.81 -12.63
CA ILE A 411 34.54 -29.50 -11.21
C ILE A 411 33.48 -30.25 -10.39
N ILE A 412 32.21 -29.95 -10.63
CA ILE A 412 31.13 -30.35 -9.72
C ILE A 412 31.13 -31.85 -9.48
N LYS A 413 31.50 -32.64 -10.49
CA LYS A 413 31.51 -34.09 -10.34
C LYS A 413 32.87 -34.60 -9.87
N GLY A 414 33.91 -34.35 -10.66
CA GLY A 414 35.21 -34.96 -10.38
C GLY A 414 35.80 -34.50 -9.06
N LEU A 415 35.73 -33.19 -8.77
CA LEU A 415 36.31 -32.70 -7.53
C LEU A 415 35.60 -33.27 -6.32
N SER A 416 34.27 -33.35 -6.35
CA SER A 416 33.53 -33.93 -5.24
C SER A 416 33.88 -35.41 -5.08
N TYR A 417 33.97 -36.15 -6.18
CA TYR A 417 34.29 -37.57 -6.09
C TYR A 417 35.69 -37.77 -5.50
N LEU A 418 36.65 -36.95 -5.94
CA LEU A 418 38.00 -37.05 -5.40
C LEU A 418 38.05 -36.67 -3.93
N GLN A 419 37.31 -35.63 -3.54
CA GLN A 419 37.27 -35.25 -2.13
C GLN A 419 36.68 -36.35 -1.26
N LEU A 420 35.65 -37.05 -1.75
CA LEU A 420 35.09 -38.17 -0.99
C LEU A 420 36.02 -39.37 -0.97
N LYS A 421 36.77 -39.59 -2.05
CA LYS A 421 37.70 -40.73 -2.07
C LYS A 421 39.03 -40.41 -1.40
N ASN A 422 39.19 -39.25 -0.77
CA ASN A 422 40.40 -38.90 -0.02
C ASN A 422 41.64 -38.96 -0.92
N THR A 423 41.67 -38.07 -1.90
CA THR A 423 42.82 -37.98 -2.79
C THR A 423 44.05 -37.57 -2.01
N LYS A 424 45.19 -38.13 -2.38
CA LYS A 424 46.46 -37.91 -1.69
C LYS A 424 47.38 -36.95 -2.41
N GLN A 425 46.93 -36.34 -3.51
CA GLN A 425 47.74 -35.37 -4.22
C GLN A 425 47.14 -33.96 -4.17
N ASP A 426 46.11 -33.75 -3.35
CA ASP A 426 45.50 -32.43 -3.14
C ASP A 426 45.03 -31.83 -4.46
N SER A 427 44.03 -32.49 -5.04
CA SER A 427 43.46 -32.04 -6.30
C SER A 427 42.95 -30.61 -6.21
N LEU A 428 42.36 -30.25 -5.07
CA LEU A 428 41.93 -28.87 -4.87
C LEU A 428 43.12 -27.91 -4.86
N GLY A 429 44.22 -28.33 -4.23
CA GLY A 429 45.41 -27.49 -4.23
C GLY A 429 45.98 -27.29 -5.62
N GLN A 430 46.01 -28.35 -6.43
CA GLN A 430 46.49 -28.23 -7.79
C GLN A 430 45.55 -27.36 -8.62
N LEU A 431 44.25 -27.48 -8.41
CA LEU A 431 43.30 -26.63 -9.12
C LEU A 431 43.47 -25.16 -8.74
N VAL A 432 43.71 -24.89 -7.46
CA VAL A 432 43.95 -23.50 -7.04
C VAL A 432 45.25 -22.98 -7.63
N ASP A 433 46.29 -23.81 -7.69
CA ASP A 433 47.53 -23.41 -8.32
C ASP A 433 47.33 -23.09 -9.80
N TRP A 434 46.56 -23.93 -10.51
CA TRP A 434 46.21 -23.65 -11.89
C TRP A 434 45.45 -22.34 -12.01
N THR A 435 44.49 -22.11 -11.11
CA THR A 435 43.69 -20.90 -11.15
C THR A 435 44.55 -19.66 -10.99
N MET A 436 45.47 -19.68 -10.02
CA MET A 436 46.33 -18.52 -9.81
C MET A 436 47.36 -18.35 -10.92
N GLN A 437 47.88 -19.44 -11.49
CA GLN A 437 48.76 -19.32 -12.63
C GLN A 437 48.05 -18.71 -13.83
N ALA A 438 46.81 -19.14 -14.09
CA ALA A 438 46.05 -18.61 -15.21
C ALA A 438 45.72 -17.14 -15.02
N LEU A 439 45.42 -16.74 -13.79
CA LEU A 439 44.89 -15.41 -13.53
C LEU A 439 45.98 -14.34 -13.54
N ASN A 440 47.25 -14.71 -13.48
CA ASN A 440 48.34 -13.74 -13.51
C ASN A 440 48.52 -13.17 -14.91
N LEU A 441 48.98 -11.92 -14.96
CA LEU A 441 49.25 -11.23 -16.22
C LEU A 441 50.60 -11.61 -16.82
N GLN A 442 51.53 -12.13 -16.01
CA GLN A 442 52.85 -12.50 -16.50
C GLN A 442 52.89 -13.89 -17.11
N VAL A 443 51.82 -14.68 -16.98
CA VAL A 443 51.74 -15.98 -17.62
C VAL A 443 50.99 -15.83 -18.93
N ALA A 444 50.06 -14.86 -18.97
CA ALA A 444 49.37 -14.56 -20.22
C ALA A 444 50.31 -13.96 -21.24
N LEU A 445 51.37 -13.28 -20.79
CA LEU A 445 52.34 -12.68 -21.67
C LEU A 445 53.36 -13.67 -22.23
N ARG A 446 53.09 -14.98 -22.12
CA ARG A 446 53.95 -16.01 -22.69
C ARG A 446 53.16 -16.97 -23.59
N GLN A 447 52.02 -16.53 -24.11
CA GLN A 447 51.08 -17.37 -24.83
C GLN A 447 51.00 -16.97 -26.31
N PRO A 448 50.38 -17.82 -27.14
CA PRO A 448 50.18 -17.45 -28.55
C PRO A 448 49.29 -16.25 -28.75
N ILE A 449 49.01 -15.93 -30.02
CA ILE A 449 48.48 -14.62 -30.39
C ILE A 449 47.12 -14.38 -29.76
N ALA A 450 46.22 -15.35 -29.83
CA ALA A 450 44.81 -15.11 -29.52
C ALA A 450 44.25 -15.99 -28.41
N LEU A 451 45.08 -16.51 -27.51
CA LEU A 451 44.58 -17.38 -26.45
C LEU A 451 45.13 -16.97 -25.08
N ASN A 452 45.70 -15.78 -24.97
CA ASN A 452 46.10 -15.23 -23.68
C ASN A 452 44.93 -14.58 -22.94
N VAL A 453 44.13 -13.77 -23.63
CA VAL A 453 42.88 -13.32 -23.04
C VAL A 453 41.96 -14.50 -22.79
N ARG A 454 42.04 -15.52 -23.65
CA ARG A 454 41.30 -16.75 -23.40
C ARG A 454 41.79 -17.42 -22.12
N GLN A 455 43.09 -17.41 -21.88
CA GLN A 455 43.63 -17.94 -20.64
C GLN A 455 43.10 -17.15 -19.44
N LEU A 456 43.07 -15.82 -19.55
CA LEU A 456 42.60 -15.01 -18.44
C LEU A 456 41.13 -15.26 -18.14
N LYS A 457 40.30 -15.39 -19.17
CA LYS A 457 38.88 -15.67 -18.90
C LYS A 457 38.67 -17.10 -18.42
N ALA A 458 39.48 -18.06 -18.87
CA ALA A 458 39.42 -19.39 -18.29
C ALA A 458 39.80 -19.37 -16.83
N GLY A 459 40.81 -18.57 -16.47
CA GLY A 459 41.20 -18.46 -15.07
C GLY A 459 40.13 -17.82 -14.21
N THR A 460 39.46 -16.78 -14.72
CA THR A 460 38.40 -16.16 -13.93
C THR A 460 37.18 -17.08 -13.83
N LYS A 461 36.92 -17.89 -14.87
CA LYS A 461 35.87 -18.90 -14.74
C LYS A 461 36.24 -19.96 -13.72
N LEU A 462 37.53 -20.33 -13.64
CA LEU A 462 37.96 -21.25 -12.60
C LEU A 462 37.80 -20.63 -11.22
N VAL A 463 38.06 -19.33 -11.09
CA VAL A 463 37.84 -18.64 -9.82
C VAL A 463 36.37 -18.75 -9.43
N SER A 464 35.47 -18.52 -10.39
CA SER A 464 34.04 -18.59 -10.09
C SER A 464 33.57 -20.02 -9.82
N SER A 465 34.23 -21.03 -10.40
CA SER A 465 33.83 -22.42 -10.19
C SER A 465 34.48 -23.06 -8.98
N LEU A 466 35.56 -22.48 -8.45
CA LEU A 466 36.18 -22.95 -7.22
C LEU A 466 35.72 -22.18 -6.00
N ALA A 467 35.15 -20.99 -6.18
CA ALA A 467 34.50 -20.28 -5.08
C ALA A 467 33.13 -20.83 -4.77
N GLU A 468 32.45 -21.43 -5.76
CA GLU A 468 31.22 -22.17 -5.51
C GLU A 468 31.53 -23.64 -5.24
N CYS A 469 32.45 -23.86 -4.31
CA CYS A 469 32.96 -25.20 -4.02
C CYS A 469 33.09 -25.44 -2.52
N GLY A 470 32.56 -24.54 -1.69
CA GLY A 470 32.60 -24.72 -0.26
C GLY A 470 33.72 -23.94 0.42
N ALA A 471 33.69 -24.02 1.75
CA ALA A 471 34.68 -23.31 2.55
C ALA A 471 36.09 -23.79 2.24
N GLN A 472 36.25 -25.09 1.99
CA GLN A 472 37.57 -25.63 1.66
C GLN A 472 38.13 -24.97 0.41
N GLY A 473 37.34 -24.93 -0.67
CA GLY A 473 37.81 -24.31 -1.90
C GLY A 473 38.04 -22.82 -1.76
N VAL A 474 37.14 -22.12 -1.06
CA VAL A 474 37.29 -20.68 -0.93
C VAL A 474 38.52 -20.34 -0.10
N THR A 475 38.77 -21.07 1.00
CA THR A 475 39.98 -20.84 1.78
C THR A 475 41.23 -21.21 1.01
N GLY A 476 41.17 -22.28 0.20
CA GLY A 476 42.31 -22.60 -0.65
C GLY A 476 42.63 -21.50 -1.64
N LEU A 477 41.59 -20.87 -2.21
CA LEU A 477 41.81 -19.76 -3.12
C LEU A 477 42.38 -18.55 -2.38
N LEU A 478 41.77 -18.20 -1.25
CA LEU A 478 42.17 -16.99 -0.52
C LEU A 478 43.59 -17.10 0.01
N GLN A 479 43.98 -18.28 0.50
CA GLN A 479 45.33 -18.46 1.00
C GLN A 479 46.37 -18.28 -0.11
N ALA A 480 45.96 -18.46 -1.37
CA ALA A 480 46.80 -18.14 -2.51
C ALA A 480 46.63 -16.68 -2.95
N GLY A 481 45.73 -15.94 -2.32
CA GLY A 481 45.53 -14.54 -2.63
C GLY A 481 44.81 -14.31 -3.94
N VAL A 482 43.57 -14.78 -4.03
CA VAL A 482 42.79 -14.59 -5.25
C VAL A 482 42.25 -13.17 -5.37
N ILE A 483 41.97 -12.51 -4.24
CA ILE A 483 41.54 -11.11 -4.28
C ILE A 483 42.65 -10.24 -4.86
N SER A 484 43.87 -10.42 -4.36
CA SER A 484 45.03 -9.70 -4.88
C SER A 484 45.43 -10.17 -6.26
N GLY A 485 44.88 -11.29 -6.74
CA GLY A 485 45.13 -11.74 -8.10
C GLY A 485 44.05 -11.29 -9.05
N LEU A 486 42.81 -11.23 -8.56
CA LEU A 486 41.73 -10.69 -9.36
C LEU A 486 41.88 -9.20 -9.55
N PHE A 487 42.31 -8.48 -8.52
CA PHE A 487 42.51 -7.04 -8.63
C PHE A 487 43.78 -6.68 -9.39
N GLU A 488 44.46 -7.65 -9.99
CA GLU A 488 45.48 -7.38 -10.99
C GLU A 488 44.90 -7.32 -12.39
N LEU A 489 43.79 -8.03 -12.65
CA LEU A 489 43.06 -7.82 -13.89
C LEU A 489 42.37 -6.47 -13.90
N LEU A 490 41.74 -6.11 -12.79
CA LEU A 490 40.98 -4.86 -12.72
C LEU A 490 41.88 -3.64 -12.84
N PHE A 491 43.04 -3.66 -12.18
CA PHE A 491 43.95 -2.52 -12.20
C PHE A 491 44.94 -2.57 -13.35
N ALA A 492 44.93 -3.63 -14.16
CA ALA A 492 45.83 -3.71 -15.30
C ALA A 492 45.52 -2.60 -16.30
N ASP A 493 46.58 -1.94 -16.78
CA ASP A 493 46.41 -0.88 -17.75
C ASP A 493 46.12 -1.47 -19.13
N HIS A 494 45.17 -0.85 -19.82
CA HIS A 494 44.82 -1.21 -21.19
C HIS A 494 44.34 -2.66 -21.27
N VAL A 495 43.29 -2.96 -20.52
CA VAL A 495 42.67 -4.28 -20.50
C VAL A 495 41.22 -4.14 -20.94
N SER A 496 40.65 -5.24 -21.44
CA SER A 496 39.30 -5.21 -21.99
C SER A 496 38.28 -4.92 -20.91
N SER A 497 37.04 -4.68 -21.34
CA SER A 497 35.91 -4.54 -20.45
C SER A 497 35.16 -5.85 -20.23
N SER A 498 35.09 -6.70 -21.26
CA SER A 498 34.49 -8.02 -21.10
C SER A 498 35.36 -8.97 -20.29
N LEU A 499 36.60 -8.60 -20.02
CA LEU A 499 37.48 -9.34 -19.12
C LEU A 499 37.44 -8.83 -17.70
N LYS A 500 37.43 -7.50 -17.51
CA LYS A 500 37.20 -6.96 -16.18
C LYS A 500 35.81 -7.32 -15.66
N LEU A 501 34.84 -7.47 -16.56
CA LEU A 501 33.51 -7.86 -16.13
C LEU A 501 33.46 -9.33 -15.70
N ASN A 502 34.20 -10.19 -16.41
CA ASN A 502 34.34 -11.58 -15.97
C ASN A 502 35.07 -11.66 -14.64
N ALA A 503 36.09 -10.81 -14.45
CA ALA A 503 36.79 -10.78 -13.17
C ALA A 503 35.88 -10.28 -12.05
N PHE A 504 34.97 -9.35 -12.35
CA PHE A 504 33.95 -8.97 -11.37
C PHE A 504 33.04 -10.15 -11.06
N LYS A 505 32.65 -10.92 -12.07
CA LYS A 505 31.84 -12.11 -11.83
C LYS A 505 32.54 -13.12 -10.95
N ALA A 506 33.86 -13.27 -11.10
CA ALA A 506 34.62 -14.16 -10.23
C ALA A 506 34.80 -13.61 -8.82
N LEU A 507 35.01 -12.29 -8.69
CA LEU A 507 35.10 -11.69 -7.38
C LEU A 507 33.79 -11.80 -6.61
N ASP A 508 32.66 -11.66 -7.32
CA ASP A 508 31.37 -11.86 -6.68
C ASP A 508 31.19 -13.31 -6.23
N SER A 509 31.67 -14.27 -7.03
CA SER A 509 31.61 -15.66 -6.60
C SER A 509 32.48 -15.90 -5.38
N VAL A 510 33.66 -15.27 -5.32
CA VAL A 510 34.53 -15.44 -4.16
C VAL A 510 33.90 -14.84 -2.91
N ILE A 511 33.36 -13.62 -3.01
CA ILE A 511 32.78 -12.96 -1.85
C ILE A 511 31.39 -13.47 -1.52
N SER A 512 30.80 -14.31 -2.38
CA SER A 512 29.52 -14.92 -2.06
C SER A 512 29.63 -15.81 -0.83
N MET A 513 30.68 -16.61 -0.76
CA MET A 513 30.93 -17.40 0.45
C MET A 513 31.38 -16.49 1.58
N THR A 514 30.98 -16.84 2.80
CA THR A 514 31.24 -15.95 3.93
C THR A 514 32.73 -15.81 4.25
N GLU A 515 33.51 -16.87 4.03
CA GLU A 515 34.95 -16.77 4.26
C GLU A 515 35.58 -15.79 3.28
N GLY A 516 35.21 -15.89 2.00
CA GLY A 516 35.68 -14.92 1.03
C GLY A 516 35.22 -13.51 1.34
N MET A 517 33.99 -13.38 1.84
CA MET A 517 33.48 -12.06 2.19
C MET A 517 34.27 -11.43 3.33
N GLU A 518 34.60 -12.22 4.36
CA GLU A 518 35.44 -11.73 5.45
C GLU A 518 36.83 -11.37 4.96
N ALA A 519 37.44 -12.21 4.12
CA ALA A 519 38.76 -11.88 3.58
C ALA A 519 38.72 -10.69 2.64
N PHE A 520 37.55 -10.37 2.08
CA PHE A 520 37.41 -9.21 1.20
C PHE A 520 37.27 -7.93 2.00
N LEU A 521 36.34 -7.90 2.95
CA LEU A 521 36.14 -6.69 3.75
C LEU A 521 37.36 -6.40 4.61
N ARG A 522 37.85 -7.39 5.34
CA ARG A 522 38.96 -7.22 6.27
C ARG A 522 40.16 -7.98 5.71
N GLY A 523 40.94 -7.29 4.88
CA GLY A 523 42.01 -7.93 4.15
C GLY A 523 43.21 -8.22 5.02
N ARG A 524 44.27 -8.67 4.36
CA ARG A 524 45.50 -9.03 5.04
C ARG A 524 46.18 -7.79 5.61
N GLN A 525 47.06 -8.02 6.59
CA GLN A 525 47.83 -6.94 7.19
C GLN A 525 48.93 -6.49 6.24
N ASN A 526 49.30 -5.22 6.35
CA ASN A 526 50.30 -4.59 5.47
C ASN A 526 49.87 -4.66 4.01
N GLU A 527 48.55 -4.70 3.78
CA GLU A 527 48.00 -4.72 2.43
C GLU A 527 46.61 -4.11 2.47
N LYS A 528 46.23 -3.49 1.36
CA LYS A 528 44.91 -2.90 1.24
C LYS A 528 43.86 -4.01 1.15
N SER A 529 42.75 -3.82 1.86
CA SER A 529 41.67 -4.79 1.80
C SER A 529 41.00 -4.77 0.43
N GLY A 530 40.25 -5.82 0.13
CA GLY A 530 39.55 -5.87 -1.14
C GLY A 530 38.55 -4.75 -1.30
N TYR A 531 37.92 -4.32 -0.20
CA TYR A 531 36.95 -3.23 -0.26
C TYR A 531 37.62 -1.92 -0.65
N GLN A 532 38.77 -1.61 -0.04
CA GLN A 532 39.48 -0.38 -0.38
C GLN A 532 39.97 -0.41 -1.82
N LYS A 533 40.50 -1.55 -2.27
CA LYS A 533 40.92 -1.68 -3.66
C LYS A 533 39.76 -1.49 -4.61
N LEU A 534 38.60 -2.07 -4.28
CA LEU A 534 37.42 -1.93 -5.13
C LEU A 534 36.95 -0.49 -5.19
N LEU A 535 36.96 0.22 -4.05
CA LEU A 535 36.57 1.63 -4.06
C LEU A 535 37.53 2.46 -4.91
N GLU A 536 38.83 2.22 -4.75
CA GLU A 536 39.82 2.93 -5.56
C GLU A 536 39.63 2.63 -7.04
N LEU A 537 39.28 1.39 -7.37
CA LEU A 537 39.01 1.01 -8.75
C LEU A 537 37.78 1.71 -9.30
N ILE A 538 36.71 1.80 -8.49
CA ILE A 538 35.49 2.46 -8.93
C ILE A 538 35.72 3.95 -9.14
N LEU A 539 36.61 4.55 -8.35
CA LEU A 539 36.88 5.98 -8.50
C LEU A 539 37.50 6.34 -9.83
N LEU A 540 37.99 5.36 -10.59
CA LEU A 540 38.54 5.61 -11.91
C LEU A 540 37.42 5.80 -12.93
N ASP A 541 37.79 5.94 -14.20
CA ASP A 541 36.84 6.08 -15.30
C ASP A 541 36.79 4.78 -16.08
N GLN A 542 35.61 4.16 -16.12
CA GLN A 542 35.45 2.84 -16.71
C GLN A 542 34.07 2.71 -17.32
N THR A 543 33.90 1.64 -18.10
CA THR A 543 32.68 1.40 -18.85
C THR A 543 31.48 1.29 -17.91
N VAL A 544 30.29 1.59 -18.43
CA VAL A 544 29.09 1.65 -17.61
C VAL A 544 28.75 0.27 -17.03
N ARG A 545 28.95 -0.79 -17.81
CA ARG A 545 28.66 -2.12 -17.26
C ARG A 545 29.71 -2.54 -16.23
N VAL A 546 30.97 -2.12 -16.40
CA VAL A 546 31.99 -2.44 -15.40
C VAL A 546 31.69 -1.73 -14.09
N VAL A 547 31.35 -0.45 -14.14
CA VAL A 547 30.99 0.26 -12.91
C VAL A 547 29.67 -0.25 -12.35
N THR A 548 28.78 -0.76 -13.19
CA THR A 548 27.56 -1.39 -12.69
C THR A 548 27.89 -2.66 -11.91
N ALA A 549 28.82 -3.47 -12.41
CA ALA A 549 29.25 -4.64 -11.66
C ALA A 549 29.93 -4.26 -10.36
N GLY A 550 30.75 -3.21 -10.39
CA GLY A 550 31.37 -2.73 -9.16
C GLY A 550 30.34 -2.27 -8.15
N SER A 551 29.32 -1.54 -8.60
CA SER A 551 28.25 -1.12 -7.71
C SER A 551 27.44 -2.32 -7.21
N ALA A 552 27.27 -3.35 -8.03
CA ALA A 552 26.60 -4.56 -7.59
C ALA A 552 27.37 -5.30 -6.51
N ILE A 553 28.69 -5.35 -6.60
CA ILE A 553 29.50 -5.92 -5.53
C ILE A 553 29.46 -5.05 -4.27
N LEU A 554 29.49 -3.72 -4.45
CA LEU A 554 29.41 -2.82 -3.30
C LEU A 554 28.07 -2.93 -2.60
N GLN A 555 26.99 -3.14 -3.34
CA GLN A 555 25.67 -3.28 -2.72
C GLN A 555 25.51 -4.56 -1.92
N LYS A 556 26.23 -5.62 -2.29
CA LYS A 556 26.29 -6.83 -1.49
C LYS A 556 27.21 -6.70 -0.30
N CYS A 557 28.32 -5.97 -0.45
CA CYS A 557 29.16 -5.65 0.69
C CYS A 557 28.41 -4.80 1.71
N HIS A 558 27.58 -3.86 1.25
CA HIS A 558 26.76 -3.08 2.16
C HIS A 558 25.78 -3.96 2.92
N PHE A 559 25.18 -4.94 2.23
CA PHE A 559 24.27 -5.86 2.91
C PHE A 559 24.99 -6.67 3.97
N TYR A 560 26.19 -7.18 3.64
CA TYR A 560 26.94 -7.95 4.63
C TYR A 560 27.35 -7.08 5.82
N GLU A 561 27.75 -5.83 5.55
CA GLU A 561 28.12 -4.93 6.64
C GLU A 561 26.91 -4.60 7.51
N VAL A 562 25.74 -4.42 6.90
CA VAL A 562 24.52 -4.19 7.68
C VAL A 562 24.20 -5.39 8.53
N LEU A 563 24.37 -6.60 7.99
CA LEU A 563 24.13 -7.81 8.78
C LEU A 563 25.11 -7.89 9.95
N SER A 564 26.38 -7.57 9.72
CA SER A 564 27.35 -7.63 10.81
C SER A 564 27.06 -6.57 11.88
N GLU A 565 26.64 -5.37 11.46
CA GLU A 565 26.26 -4.34 12.44
C GLU A 565 25.04 -4.77 13.23
N ILE A 566 24.07 -5.42 12.57
CA ILE A 566 22.91 -5.96 13.28
C ILE A 566 23.36 -7.02 14.29
N LYS A 567 24.32 -7.86 13.91
CA LYS A 567 24.83 -8.87 14.83
C LYS A 567 25.49 -8.21 16.04
N ARG A 568 26.27 -7.16 15.82
CA ARG A 568 26.91 -6.47 16.93
C ARG A 568 25.88 -5.82 17.85
N LEU A 569 24.86 -5.17 17.28
CA LEU A 569 23.82 -4.56 18.09
C LEU A 569 23.05 -5.60 18.89
N GLY A 570 22.74 -6.73 18.25
CA GLY A 570 22.05 -7.80 18.96
C GLY A 570 22.88 -8.37 20.09
N ASP A 571 24.20 -8.51 19.86
CA ASP A 571 25.08 -8.97 20.92
C ASP A 571 25.12 -7.99 22.08
N HIS A 572 25.19 -6.69 21.78
CA HIS A 572 25.17 -5.69 22.84
C HIS A 572 23.87 -5.76 23.64
N LEU A 573 22.74 -5.88 22.95
CA LEU A 573 21.46 -5.91 23.64
C LEU A 573 21.25 -7.21 24.43
N ALA A 574 21.83 -8.31 23.95
CA ALA A 574 21.69 -9.60 24.63
C ALA A 574 22.75 -9.82 25.70
N GLU A 575 23.78 -8.97 25.78
CA GLU A 575 24.74 -9.04 26.86
C GLU A 575 24.55 -7.99 27.93
N LYS A 576 24.04 -6.81 27.59
CA LYS A 576 23.81 -5.78 28.60
C LYS A 576 22.64 -6.15 29.51
N THR A 577 21.51 -6.51 28.91
CA THR A 577 20.31 -6.81 29.70
C THR A 577 20.37 -8.17 30.38
N SER A 578 21.13 -9.12 29.83
CA SER A 578 21.21 -10.45 30.43
C SER A 578 21.89 -10.44 31.79
N SER A 579 22.71 -9.44 32.08
CA SER A 579 23.39 -9.34 33.36
C SER A 579 22.55 -8.58 34.37
N ILE A 619 20.30 -1.94 25.88
CA ILE A 619 19.43 -1.28 26.84
C ILE A 619 19.11 0.13 26.38
N SER A 620 20.07 0.76 25.71
CA SER A 620 19.88 2.12 25.22
C SER A 620 18.82 2.16 24.13
N GLU A 621 18.12 3.29 24.05
CA GLU A 621 17.11 3.49 23.01
C GLU A 621 17.72 3.75 21.64
N GLY A 622 18.89 4.39 21.60
CA GLY A 622 19.55 4.60 20.31
C GLY A 622 19.94 3.29 19.63
N GLU A 623 20.42 2.34 20.42
CA GLU A 623 20.78 1.02 19.90
C GLU A 623 19.57 0.16 19.56
N ILE A 624 18.36 0.68 19.72
CA ILE A 624 17.15 -0.03 19.35
C ILE A 624 16.52 0.66 18.15
N GLU A 625 16.55 1.99 18.13
CA GLU A 625 16.11 2.71 16.94
C GLU A 625 17.04 2.43 15.76
N ARG A 626 18.35 2.42 16.00
CA ARG A 626 19.29 2.07 14.94
C ARG A 626 19.07 0.62 14.49
N LEU A 627 18.74 -0.28 15.43
CA LEU A 627 18.50 -1.66 15.05
C LEU A 627 17.24 -1.79 14.20
N ILE A 628 16.19 -1.03 14.53
CA ILE A 628 14.99 -1.02 13.70
C ILE A 628 15.33 -0.50 12.30
N ASN A 629 16.12 0.58 12.24
CA ASN A 629 16.52 1.11 10.94
C ASN A 629 17.34 0.09 10.15
N LEU A 630 18.22 -0.65 10.82
CA LEU A 630 19.01 -1.65 10.12
C LEU A 630 18.18 -2.84 9.65
N LEU A 631 17.18 -3.25 10.43
CA LEU A 631 16.27 -4.29 9.97
C LEU A 631 15.46 -3.83 8.77
N GLU A 632 15.00 -2.58 8.79
CA GLU A 632 14.32 -2.03 7.62
C GLU A 632 15.25 -1.96 6.42
N GLU A 633 16.52 -1.62 6.64
CA GLU A 633 17.49 -1.62 5.55
C GLU A 633 17.72 -3.02 5.01
N VAL A 634 17.76 -4.04 5.88
CA VAL A 634 17.89 -5.42 5.40
C VAL A 634 16.69 -5.78 4.54
N PHE A 635 15.48 -5.43 4.98
CA PHE A 635 14.30 -5.73 4.18
C PHE A 635 14.34 -5.03 2.83
N HIS A 636 14.72 -3.75 2.82
CA HIS A 636 14.76 -3.00 1.56
C HIS A 636 15.92 -3.41 0.68
N LEU A 637 16.95 -4.03 1.24
CA LEU A 637 18.04 -4.59 0.45
C LEU A 637 17.70 -5.95 -0.13
N MET A 638 16.89 -6.74 0.57
CA MET A 638 16.40 -7.99 0.00
C MET A 638 15.31 -7.77 -1.03
N GLU A 639 14.52 -6.71 -0.91
CA GLU A 639 13.61 -6.36 -1.99
C GLU A 639 14.36 -6.06 -3.28
N THR A 640 15.39 -5.22 -3.21
CA THR A 640 16.18 -4.82 -4.36
C THR A 640 17.43 -5.65 -4.54
N ALA A 641 17.41 -6.91 -4.10
CA ALA A 641 18.56 -7.78 -4.23
C ALA A 641 18.71 -8.32 -5.65
N PRO A 642 17.66 -8.84 -6.30
CA PRO A 642 17.84 -9.34 -7.67
C PRO A 642 18.06 -8.26 -8.71
N HIS A 643 18.21 -7.00 -8.30
CA HIS A 643 18.46 -5.90 -9.23
C HIS A 643 19.75 -5.15 -8.95
N THR A 644 20.21 -5.12 -7.71
CA THR A 644 21.41 -4.38 -7.35
C THR A 644 22.50 -5.24 -6.74
N MET A 645 22.26 -6.52 -6.49
CA MET A 645 23.26 -7.40 -5.90
C MET A 645 23.69 -8.54 -6.82
N ILE A 646 23.25 -8.55 -8.07
CA ILE A 646 23.60 -9.64 -8.99
C ILE A 646 24.57 -9.10 -10.03
N GLN A 647 25.37 -10.00 -10.58
CA GLN A 647 26.25 -9.67 -11.68
C GLN A 647 25.51 -9.91 -13.00
N GLN A 648 25.20 -8.83 -13.70
CA GLN A 648 24.51 -8.94 -14.97
C GLN A 648 25.44 -9.58 -16.01
N PRO A 649 24.87 -10.24 -17.01
CA PRO A 649 25.71 -10.90 -18.02
C PRO A 649 26.64 -9.93 -18.72
N VAL A 650 27.64 -10.50 -19.41
CA VAL A 650 28.64 -9.68 -20.07
C VAL A 650 28.04 -8.82 -21.18
N LYS A 651 27.04 -9.33 -21.90
CA LYS A 651 26.44 -8.62 -23.02
C LYS A 651 25.24 -7.77 -22.60
N SER A 652 24.93 -7.72 -21.30
CA SER A 652 23.77 -7.00 -20.80
C SER A 652 24.22 -5.67 -20.22
N PHE A 653 23.67 -4.56 -20.76
CA PHE A 653 23.94 -3.19 -20.38
C PHE A 653 22.86 -2.67 -19.42
N PRO A 654 23.21 -1.72 -18.55
CA PRO A 654 22.24 -1.16 -17.60
C PRO A 654 21.41 -0.02 -18.18
N THR A 655 20.74 -0.28 -19.30
CA THR A 655 19.84 0.70 -19.87
C THR A 655 18.61 0.87 -18.99
N MET A 656 17.83 1.92 -19.28
CA MET A 656 16.64 2.18 -18.49
C MET A 656 15.59 1.08 -18.61
N ALA A 657 15.41 0.52 -19.81
CA ALA A 657 14.53 -0.62 -20.02
C ALA A 657 15.32 -1.74 -20.66
N ARG A 658 15.12 -2.96 -20.16
CA ARG A 658 15.90 -4.10 -20.64
C ARG A 658 15.61 -4.39 -22.11
N ILE A 659 16.60 -4.13 -22.97
CA ILE A 659 16.46 -4.39 -24.39
C ILE A 659 17.54 -5.31 -24.94
N THR A 660 18.70 -5.42 -24.29
CA THR A 660 19.83 -6.19 -24.79
C THR A 660 20.29 -7.18 -23.74
N GLY A 661 21.04 -8.18 -24.21
CA GLY A 661 21.62 -9.16 -23.33
C GLY A 661 20.70 -10.35 -23.08
N PRO A 662 21.27 -11.42 -22.50
CA PRO A 662 20.45 -12.59 -22.22
C PRO A 662 19.39 -12.26 -21.19
N PRO A 663 18.24 -12.95 -21.24
CA PRO A 663 17.16 -12.68 -20.29
C PRO A 663 17.30 -13.41 -18.96
N GLU A 664 18.32 -14.24 -18.78
CA GLU A 664 18.52 -15.00 -17.56
C GLU A 664 19.44 -14.25 -16.62
N ARG A 665 19.02 -14.12 -15.36
CA ARG A 665 19.82 -13.44 -14.33
C ARG A 665 19.80 -14.31 -13.09
N ASP A 666 20.98 -14.64 -12.57
CA ASP A 666 21.08 -15.48 -11.39
C ASP A 666 20.50 -14.77 -10.17
N ASP A 667 19.75 -15.52 -9.37
CA ASP A 667 19.15 -14.91 -8.18
C ASP A 667 20.20 -14.78 -7.07
N PRO A 668 20.15 -13.69 -6.31
CA PRO A 668 21.12 -13.49 -5.21
C PRO A 668 20.67 -14.05 -3.87
N TYR A 669 19.54 -14.73 -3.80
CA TYR A 669 19.03 -15.25 -2.55
C TYR A 669 19.83 -16.44 -2.02
N PRO A 670 20.35 -17.33 -2.88
CA PRO A 670 21.24 -18.38 -2.35
C PRO A 670 22.48 -17.87 -1.66
N VAL A 671 22.90 -16.62 -1.88
CA VAL A 671 24.02 -16.04 -1.15
C VAL A 671 23.56 -15.10 -0.05
N LEU A 672 22.43 -14.42 -0.21
CA LEU A 672 21.88 -13.65 0.90
C LEU A 672 21.52 -14.56 2.07
N PHE A 673 21.02 -15.76 1.79
CA PHE A 673 20.72 -16.69 2.87
C PHE A 673 21.99 -17.26 3.49
N ARG A 674 23.06 -17.39 2.72
CA ARG A 674 24.33 -17.75 3.32
C ARG A 674 24.84 -16.65 4.25
N TYR A 675 24.69 -15.40 3.86
CA TYR A 675 25.05 -14.29 4.75
C TYR A 675 24.18 -14.29 6.00
N LEU A 676 22.88 -14.54 5.85
CA LEU A 676 21.97 -14.60 6.99
C LEU A 676 22.32 -15.74 7.94
N HIS A 677 22.67 -16.91 7.41
CA HIS A 677 23.00 -18.07 8.23
C HIS A 677 24.37 -17.96 8.88
N SER A 678 25.37 -17.42 8.18
CA SER A 678 26.68 -17.24 8.80
C SER A 678 26.66 -16.24 9.94
N HIS A 679 25.71 -15.30 9.93
CA HIS A 679 25.54 -14.35 11.02
C HIS A 679 24.46 -14.77 12.00
N HIS A 680 23.83 -15.93 11.79
CA HIS A 680 22.76 -16.42 12.64
C HIS A 680 21.65 -15.38 12.80
N PHE A 681 21.05 -15.02 11.67
CA PHE A 681 20.00 -14.01 11.70
C PHE A 681 18.75 -14.52 12.39
N LEU A 682 18.39 -15.79 12.18
CA LEU A 682 17.24 -16.34 12.87
C LEU A 682 17.43 -16.38 14.38
N GLU A 683 18.61 -16.80 14.84
CA GLU A 683 18.88 -16.78 16.28
C GLU A 683 18.90 -15.36 16.81
N LEU A 684 19.39 -14.41 16.01
CA LEU A 684 19.39 -13.02 16.43
C LEU A 684 17.98 -12.47 16.60
N VAL A 685 17.10 -12.72 15.63
CA VAL A 685 15.74 -12.23 15.77
C VAL A 685 15.00 -12.99 16.86
N THR A 686 15.38 -14.25 17.12
CA THR A 686 14.84 -14.94 18.28
C THR A 686 15.25 -14.24 19.58
N LEU A 687 16.51 -13.84 19.68
CA LEU A 687 16.96 -13.11 20.86
C LEU A 687 16.23 -11.78 21.00
N LEU A 688 16.10 -11.04 19.90
CA LEU A 688 15.42 -9.75 19.95
C LEU A 688 13.97 -9.90 20.34
N LEU A 689 13.30 -10.92 19.83
CA LEU A 689 11.91 -11.16 20.18
C LEU A 689 11.76 -11.85 21.52
N SER A 690 12.82 -11.90 22.34
CA SER A 690 12.75 -12.47 23.67
C SER A 690 13.47 -11.62 24.72
N ILE A 691 14.03 -10.48 24.35
CA ILE A 691 14.67 -9.57 25.29
C ILE A 691 13.60 -8.61 25.82
N PRO A 692 13.48 -8.44 27.14
CA PRO A 692 12.36 -7.64 27.67
C PRO A 692 12.33 -6.21 27.16
N VAL A 693 13.47 -5.55 27.05
CA VAL A 693 13.47 -4.16 26.59
C VAL A 693 13.15 -4.08 25.09
N THR A 694 13.67 -5.01 24.31
CA THR A 694 13.44 -5.03 22.87
C THR A 694 12.05 -5.54 22.51
N SER A 695 11.51 -6.46 23.30
CA SER A 695 10.15 -6.96 23.08
C SER A 695 9.09 -5.88 23.22
N ALA A 696 9.34 -4.88 24.07
CA ALA A 696 8.32 -3.86 24.32
C ALA A 696 8.14 -2.92 23.14
N HIS A 697 9.18 -2.73 22.33
CA HIS A 697 9.08 -1.83 21.20
C HIS A 697 8.12 -2.39 20.15
N PRO A 698 7.18 -1.59 19.65
CA PRO A 698 6.32 -2.06 18.56
C PRO A 698 6.93 -1.92 17.18
N GLY A 699 8.09 -1.28 17.06
CA GLY A 699 8.75 -1.14 15.78
C GLY A 699 9.74 -2.26 15.51
N VAL A 700 10.30 -2.85 16.56
CA VAL A 700 11.19 -4.00 16.38
C VAL A 700 10.40 -5.18 15.81
N LEU A 701 9.23 -5.44 16.36
CA LEU A 701 8.43 -6.58 15.91
C LEU A 701 8.01 -6.41 14.46
N GLN A 702 7.57 -5.21 14.07
CA GLN A 702 7.16 -4.99 12.69
C GLN A 702 8.34 -5.11 11.73
N ALA A 703 9.48 -4.55 12.10
CA ALA A 703 10.65 -4.63 11.25
C ALA A 703 11.14 -6.07 11.10
N THR A 704 11.12 -6.85 12.18
CA THR A 704 11.53 -8.25 12.10
C THR A 704 10.55 -9.07 11.28
N LYS A 705 9.25 -8.85 11.50
CA LYS A 705 8.26 -9.63 10.78
C LYS A 705 8.18 -9.25 9.31
N ASP A 706 8.57 -8.04 8.92
CA ASP A 706 8.68 -7.73 7.51
C ASP A 706 9.75 -8.59 6.84
N VAL A 707 10.92 -8.71 7.48
CA VAL A 707 11.99 -9.55 6.95
C VAL A 707 11.55 -11.01 6.91
N LEU A 708 10.91 -11.48 7.98
CA LEU A 708 10.47 -12.86 8.01
C LEU A 708 9.40 -13.14 6.97
N LYS A 709 8.48 -12.19 6.77
CA LYS A 709 7.47 -12.34 5.73
C LYS A 709 8.11 -12.40 4.35
N PHE A 710 9.09 -11.53 4.09
CA PHE A 710 9.77 -11.57 2.80
C PHE A 710 10.49 -12.90 2.61
N LEU A 711 11.12 -13.42 3.66
CA LEU A 711 11.77 -14.72 3.56
C LEU A 711 10.75 -15.83 3.29
N ALA A 712 9.59 -15.78 3.94
CA ALA A 712 8.59 -16.82 3.77
C ALA A 712 7.83 -16.70 2.46
N GLN A 713 7.93 -15.56 1.76
CA GLN A 713 7.28 -15.45 0.46
C GLN A 713 7.86 -16.42 -0.56
N SER A 714 9.18 -16.61 -0.55
CA SER A 714 9.85 -17.41 -1.56
C SER A 714 9.94 -18.87 -1.13
N GLN A 715 10.26 -19.73 -2.10
CA GLN A 715 10.60 -21.11 -1.80
C GLN A 715 11.98 -21.21 -1.17
N LYS A 716 12.94 -20.44 -1.68
CA LYS A 716 14.29 -20.45 -1.13
C LYS A 716 14.29 -19.97 0.32
N GLY A 717 13.56 -18.89 0.62
CA GLY A 717 13.50 -18.42 1.99
C GLY A 717 12.80 -19.36 2.93
N LEU A 718 11.75 -20.04 2.45
CA LEU A 718 11.05 -20.98 3.31
C LEU A 718 11.90 -22.23 3.57
N LEU A 719 12.66 -22.67 2.57
CA LEU A 719 13.67 -23.71 2.80
C LEU A 719 14.79 -23.21 3.71
N PHE A 720 15.09 -21.91 3.70
CA PHE A 720 16.02 -21.37 4.68
C PHE A 720 15.46 -21.51 6.09
N PHE A 721 14.18 -21.20 6.26
CA PHE A 721 13.53 -21.38 7.55
C PHE A 721 13.59 -22.84 8.00
N MET A 722 13.30 -23.77 7.09
CA MET A 722 13.26 -25.18 7.47
C MET A 722 14.64 -25.77 7.70
N SER A 723 15.64 -25.37 6.91
CA SER A 723 16.99 -25.89 7.08
C SER A 723 17.58 -25.48 8.42
N GLU A 724 17.37 -24.22 8.82
CA GLU A 724 17.74 -23.77 10.15
C GLU A 724 16.57 -23.99 11.09
N TYR A 725 16.20 -25.26 11.30
CA TYR A 725 14.97 -25.58 12.02
C TYR A 725 15.11 -25.30 13.51
N GLU A 726 16.30 -25.47 14.07
CA GLU A 726 16.48 -25.24 15.50
C GLU A 726 16.19 -23.79 15.87
N ALA A 727 16.62 -22.85 15.04
CA ALA A 727 16.31 -21.44 15.29
C ALA A 727 14.88 -21.12 14.90
N THR A 728 14.36 -21.78 13.86
CA THR A 728 13.01 -21.47 13.40
C THR A 728 11.96 -21.86 14.43
N ASN A 729 12.16 -22.99 15.11
CA ASN A 729 11.22 -23.39 16.16
C ASN A 729 11.16 -22.35 17.26
N LEU A 730 12.31 -21.88 17.72
CA LEU A 730 12.33 -20.87 18.77
C LEU A 730 11.75 -19.55 18.28
N LEU A 731 11.95 -19.23 17.00
CA LEU A 731 11.34 -18.02 16.43
C LEU A 731 9.82 -18.12 16.45
N ILE A 732 9.29 -19.28 16.06
CA ILE A 732 7.84 -19.49 16.09
C ILE A 732 7.32 -19.38 17.51
N ARG A 733 8.03 -19.98 18.46
CA ARG A 733 7.61 -19.92 19.86
C ARG A 733 7.62 -18.49 20.38
N ALA A 734 8.63 -17.71 20.02
CA ALA A 734 8.68 -16.31 20.45
C ALA A 734 7.53 -15.51 19.87
N LEU A 735 7.21 -15.73 18.60
CA LEU A 735 6.08 -15.03 18.00
C LEU A 735 4.77 -15.43 18.67
N CYS A 736 4.63 -16.73 19.01
CA CYS A 736 3.44 -17.18 19.73
C CYS A 736 3.34 -16.52 21.10
N HIS A 737 4.46 -16.40 21.80
CA HIS A 737 4.45 -15.73 23.10
C HIS A 737 4.08 -14.26 22.96
N PHE A 738 4.46 -13.62 21.84
CA PHE A 738 3.90 -12.30 21.57
C PHE A 738 2.39 -12.35 21.39
N TYR A 739 1.88 -13.38 20.73
CA TYR A 739 0.43 -13.52 20.67
C TYR A 739 -0.16 -13.74 22.05
N ASP A 740 0.62 -14.30 22.98
CA ASP A 740 0.20 -14.33 24.38
C ASP A 740 0.34 -12.96 25.04
N GLN A 741 1.43 -12.23 24.74
CA GLN A 741 1.63 -10.92 25.34
C GLN A 741 0.55 -9.94 24.89
N ASP A 742 0.22 -9.94 23.60
CA ASP A 742 -0.85 -9.07 23.12
C ASP A 742 -2.19 -9.45 23.76
N GLU A 743 -2.41 -10.75 23.97
CA GLU A 743 -3.59 -11.19 24.70
C GLU A 743 -3.58 -10.66 26.14
N GLU A 744 -2.42 -10.68 26.79
CA GLU A 744 -2.31 -10.17 28.15
C GLU A 744 -2.62 -8.67 28.19
N GLU A 745 -2.12 -7.91 27.22
CA GLU A 745 -2.40 -6.48 27.17
C GLU A 745 -3.86 -6.21 26.81
N GLY A 746 -4.43 -7.01 25.91
CA GLY A 746 -5.81 -6.82 25.49
C GLY A 746 -6.03 -5.71 24.48
N LEU A 747 -4.96 -5.15 23.93
CA LEU A 747 -5.07 -4.04 22.99
C LEU A 747 -5.13 -4.51 21.54
N GLN A 748 -5.17 -5.82 21.30
CA GLN A 748 -5.18 -6.37 19.95
C GLN A 748 -6.47 -6.06 19.20
N SER A 749 -7.52 -5.59 19.88
CA SER A 749 -8.78 -5.30 19.20
C SER A 749 -8.61 -4.19 18.17
N ASP A 750 -7.90 -3.13 18.51
CA ASP A 750 -7.66 -2.04 17.58
C ASP A 750 -6.35 -1.35 17.96
N GLY A 751 -5.78 -0.62 17.02
CA GLY A 751 -4.47 -0.05 17.19
C GLY A 751 -3.38 -1.10 16.99
N VAL A 752 -3.33 -2.08 17.88
CA VAL A 752 -2.48 -3.25 17.67
C VAL A 752 -3.22 -4.19 16.72
N ILE A 753 -2.66 -4.39 15.53
CA ILE A 753 -3.35 -5.19 14.52
C ILE A 753 -3.44 -6.64 14.96
N ASP A 754 -4.50 -7.31 14.50
CA ASP A 754 -4.69 -8.74 14.80
C ASP A 754 -3.74 -9.55 13.91
N ASP A 755 -2.47 -9.53 14.30
CA ASP A 755 -1.44 -10.18 13.51
C ASP A 755 -1.63 -11.70 13.52
N ALA A 756 -1.53 -12.30 12.33
CA ALA A 756 -1.58 -13.75 12.22
C ALA A 756 -0.30 -14.33 11.67
N PHE A 757 0.82 -13.59 11.75
CA PHE A 757 2.04 -14.02 11.07
C PHE A 757 2.66 -15.25 11.73
N ALA A 758 2.55 -15.38 13.05
CA ALA A 758 3.12 -16.54 13.71
C ALA A 758 2.45 -17.82 13.23
N LEU A 759 1.12 -17.84 13.25
CA LEU A 759 0.38 -19.02 12.79
C LEU A 759 0.60 -19.25 11.31
N TRP A 760 0.64 -18.16 10.52
CA TRP A 760 0.86 -18.30 9.08
C TRP A 760 2.22 -18.91 8.78
N LEU A 761 3.27 -18.43 9.47
CA LEU A 761 4.61 -18.97 9.24
C LEU A 761 4.71 -20.40 9.74
N GLN A 762 4.10 -20.71 10.88
CA GLN A 762 4.09 -22.08 11.37
C GLN A 762 3.43 -23.01 10.35
N ASP A 763 2.28 -22.60 9.82
CA ASP A 763 1.56 -23.43 8.86
C ASP A 763 2.31 -23.54 7.54
N SER A 764 2.98 -22.46 7.13
CA SER A 764 3.75 -22.49 5.89
C SER A 764 4.93 -23.45 5.99
N THR A 765 5.71 -23.33 7.07
CA THR A 765 6.82 -24.25 7.26
C THR A 765 6.33 -25.68 7.44
N GLN A 766 5.19 -25.88 8.12
CA GLN A 766 4.69 -27.23 8.33
C GLN A 766 4.16 -27.85 7.04
N THR A 767 3.50 -27.07 6.19
CA THR A 767 3.05 -27.63 4.91
C THR A 767 4.21 -27.87 3.97
N LEU A 768 5.28 -27.06 4.04
CA LEU A 768 6.45 -27.40 3.24
C LEU A 768 7.15 -28.65 3.78
N GLN A 769 7.16 -28.82 5.10
CA GLN A 769 7.68 -30.07 5.67
C GLN A 769 6.85 -31.27 5.20
N CYS A 770 5.53 -31.11 5.17
CA CYS A 770 4.68 -32.18 4.67
C CYS A 770 4.90 -32.42 3.18
N ILE A 771 5.20 -31.37 2.42
CA ILE A 771 5.51 -31.54 1.00
C ILE A 771 6.80 -32.33 0.83
N THR A 772 7.82 -32.02 1.63
CA THR A 772 9.04 -32.82 1.58
C THR A 772 8.78 -34.26 1.98
N GLU A 773 7.93 -34.49 2.98
CA GLU A 773 7.56 -35.85 3.37
C GLU A 773 6.85 -36.58 2.24
N LEU A 774 5.95 -35.89 1.53
CA LEU A 774 5.28 -36.49 0.38
C LEU A 774 6.29 -36.83 -0.73
N PHE A 775 7.19 -35.90 -1.02
CA PHE A 775 8.15 -36.09 -2.11
C PHE A 775 9.09 -37.25 -1.80
N SER A 776 9.61 -37.31 -0.57
CA SER A 776 10.54 -38.36 -0.19
C SER A 776 9.86 -39.71 -0.04
N HIS A 777 8.54 -39.76 -0.05
CA HIS A 777 7.81 -41.02 -0.05
C HIS A 777 7.67 -41.62 -1.44
N PHE A 778 7.93 -40.84 -2.49
CA PHE A 778 7.93 -41.36 -3.85
C PHE A 778 9.32 -41.65 -4.38
N GLN A 779 10.37 -41.07 -3.78
CA GLN A 779 11.73 -41.45 -4.13
C GLN A 779 12.02 -42.89 -3.72
N ARG A 780 11.45 -43.35 -2.61
CA ARG A 780 11.61 -44.70 -2.14
C ARG A 780 10.74 -45.71 -2.89
N CYS A 781 10.11 -45.29 -3.99
CA CYS A 781 9.27 -46.17 -4.78
C CYS A 781 9.67 -46.14 -6.25
N THR A 782 10.90 -45.74 -6.55
CA THR A 782 11.40 -45.74 -7.92
C THR A 782 11.85 -47.12 -8.39
N ALA A 783 11.94 -48.09 -7.48
CA ALA A 783 12.28 -49.46 -7.84
C ALA A 783 11.24 -50.46 -7.34
N SER A 784 10.17 -50.01 -6.71
CA SER A 784 9.13 -50.90 -6.19
C SER A 784 7.81 -50.14 -6.23
N GLU A 785 6.82 -50.66 -5.51
CA GLU A 785 5.51 -50.05 -5.39
C GLU A 785 5.21 -49.74 -3.93
N GLU A 786 4.34 -48.75 -3.71
CA GLU A 786 4.06 -48.29 -2.36
C GLU A 786 3.39 -49.39 -1.54
N THR A 787 3.94 -49.64 -0.35
CA THR A 787 3.37 -50.60 0.58
C THR A 787 3.11 -50.03 1.98
N ASP A 788 3.83 -49.00 2.40
CA ASP A 788 3.65 -48.36 3.70
C ASP A 788 2.93 -47.04 3.48
N HIS A 789 1.61 -47.06 3.62
CA HIS A 789 0.79 -45.87 3.40
C HIS A 789 0.36 -45.19 4.70
N SER A 790 0.68 -45.76 5.86
CA SER A 790 0.32 -45.11 7.11
C SER A 790 1.01 -43.76 7.26
N ASP A 791 2.30 -43.70 6.90
CA ASP A 791 3.03 -42.44 6.94
C ASP A 791 2.46 -41.45 5.92
N LEU A 792 2.12 -41.93 4.73
CA LEU A 792 1.57 -41.07 3.70
C LEU A 792 0.24 -40.47 4.13
N LEU A 793 -0.64 -41.30 4.69
CA LEU A 793 -1.93 -40.80 5.15
C LEU A 793 -1.77 -39.88 6.35
N GLY A 794 -0.82 -40.17 7.24
CA GLY A 794 -0.56 -39.24 8.33
C GLY A 794 -0.09 -37.88 7.85
N THR A 795 0.81 -37.86 6.87
CA THR A 795 1.26 -36.60 6.30
C THR A 795 0.11 -35.85 5.65
N LEU A 796 -0.70 -36.55 4.86
CA LEU A 796 -1.82 -35.90 4.18
C LEU A 796 -2.84 -35.37 5.18
N HIS A 797 -3.07 -36.10 6.27
CA HIS A 797 -4.03 -35.66 7.28
C HIS A 797 -3.51 -34.44 8.04
N ASN A 798 -2.26 -34.48 8.47
CA ASN A 798 -1.68 -33.34 9.17
C ASN A 798 -1.55 -32.14 8.25
N LEU A 799 -1.56 -32.37 6.93
CA LEU A 799 -1.60 -31.28 5.98
C LEU A 799 -3.01 -30.76 5.74
N TYR A 800 -4.00 -31.66 5.75
CA TYR A 800 -5.39 -31.25 5.55
C TYR A 800 -5.88 -30.39 6.70
N LEU A 801 -5.59 -30.79 7.93
CA LEU A 801 -6.03 -30.00 9.08
C LEU A 801 -5.37 -28.62 9.13
N ILE A 802 -4.31 -28.41 8.37
CA ILE A 802 -3.78 -27.04 8.25
C ILE A 802 -4.77 -26.17 7.47
N THR A 803 -5.50 -26.75 6.51
CA THR A 803 -6.39 -26.00 5.63
C THR A 803 -7.73 -25.64 6.27
N PHE A 804 -7.86 -25.75 7.59
CA PHE A 804 -9.12 -25.40 8.25
C PHE A 804 -9.22 -23.91 8.55
N ASN A 805 -8.20 -23.34 9.16
CA ASN A 805 -8.19 -21.90 9.40
C ASN A 805 -8.06 -21.16 8.08
N PRO A 806 -8.64 -19.97 7.96
CA PRO A 806 -8.36 -19.15 6.77
C PRO A 806 -6.89 -18.83 6.61
N VAL A 807 -6.17 -18.61 7.71
CA VAL A 807 -4.73 -18.37 7.63
C VAL A 807 -4.01 -19.63 7.19
N GLY A 808 -4.35 -20.77 7.78
CA GLY A 808 -3.74 -22.02 7.38
C GLY A 808 -4.08 -22.41 5.95
N ARG A 809 -5.33 -22.18 5.54
CA ARG A 809 -5.72 -22.44 4.16
C ARG A 809 -4.94 -21.55 3.19
N SER A 810 -4.75 -20.28 3.55
CA SER A 810 -3.95 -19.38 2.72
C SER A 810 -2.50 -19.86 2.65
N ALA A 811 -1.95 -20.33 3.78
CA ALA A 811 -0.58 -20.81 3.78
C ALA A 811 -0.42 -22.05 2.91
N VAL A 812 -1.38 -22.98 2.99
CA VAL A 812 -1.33 -24.18 2.16
C VAL A 812 -1.46 -23.82 0.68
N GLY A 813 -2.36 -22.89 0.35
CA GLY A 813 -2.47 -22.43 -1.02
C GLY A 813 -1.22 -21.72 -1.53
N HIS A 814 -0.54 -20.99 -0.66
CA HIS A 814 0.70 -20.30 -1.01
C HIS A 814 1.86 -21.24 -1.23
N VAL A 815 2.11 -22.18 -0.30
CA VAL A 815 3.31 -23.00 -0.38
C VAL A 815 3.23 -23.99 -1.53
N PHE A 816 2.05 -24.54 -1.79
CA PHE A 816 1.91 -25.47 -2.90
C PHE A 816 2.03 -24.81 -4.26
N SER A 817 2.03 -23.49 -4.32
CA SER A 817 2.19 -22.76 -5.58
C SER A 817 3.63 -22.33 -5.84
N LEU A 818 4.57 -22.76 -5.01
CA LEU A 818 5.95 -22.31 -5.12
C LEU A 818 6.82 -23.39 -5.75
N GLU A 819 7.32 -23.11 -6.95
CA GLU A 819 8.40 -23.86 -7.58
C GLU A 819 8.13 -25.37 -7.60
N LYS A 820 7.06 -25.74 -8.31
CA LYS A 820 6.74 -27.14 -8.57
C LYS A 820 6.52 -27.93 -7.28
N ASN A 821 5.67 -27.39 -6.40
CA ASN A 821 5.31 -28.10 -5.18
C ASN A 821 4.03 -28.92 -5.37
N LEU A 822 3.15 -28.47 -6.26
CA LEU A 822 1.88 -29.17 -6.47
C LEU A 822 2.09 -30.53 -7.13
N GLN A 823 3.28 -30.76 -7.69
CA GLN A 823 3.58 -32.08 -8.26
C GLN A 823 3.54 -33.15 -7.18
N SER A 824 3.80 -32.78 -5.92
CA SER A 824 3.77 -33.75 -4.83
C SER A 824 2.40 -34.41 -4.71
N LEU A 825 1.34 -33.69 -5.07
CA LEU A 825 -0.01 -34.25 -5.06
C LEU A 825 -0.47 -34.71 -6.45
N ILE A 826 0.01 -34.08 -7.51
CA ILE A 826 -0.33 -34.56 -8.85
C ILE A 826 0.20 -35.98 -9.05
N THR A 827 1.47 -36.21 -8.71
CA THR A 827 2.01 -37.56 -8.76
C THR A 827 1.31 -38.46 -7.75
N LEU A 828 0.86 -37.88 -6.64
CA LEU A 828 0.13 -38.67 -5.65
C LEU A 828 -1.15 -39.26 -6.21
N MET A 829 -1.90 -38.51 -7.00
CA MET A 829 -3.08 -39.11 -7.66
C MET A 829 -2.72 -39.90 -8.90
N GLU A 830 -1.62 -39.59 -9.58
CA GLU A 830 -1.22 -40.43 -10.71
C GLU A 830 -0.79 -41.82 -10.27
N TYR A 831 -0.28 -41.96 -9.05
CA TYR A 831 0.10 -43.27 -8.55
C TYR A 831 -1.13 -44.10 -8.17
N TYR A 832 -2.12 -43.47 -7.55
CA TYR A 832 -3.36 -44.15 -7.18
C TYR A 832 -4.44 -44.08 -8.26
N SER A 833 -4.08 -43.65 -9.47
CA SER A 833 -4.93 -43.87 -10.63
C SER A 833 -4.73 -45.25 -11.23
N LYS A 834 -3.78 -46.03 -10.72
CA LYS A 834 -3.51 -47.38 -11.19
C LYS A 834 -4.16 -48.45 -10.33
N GLU A 835 -4.25 -48.23 -9.01
CA GLU A 835 -4.94 -49.16 -8.13
C GLU A 835 -6.43 -49.27 -8.45
N ALA A 836 -7.06 -48.16 -8.80
CA ALA A 836 -8.47 -48.10 -9.18
C ALA A 836 -8.67 -46.78 -9.90
N LEU A 837 -9.94 -46.44 -10.18
CA LEU A 837 -10.23 -45.14 -10.78
C LEU A 837 -9.96 -43.99 -9.82
N GLY A 838 -9.86 -44.28 -8.53
CA GLY A 838 -9.69 -43.25 -7.52
C GLY A 838 -10.81 -43.28 -6.50
N ASP A 839 -11.95 -43.82 -6.91
CA ASP A 839 -13.13 -43.94 -6.07
C ASP A 839 -13.23 -45.36 -5.51
N SER A 840 -14.35 -45.65 -4.86
CA SER A 840 -14.52 -46.90 -4.14
C SER A 840 -15.01 -48.00 -5.08
N LYS A 841 -14.09 -48.88 -5.47
CA LYS A 841 -14.44 -50.17 -6.08
C LYS A 841 -14.11 -51.34 -5.16
N SER A 842 -12.85 -51.44 -4.74
CA SER A 842 -12.45 -52.32 -3.65
C SER A 842 -11.83 -51.56 -2.49
N LYS A 843 -11.49 -50.29 -2.67
CA LYS A 843 -10.93 -49.44 -1.64
C LYS A 843 -11.14 -47.99 -2.06
N LYS A 844 -11.45 -47.13 -1.09
CA LYS A 844 -11.74 -45.74 -1.40
C LYS A 844 -10.49 -44.94 -1.75
N SER A 845 -9.29 -45.49 -1.50
CA SER A 845 -8.03 -44.81 -1.78
C SER A 845 -7.98 -43.44 -1.09
N VAL A 846 -7.94 -43.51 0.25
CA VAL A 846 -8.04 -42.32 1.08
C VAL A 846 -6.98 -41.28 0.69
N ALA A 847 -5.79 -41.72 0.28
CA ALA A 847 -4.78 -40.79 -0.19
C ALA A 847 -5.26 -40.03 -1.42
N TYR A 848 -5.98 -40.70 -2.31
CA TYR A 848 -6.53 -40.03 -3.48
C TYR A 848 -7.51 -38.93 -3.09
N ASN A 849 -8.38 -39.20 -2.12
CA ASN A 849 -9.33 -38.18 -1.67
C ASN A 849 -8.63 -37.01 -1.00
N TYR A 850 -7.62 -37.29 -0.16
CA TYR A 850 -6.86 -36.21 0.45
C TYR A 850 -6.17 -35.36 -0.61
N ALA A 851 -5.58 -36.00 -1.62
CA ALA A 851 -4.92 -35.26 -2.68
C ALA A 851 -5.90 -34.41 -3.47
N CYS A 852 -7.09 -34.96 -3.75
CA CYS A 852 -8.12 -34.21 -4.45
C CYS A 852 -8.51 -32.97 -3.66
N ILE A 853 -8.76 -33.13 -2.35
CA ILE A 853 -9.17 -32.00 -1.53
C ILE A 853 -8.05 -30.96 -1.44
N LEU A 854 -6.81 -31.41 -1.28
CA LEU A 854 -5.71 -30.47 -1.13
C LEU A 854 -5.44 -29.70 -2.41
N ILE A 855 -5.51 -30.36 -3.57
CA ILE A 855 -5.39 -29.64 -4.83
C ILE A 855 -6.57 -28.73 -5.08
N LEU A 856 -7.77 -29.10 -4.67
CA LEU A 856 -8.90 -28.19 -4.80
C LEU A 856 -8.72 -26.95 -3.94
N VAL A 857 -8.27 -27.11 -2.70
CA VAL A 857 -8.13 -25.94 -1.82
C VAL A 857 -6.94 -25.07 -2.23
N VAL A 858 -5.85 -25.65 -2.75
CA VAL A 858 -4.77 -24.78 -3.22
C VAL A 858 -5.19 -24.04 -4.48
N VAL A 859 -5.91 -24.69 -5.40
CA VAL A 859 -6.38 -24.00 -6.59
C VAL A 859 -7.36 -22.90 -6.22
N GLN A 860 -8.22 -23.14 -5.24
CA GLN A 860 -9.19 -22.13 -4.82
C GLN A 860 -8.53 -20.96 -4.11
N SER A 861 -7.58 -21.24 -3.21
CA SER A 861 -7.09 -20.21 -2.29
C SER A 861 -5.84 -19.49 -2.77
N SER A 862 -5.13 -20.02 -3.78
CA SER A 862 -3.87 -19.43 -4.21
C SER A 862 -4.14 -18.33 -5.23
N SER A 863 -3.82 -17.09 -4.87
CA SER A 863 -3.93 -15.97 -5.80
C SER A 863 -2.78 -15.93 -6.79
N ASP A 864 -1.64 -16.53 -6.46
CA ASP A 864 -0.53 -16.68 -7.39
C ASP A 864 -0.71 -17.97 -8.19
N VAL A 865 -0.82 -17.83 -9.50
CA VAL A 865 -1.26 -18.92 -10.36
C VAL A 865 -0.11 -19.34 -11.26
N GLN A 866 1.12 -19.13 -10.78
CA GLN A 866 2.29 -19.56 -11.56
C GLN A 866 2.39 -21.08 -11.62
N MET A 867 1.90 -21.78 -10.60
CA MET A 867 1.93 -23.23 -10.61
C MET A 867 1.08 -23.80 -11.74
N LEU A 868 -0.07 -23.19 -12.00
CA LEU A 868 -0.98 -23.74 -12.99
C LEU A 868 -0.40 -23.66 -14.39
N GLU A 869 0.52 -22.72 -14.64
CA GLU A 869 1.17 -22.61 -15.94
C GLU A 869 1.78 -23.94 -16.36
N GLN A 870 2.43 -24.63 -15.42
CA GLN A 870 3.08 -25.89 -15.73
C GLN A 870 2.26 -27.11 -15.30
N HIS A 871 1.27 -26.93 -14.43
CA HIS A 871 0.49 -28.07 -13.93
C HIS A 871 -0.91 -28.17 -14.51
N ALA A 872 -1.30 -27.29 -15.44
CA ALA A 872 -2.68 -27.31 -15.94
C ALA A 872 -2.95 -28.56 -16.76
N ALA A 873 -2.01 -28.97 -17.61
CA ALA A 873 -2.21 -30.18 -18.41
C ALA A 873 -2.37 -31.40 -17.51
N SER A 874 -1.51 -31.54 -16.50
CA SER A 874 -1.60 -32.68 -15.61
C SER A 874 -2.91 -32.66 -14.82
N LEU A 875 -3.29 -31.50 -14.29
CA LEU A 875 -4.52 -31.42 -13.51
C LEU A 875 -5.75 -31.72 -14.37
N LEU A 876 -5.76 -31.22 -15.62
CA LEU A 876 -6.88 -31.51 -16.51
C LEU A 876 -6.93 -32.98 -16.88
N LYS A 877 -5.77 -33.62 -17.08
CA LYS A 877 -5.78 -35.06 -17.34
C LYS A 877 -6.32 -35.83 -16.15
N LEU A 878 -5.94 -35.43 -14.94
CA LEU A 878 -6.47 -36.10 -13.75
C LEU A 878 -7.98 -35.90 -13.62
N CYS A 879 -8.46 -34.69 -13.89
CA CYS A 879 -9.90 -34.45 -13.84
C CYS A 879 -10.65 -35.27 -14.88
N LYS A 880 -10.11 -35.37 -16.10
CA LYS A 880 -10.75 -36.09 -17.18
C LYS A 880 -10.73 -37.60 -16.95
N ALA A 881 -9.65 -38.13 -16.39
CA ALA A 881 -9.53 -39.58 -16.21
C ALA A 881 -10.51 -40.12 -15.17
N ASP A 882 -11.00 -39.27 -14.27
CA ASP A 882 -11.97 -39.68 -13.26
C ASP A 882 -13.10 -38.66 -13.27
N GLU A 883 -14.16 -38.98 -14.03
CA GLU A 883 -15.23 -38.02 -14.28
C GLU A 883 -16.27 -37.96 -13.17
N ASN A 884 -16.29 -38.94 -12.27
CA ASN A 884 -17.35 -39.10 -11.29
C ASN A 884 -16.85 -38.81 -9.87
N ASN A 885 -16.04 -37.77 -9.72
CA ASN A 885 -15.59 -37.33 -8.42
C ASN A 885 -16.17 -35.95 -8.12
N ALA A 886 -16.66 -35.76 -6.89
CA ALA A 886 -17.27 -34.50 -6.52
C ALA A 886 -16.24 -33.36 -6.52
N LYS A 887 -15.01 -33.65 -6.09
CA LYS A 887 -13.97 -32.64 -6.06
C LYS A 887 -13.28 -32.45 -7.40
N LEU A 888 -13.11 -33.54 -8.17
CA LEU A 888 -12.43 -33.42 -9.45
C LEU A 888 -13.27 -32.65 -10.47
N GLN A 889 -14.60 -32.79 -10.42
CA GLN A 889 -15.44 -31.99 -11.31
C GLN A 889 -15.31 -30.51 -11.02
N GLU A 890 -15.30 -30.13 -9.74
CA GLU A 890 -15.11 -28.73 -9.39
C GLU A 890 -13.72 -28.25 -9.77
N LEU A 891 -12.69 -29.10 -9.61
CA LEU A 891 -11.35 -28.72 -10.03
C LEU A 891 -11.28 -28.51 -11.55
N GLY A 892 -11.93 -29.39 -12.31
CA GLY A 892 -12.01 -29.20 -13.75
C GLY A 892 -12.76 -27.96 -14.17
N LYS A 893 -13.80 -27.60 -13.42
CA LYS A 893 -14.47 -26.33 -13.65
C LYS A 893 -13.60 -25.13 -13.26
N TRP A 894 -12.65 -25.34 -12.34
CA TRP A 894 -11.72 -24.29 -11.97
C TRP A 894 -10.62 -24.07 -13.01
N LEU A 895 -10.45 -25.00 -13.95
CA LEU A 895 -9.37 -24.93 -14.92
C LEU A 895 -9.91 -24.89 -16.36
N GLU A 896 -11.12 -24.39 -16.53
CA GLU A 896 -11.69 -24.21 -17.86
C GLU A 896 -10.85 -23.26 -18.72
N PRO A 897 -10.45 -22.08 -18.22
CA PRO A 897 -9.69 -21.16 -19.07
C PRO A 897 -8.32 -21.67 -19.49
N LEU A 898 -7.76 -22.66 -18.79
CA LEU A 898 -6.39 -23.11 -19.04
C LEU A 898 -6.35 -24.33 -19.97
N LYS A 899 -7.37 -24.55 -20.79
CA LYS A 899 -7.35 -25.62 -21.77
C LYS A 899 -6.61 -25.12 -23.01
N ASN A 900 -5.42 -25.69 -23.26
CA ASN A 900 -4.58 -25.31 -24.39
C ASN A 900 -4.24 -23.82 -24.34
N LEU A 901 -3.57 -23.43 -23.26
CA LEU A 901 -3.19 -22.05 -23.04
C LEU A 901 -1.71 -21.99 -22.71
N ARG A 902 -1.04 -20.95 -23.22
CA ARG A 902 0.41 -20.85 -23.15
C ARG A 902 0.94 -19.90 -22.09
N PHE A 903 0.08 -19.14 -21.42
CA PHE A 903 0.49 -18.29 -20.29
C PHE A 903 1.53 -17.24 -20.72
N GLU A 904 1.32 -16.65 -21.89
CA GLU A 904 2.16 -15.58 -22.39
C GLU A 904 1.32 -14.34 -22.65
N ILE A 905 1.95 -13.29 -23.16
CA ILE A 905 1.23 -12.08 -23.55
C ILE A 905 0.42 -12.27 -24.83
N ASN A 906 0.63 -13.36 -25.56
CA ASN A 906 -0.12 -13.63 -26.78
C ASN A 906 -1.43 -14.37 -26.53
N CYS A 907 -1.66 -14.84 -25.30
CA CYS A 907 -2.90 -15.52 -24.96
C CYS A 907 -3.81 -14.64 -24.12
N ILE A 908 -3.52 -13.35 -24.07
CA ILE A 908 -4.40 -12.36 -23.42
C ILE A 908 -5.75 -12.32 -24.12
N PRO A 909 -5.82 -12.28 -25.46
CA PRO A 909 -7.14 -12.32 -26.10
C PRO A 909 -7.96 -13.54 -25.74
N ASN A 910 -7.32 -14.71 -25.59
CA ASN A 910 -8.06 -15.91 -25.24
C ASN A 910 -8.67 -15.80 -23.85
N LEU A 911 -7.89 -15.33 -22.88
CA LEU A 911 -8.40 -15.18 -21.52
C LEU A 911 -9.49 -14.13 -21.45
N ILE A 912 -9.33 -13.01 -22.16
CA ILE A 912 -10.36 -11.97 -22.15
C ILE A 912 -11.63 -12.49 -22.81
N GLU A 913 -11.49 -13.24 -23.92
CA GLU A 913 -12.66 -13.82 -24.56
C GLU A 913 -13.36 -14.80 -23.65
N TYR A 914 -12.61 -15.61 -22.89
CA TYR A 914 -13.24 -16.50 -21.93
C TYR A 914 -13.99 -15.72 -20.86
N VAL A 915 -13.37 -14.68 -20.32
CA VAL A 915 -14.01 -13.89 -19.27
C VAL A 915 -15.28 -13.22 -19.77
N LYS A 916 -15.30 -12.75 -21.02
CA LYS A 916 -16.48 -12.11 -21.56
C LYS A 916 -17.51 -13.09 -22.11
N GLN A 917 -17.14 -14.35 -22.33
CA GLN A 917 -18.13 -15.33 -22.79
C GLN A 917 -19.04 -15.80 -21.67
N ASN A 918 -18.50 -15.97 -20.47
CA ASN A 918 -19.27 -16.45 -19.32
C ASN A 918 -19.13 -15.48 -18.15
N ILE A 919 -19.30 -14.19 -18.46
CA ILE A 919 -19.35 -13.18 -17.40
C ILE A 919 -20.68 -13.23 -16.67
N ASP A 920 -21.70 -13.85 -17.27
CA ASP A 920 -22.98 -14.02 -16.59
C ASP A 920 -22.85 -14.94 -15.39
N ASN A 921 -22.09 -16.01 -15.52
CA ASN A 921 -21.86 -16.95 -14.42
C ASN A 921 -20.68 -16.48 -13.57
N LEU A 922 -20.85 -15.33 -12.93
CA LEU A 922 -19.72 -14.71 -12.26
C LEU A 922 -19.32 -15.49 -11.01
N MET A 923 -20.22 -15.55 -10.01
CA MET A 923 -19.99 -16.38 -8.84
C MET A 923 -20.94 -17.57 -8.75
N THR A 924 -21.73 -17.82 -9.77
CA THR A 924 -22.41 -19.10 -9.91
C THR A 924 -21.37 -20.22 -9.95
N PRO A 925 -21.56 -21.31 -9.21
CA PRO A 925 -20.51 -22.34 -9.14
C PRO A 925 -20.29 -23.08 -10.46
N GLU A 926 -21.04 -22.72 -11.49
CA GLU A 926 -20.75 -23.20 -12.84
C GLU A 926 -19.69 -22.36 -13.53
N GLY A 927 -19.70 -21.05 -13.31
CA GLY A 927 -18.70 -20.18 -13.88
C GLY A 927 -17.65 -19.81 -12.87
N VAL A 928 -17.22 -20.80 -12.07
CA VAL A 928 -16.21 -20.56 -11.05
C VAL A 928 -14.81 -20.43 -11.64
N GLY A 929 -14.59 -20.96 -12.84
CA GLY A 929 -13.29 -20.84 -13.48
C GLY A 929 -12.96 -19.44 -13.95
N LEU A 930 -13.93 -18.52 -13.95
CA LEU A 930 -13.65 -17.13 -14.25
C LEU A 930 -12.69 -16.53 -13.24
N THR A 931 -12.72 -17.00 -12.00
CA THR A 931 -11.73 -16.55 -11.02
C THR A 931 -10.32 -16.95 -11.44
N THR A 932 -10.15 -18.19 -11.94
CA THR A 932 -8.85 -18.60 -12.44
C THR A 932 -8.45 -17.80 -13.68
N ALA A 933 -9.42 -17.53 -14.56
CA ALA A 933 -9.13 -16.73 -15.74
C ALA A 933 -8.67 -15.32 -15.39
N LEU A 934 -9.25 -14.72 -14.36
CA LEU A 934 -8.78 -13.41 -13.91
C LEU A 934 -7.47 -13.49 -13.16
N ARG A 935 -7.24 -14.53 -12.37
CA ARG A 935 -5.94 -14.68 -11.69
C ARG A 935 -4.81 -14.83 -12.69
N VAL A 936 -4.99 -15.68 -13.70
CA VAL A 936 -3.97 -15.84 -14.74
C VAL A 936 -3.77 -14.54 -15.49
N LEU A 937 -4.85 -13.87 -15.89
CA LEU A 937 -4.79 -12.66 -16.68
C LEU A 937 -4.15 -11.51 -15.90
N CYS A 938 -4.32 -11.48 -14.58
CA CYS A 938 -3.60 -10.56 -13.71
C CYS A 938 -2.17 -11.01 -13.44
N ASN A 939 -1.86 -12.29 -13.65
CA ASN A 939 -0.52 -12.80 -13.45
C ASN A 939 0.38 -12.57 -14.65
N VAL A 940 -0.19 -12.60 -15.86
CA VAL A 940 0.62 -12.46 -17.08
C VAL A 940 0.54 -11.09 -17.71
N ALA A 941 -0.27 -10.18 -17.16
CA ALA A 941 -0.45 -8.87 -17.76
C ALA A 941 -0.47 -7.77 -16.71
N CYS A 942 0.13 -8.04 -15.54
CA CYS A 942 0.24 -7.01 -14.51
C CYS A 942 1.59 -7.11 -13.83
N PRO A 943 2.46 -6.12 -13.98
CA PRO A 943 3.79 -6.18 -13.37
C PRO A 943 3.69 -6.16 -11.86
N PRO A 944 4.62 -6.83 -11.17
CA PRO A 944 4.68 -6.72 -9.72
C PRO A 944 5.06 -5.31 -9.31
N PRO A 945 4.75 -4.91 -8.08
CA PRO A 945 5.08 -3.55 -7.62
C PRO A 945 6.54 -3.25 -7.83
N PRO A 946 6.86 -2.24 -8.65
CA PRO A 946 8.27 -1.95 -8.97
C PRO A 946 9.06 -1.56 -7.73
N VAL A 947 10.32 -1.98 -7.70
CA VAL A 947 11.21 -1.69 -6.59
C VAL A 947 12.28 -0.71 -7.05
N GLU A 948 13.06 -0.21 -6.10
CA GLU A 948 14.08 0.80 -6.38
C GLU A 948 15.29 0.14 -7.03
N GLY A 949 15.58 0.51 -8.27
CA GLY A 949 16.74 0.00 -8.96
C GLY A 949 16.41 -0.94 -10.09
N GLN A 950 15.16 -1.42 -10.13
CA GLN A 950 14.74 -2.34 -11.17
C GLN A 950 14.63 -1.62 -12.51
N GLN A 951 15.22 -2.21 -13.55
CA GLN A 951 15.06 -1.69 -14.90
C GLN A 951 13.84 -2.34 -15.54
N LYS A 952 12.98 -1.51 -16.14
CA LYS A 952 11.67 -1.96 -16.56
C LYS A 952 11.79 -2.93 -17.73
N ASP A 953 11.09 -4.06 -17.64
CA ASP A 953 10.95 -4.95 -18.78
C ASP A 953 9.90 -4.40 -19.73
N LEU A 954 10.18 -4.47 -21.02
CA LEU A 954 9.30 -3.91 -22.03
C LEU A 954 8.16 -4.84 -22.42
N LYS A 955 8.11 -6.04 -21.85
CA LYS A 955 6.99 -6.94 -22.10
C LYS A 955 5.75 -6.54 -21.33
N TRP A 956 5.89 -5.76 -20.27
CA TRP A 956 4.73 -5.28 -19.53
C TRP A 956 3.95 -4.20 -20.26
N ASN A 957 4.60 -3.48 -21.17
CA ASN A 957 3.88 -2.56 -22.04
C ASN A 957 3.14 -3.29 -23.15
N LEU A 958 3.77 -4.33 -23.72
CA LEU A 958 3.08 -5.16 -24.69
C LEU A 958 1.91 -5.91 -24.06
N ALA A 959 2.04 -6.29 -22.79
CA ALA A 959 0.93 -6.93 -22.09
C ALA A 959 -0.27 -5.99 -22.01
N VAL A 960 -0.04 -4.72 -21.68
CA VAL A 960 -1.14 -3.76 -21.60
C VAL A 960 -1.69 -3.45 -22.98
N ILE A 961 -0.83 -3.35 -23.99
CA ILE A 961 -1.32 -3.12 -25.36
C ILE A 961 -2.19 -4.28 -25.82
N GLN A 962 -1.85 -5.51 -25.44
CA GLN A 962 -2.69 -6.65 -25.79
C GLN A 962 -3.96 -6.67 -24.94
N LEU A 963 -3.88 -6.24 -23.69
CA LEU A 963 -5.04 -6.12 -22.82
C LEU A 963 -6.03 -5.08 -23.33
N PHE A 964 -5.56 -4.09 -24.07
CA PHE A 964 -6.42 -3.08 -24.69
C PHE A 964 -6.85 -3.44 -26.11
N SER A 965 -6.03 -4.19 -26.85
CA SER A 965 -6.39 -4.58 -28.22
C SER A 965 -7.64 -5.42 -28.23
N ALA A 966 -7.57 -6.62 -27.64
CA ALA A 966 -8.79 -7.33 -27.28
C ALA A 966 -9.54 -6.49 -26.26
N GLU A 967 -10.86 -6.43 -26.38
CA GLU A 967 -11.62 -5.51 -25.54
C GLU A 967 -11.41 -5.87 -24.09
N GLY A 968 -10.63 -5.06 -23.37
CA GLY A 968 -10.26 -5.38 -22.02
C GLY A 968 -10.77 -4.35 -21.04
N MET A 969 -10.95 -3.12 -21.51
CA MET A 969 -11.61 -2.12 -20.70
C MET A 969 -13.10 -2.41 -20.54
N ASP A 970 -13.74 -2.95 -21.58
CA ASP A 970 -15.15 -3.29 -21.49
C ASP A 970 -15.38 -4.52 -20.62
N THR A 971 -14.53 -5.54 -20.75
CA THR A 971 -14.74 -6.81 -20.06
C THR A 971 -14.14 -6.84 -18.67
N PHE A 972 -13.56 -5.74 -18.21
CA PHE A 972 -13.23 -5.58 -16.79
C PHE A 972 -14.19 -4.64 -16.09
N ILE A 973 -14.61 -3.58 -16.77
CA ILE A 973 -15.71 -2.76 -16.26
C ILE A 973 -16.96 -3.60 -16.11
N ARG A 974 -17.22 -4.49 -17.06
CA ARG A 974 -18.38 -5.38 -16.96
C ARG A 974 -18.23 -6.36 -15.81
N VAL A 975 -17.02 -6.87 -15.57
CA VAL A 975 -16.79 -7.73 -14.41
C VAL A 975 -17.08 -6.97 -13.12
N LEU A 976 -16.60 -5.73 -13.03
CA LEU A 976 -16.84 -4.93 -11.83
C LEU A 976 -18.33 -4.64 -11.64
N GLN A 977 -19.03 -4.32 -12.73
CA GLN A 977 -20.46 -4.03 -12.64
C GLN A 977 -21.23 -5.26 -12.21
N LYS A 978 -20.91 -6.43 -12.78
CA LYS A 978 -21.57 -7.66 -12.34
C LYS A 978 -21.25 -7.99 -10.90
N LEU A 979 -20.01 -7.75 -10.47
CA LEU A 979 -19.64 -8.04 -9.09
C LEU A 979 -20.41 -7.15 -8.11
N ASN A 980 -20.48 -5.86 -8.39
CA ASN A 980 -21.21 -4.98 -7.49
C ASN A 980 -22.72 -5.03 -7.71
N SER A 981 -23.18 -5.72 -8.75
CA SER A 981 -24.60 -6.03 -8.89
C SER A 981 -25.00 -7.32 -8.19
N ILE A 982 -24.05 -8.24 -7.99
CA ILE A 982 -24.35 -9.46 -7.24
C ILE A 982 -24.17 -9.23 -5.74
N LEU A 983 -23.10 -8.53 -5.36
CA LEU A 983 -22.84 -8.29 -3.94
C LEU A 983 -23.78 -7.28 -3.32
N THR A 984 -24.58 -6.57 -4.12
CA THR A 984 -25.36 -5.46 -3.57
C THR A 984 -26.53 -5.94 -2.72
N GLN A 985 -27.11 -7.11 -3.03
CA GLN A 985 -28.25 -7.58 -2.26
C GLN A 985 -27.84 -8.19 -0.93
N PRO A 986 -26.90 -9.15 -0.88
CA PRO A 986 -26.49 -9.69 0.43
C PRO A 986 -25.86 -8.64 1.32
N TRP A 987 -25.24 -7.61 0.76
CA TRP A 987 -24.62 -6.56 1.57
C TRP A 987 -25.65 -5.86 2.44
N ARG A 988 -26.81 -5.55 1.87
CA ARG A 988 -27.85 -4.85 2.63
C ARG A 988 -28.42 -5.73 3.74
N LEU A 989 -28.55 -7.04 3.47
CA LEU A 989 -29.17 -7.96 4.41
C LEU A 989 -28.17 -8.60 5.38
N HIS A 990 -27.04 -7.95 5.62
CA HIS A 990 -26.04 -8.41 6.59
C HIS A 990 -25.54 -9.81 6.25
N VAL A 991 -25.39 -10.08 4.96
CA VAL A 991 -24.81 -11.33 4.47
C VAL A 991 -23.55 -10.96 3.70
N ASN A 992 -22.40 -11.31 4.26
CA ASN A 992 -21.11 -10.85 3.74
C ASN A 992 -20.24 -12.01 3.24
N MET A 993 -20.83 -12.93 2.47
CA MET A 993 -20.11 -14.07 1.89
C MET A 993 -19.51 -14.93 3.00
N GLY A 994 -20.41 -15.53 3.80
CA GLY A 994 -20.04 -16.29 4.97
C GLY A 994 -18.94 -17.31 4.77
N THR A 995 -19.18 -18.29 3.89
CA THR A 995 -18.19 -19.35 3.67
C THR A 995 -16.87 -18.77 3.19
N THR A 996 -15.78 -19.24 3.79
CA THR A 996 -14.46 -18.72 3.45
C THR A 996 -14.09 -19.01 2.00
N LEU A 997 -14.66 -20.07 1.40
CA LEU A 997 -14.43 -20.32 -0.02
C LEU A 997 -15.00 -19.18 -0.86
N HIS A 998 -16.25 -18.80 -0.61
CA HIS A 998 -16.85 -17.71 -1.37
C HIS A 998 -16.20 -16.37 -1.04
N ARG A 999 -15.82 -16.16 0.22
CA ARG A 999 -15.12 -14.93 0.58
C ARG A 999 -13.82 -14.81 -0.18
N VAL A 1000 -13.03 -15.89 -0.21
CA VAL A 1000 -11.76 -15.90 -0.92
C VAL A 1000 -11.97 -15.70 -2.41
N THR A 1001 -12.97 -16.39 -2.99
CA THR A 1001 -13.23 -16.24 -4.42
C THR A 1001 -13.60 -14.81 -4.78
N THR A 1002 -14.51 -14.20 -4.01
CA THR A 1002 -14.92 -12.83 -4.29
C THR A 1002 -13.77 -11.85 -4.11
N ILE A 1003 -12.98 -12.01 -3.05
CA ILE A 1003 -11.85 -11.11 -2.84
C ILE A 1003 -10.83 -11.26 -3.96
N SER A 1004 -10.53 -12.50 -4.37
CA SER A 1004 -9.57 -12.71 -5.44
C SER A 1004 -10.08 -12.12 -6.76
N MET A 1005 -11.37 -12.32 -7.05
CA MET A 1005 -11.93 -11.76 -8.28
C MET A 1005 -11.85 -10.24 -8.28
N ALA A 1006 -12.27 -9.62 -7.18
CA ALA A 1006 -12.24 -8.15 -7.10
C ALA A 1006 -10.81 -7.63 -7.17
N ARG A 1007 -9.88 -8.26 -6.47
CA ARG A 1007 -8.50 -7.78 -6.46
C ARG A 1007 -7.84 -7.95 -7.82
N CYS A 1008 -8.10 -9.07 -8.50
CA CYS A 1008 -7.53 -9.26 -9.83
C CYS A 1008 -8.11 -8.25 -10.82
N THR A 1009 -9.42 -8.02 -10.78
CA THR A 1009 -10.00 -7.03 -11.68
C THR A 1009 -9.47 -5.63 -11.38
N LEU A 1010 -9.33 -5.28 -10.10
CA LEU A 1010 -8.81 -3.97 -9.75
C LEU A 1010 -7.36 -3.80 -10.16
N THR A 1011 -6.55 -4.85 -10.00
CA THR A 1011 -5.17 -4.77 -10.45
C THR A 1011 -5.08 -4.62 -11.96
N LEU A 1012 -5.93 -5.36 -12.69
CA LEU A 1012 -5.94 -5.22 -14.15
C LEU A 1012 -6.33 -3.81 -14.57
N LEU A 1013 -7.36 -3.25 -13.94
CA LEU A 1013 -7.76 -1.90 -14.27
C LEU A 1013 -6.68 -0.88 -13.90
N LYS A 1014 -6.01 -1.09 -12.76
CA LYS A 1014 -4.97 -0.17 -12.35
C LYS A 1014 -3.79 -0.19 -13.31
N THR A 1015 -3.33 -1.38 -13.70
CA THR A 1015 -2.24 -1.47 -14.67
C THR A 1015 -2.66 -1.10 -16.08
N MET A 1016 -3.96 -1.07 -16.37
CA MET A 1016 -4.40 -0.52 -17.65
C MET A 1016 -4.59 0.99 -17.60
N LEU A 1017 -4.69 1.57 -16.41
CA LEU A 1017 -4.87 3.00 -16.27
C LEU A 1017 -3.57 3.72 -15.87
N THR A 1018 -2.77 3.11 -15.00
CA THR A 1018 -1.48 3.71 -14.65
C THR A 1018 -0.56 3.80 -15.85
N GLU A 1019 -0.55 2.78 -16.70
CA GLU A 1019 0.31 2.77 -17.89
C GLU A 1019 -0.31 3.50 -19.06
N LEU A 1020 -1.54 4.00 -18.92
CA LEU A 1020 -2.19 4.81 -19.94
C LEU A 1020 -2.36 6.26 -19.51
N LEU A 1021 -2.84 6.50 -18.30
CA LEU A 1021 -3.03 7.85 -17.78
C LEU A 1021 -1.82 8.26 -16.93
N ARG A 1022 -0.69 8.39 -17.60
CA ARG A 1022 0.53 8.86 -16.95
C ARG A 1022 1.32 9.72 -17.93
N GLY A 1023 2.12 10.64 -17.38
CA GLY A 1023 2.92 11.51 -18.20
C GLY A 1023 2.10 12.38 -19.15
N GLY A 1024 2.16 12.06 -20.44
CA GLY A 1024 1.40 12.78 -21.44
C GLY A 1024 -0.09 12.76 -21.18
N SER A 1025 -0.75 13.88 -21.43
CA SER A 1025 -2.18 14.00 -21.16
C SER A 1025 -2.97 13.23 -22.21
N PHE A 1026 -3.69 12.20 -21.77
CA PHE A 1026 -4.59 11.45 -22.63
C PHE A 1026 -5.98 11.51 -22.02
N GLU A 1027 -6.95 12.04 -22.78
CA GLU A 1027 -8.32 12.13 -22.29
C GLU A 1027 -8.90 10.74 -22.12
N PHE A 1028 -9.52 10.51 -20.96
CA PHE A 1028 -10.14 9.22 -20.64
C PHE A 1028 -11.46 9.53 -19.94
N LYS A 1029 -12.54 9.61 -20.72
CA LYS A 1029 -13.85 9.97 -20.21
C LYS A 1029 -14.80 8.79 -20.22
N ASP A 1030 -14.28 7.61 -19.86
CA ASP A 1030 -15.11 6.41 -19.78
C ASP A 1030 -16.20 6.57 -18.72
N MET A 1031 -15.81 6.95 -17.50
CA MET A 1031 -16.72 7.24 -16.39
C MET A 1031 -17.59 6.04 -16.01
N ARG A 1032 -17.21 4.83 -16.45
CA ARG A 1032 -17.79 3.62 -15.91
C ARG A 1032 -16.91 2.97 -14.86
N VAL A 1033 -15.65 3.38 -14.78
CA VAL A 1033 -14.72 2.87 -13.78
C VAL A 1033 -14.98 3.57 -12.43
N PRO A 1034 -15.06 4.91 -12.35
CA PRO A 1034 -15.31 5.53 -11.04
C PRO A 1034 -16.71 5.23 -10.51
N SER A 1035 -17.72 5.23 -11.39
CA SER A 1035 -19.08 4.97 -10.97
C SER A 1035 -19.30 3.54 -10.49
N ALA A 1036 -18.45 2.60 -10.92
CA ALA A 1036 -18.50 1.24 -10.41
C ALA A 1036 -17.58 1.03 -9.21
N LEU A 1037 -16.48 1.78 -9.12
CA LEU A 1037 -15.59 1.66 -7.98
C LEU A 1037 -16.16 2.30 -6.73
N VAL A 1038 -16.91 3.40 -6.87
CA VAL A 1038 -17.55 4.00 -5.70
C VAL A 1038 -18.57 3.05 -5.08
N THR A 1039 -19.12 2.12 -5.86
CA THR A 1039 -20.05 1.12 -5.37
C THR A 1039 -19.36 -0.14 -4.88
N LEU A 1040 -18.29 -0.57 -5.56
CA LEU A 1040 -17.52 -1.70 -5.07
C LEU A 1040 -16.84 -1.38 -3.75
N HIS A 1041 -16.43 -0.13 -3.55
CA HIS A 1041 -15.90 0.28 -2.25
C HIS A 1041 -16.96 0.20 -1.18
N MET A 1042 -18.20 0.58 -1.51
CA MET A 1042 -19.30 0.41 -0.56
C MET A 1042 -19.50 -1.05 -0.21
N LEU A 1043 -19.49 -1.92 -1.20
CA LEU A 1043 -19.83 -3.32 -0.98
C LEU A 1043 -18.69 -4.10 -0.32
N LEU A 1044 -17.45 -3.62 -0.44
CA LEU A 1044 -16.31 -4.38 0.04
C LEU A 1044 -15.53 -3.70 1.17
N CYS A 1045 -15.31 -2.39 1.09
CA CYS A 1045 -14.39 -1.72 1.98
C CYS A 1045 -15.06 -0.61 2.81
N SER A 1046 -16.38 -0.56 2.84
CA SER A 1046 -17.08 0.53 3.51
C SER A 1046 -17.31 0.27 4.99
N ILE A 1047 -17.95 -0.85 5.34
CA ILE A 1047 -18.33 -1.11 6.72
C ILE A 1047 -17.74 -2.45 7.15
N PRO A 1048 -16.47 -2.50 7.53
CA PRO A 1048 -15.91 -3.76 8.06
C PRO A 1048 -16.47 -4.04 9.45
N LEU A 1049 -17.09 -5.21 9.60
CA LEU A 1049 -17.74 -5.55 10.85
C LEU A 1049 -16.73 -5.77 11.98
N SER A 1050 -15.46 -5.96 11.66
CA SER A 1050 -14.42 -6.12 12.67
C SER A 1050 -13.87 -4.79 13.18
N GLY A 1051 -14.35 -3.67 12.64
CA GLY A 1051 -13.87 -2.36 13.03
C GLY A 1051 -12.60 -1.92 12.32
N ARG A 1052 -12.01 -2.77 11.48
CA ARG A 1052 -10.80 -2.43 10.77
C ARG A 1052 -10.71 -3.31 9.53
N LEU A 1053 -10.21 -2.73 8.43
CA LEU A 1053 -10.07 -3.49 7.20
C LEU A 1053 -8.92 -4.48 7.33
N ASP A 1054 -9.19 -5.73 6.93
CA ASP A 1054 -8.19 -6.79 7.05
C ASP A 1054 -7.19 -6.69 5.91
N SER A 1055 -6.35 -7.72 5.77
CA SER A 1055 -5.24 -7.67 4.84
C SER A 1055 -5.67 -7.70 3.38
N ASP A 1056 -6.85 -8.26 3.08
CA ASP A 1056 -7.31 -8.39 1.71
C ASP A 1056 -8.38 -7.39 1.31
N GLU A 1057 -9.07 -6.77 2.26
CA GLU A 1057 -10.00 -5.68 1.96
C GLU A 1057 -9.33 -4.31 2.05
N GLN A 1058 -8.07 -4.27 2.45
CA GLN A 1058 -7.28 -3.04 2.38
C GLN A 1058 -6.52 -2.90 1.08
N LYS A 1059 -6.05 -4.02 0.52
CA LYS A 1059 -5.49 -3.98 -0.83
C LYS A 1059 -6.54 -3.56 -1.85
N ILE A 1060 -7.78 -4.02 -1.66
CA ILE A 1060 -8.86 -3.61 -2.55
C ILE A 1060 -9.10 -2.11 -2.44
N GLN A 1061 -9.13 -1.58 -1.21
CA GLN A 1061 -9.34 -0.15 -1.04
C GLN A 1061 -8.19 0.66 -1.64
N ASN A 1062 -6.95 0.19 -1.45
CA ASN A 1062 -5.81 0.88 -2.03
C ASN A 1062 -5.85 0.85 -3.55
N ASP A 1063 -6.27 -0.29 -4.12
CA ASP A 1063 -6.41 -0.36 -5.57
C ASP A 1063 -7.49 0.59 -6.07
N ILE A 1064 -8.61 0.69 -5.34
CA ILE A 1064 -9.67 1.63 -5.72
C ILE A 1064 -9.14 3.06 -5.68
N ILE A 1065 -8.42 3.40 -4.61
CA ILE A 1065 -7.89 4.76 -4.48
C ILE A 1065 -6.91 5.05 -5.61
N ASP A 1066 -6.04 4.09 -5.94
CA ASP A 1066 -5.08 4.30 -7.01
C ASP A 1066 -5.76 4.46 -8.36
N ILE A 1067 -6.78 3.63 -8.64
CA ILE A 1067 -7.48 3.76 -9.92
C ILE A 1067 -8.20 5.10 -10.02
N LEU A 1068 -8.87 5.54 -8.95
CA LEU A 1068 -9.51 6.85 -8.99
C LEU A 1068 -8.50 7.98 -9.08
N LEU A 1069 -7.33 7.84 -8.46
CA LEU A 1069 -6.31 8.87 -8.53
C LEU A 1069 -5.63 8.93 -9.89
N THR A 1070 -5.64 7.83 -10.65
CA THR A 1070 -5.11 7.85 -12.00
C THR A 1070 -5.91 8.74 -12.93
N PHE A 1071 -7.09 9.18 -12.53
CA PHE A 1071 -7.81 10.22 -13.24
C PHE A 1071 -7.30 11.62 -12.91
N THR A 1072 -6.49 11.74 -11.86
CA THR A 1072 -5.88 13.02 -11.52
C THR A 1072 -4.51 13.22 -12.17
N GLN A 1073 -3.72 12.17 -12.29
CA GLN A 1073 -2.44 12.26 -12.99
C GLN A 1073 -2.66 12.53 -14.47
N GLY A 1074 -1.64 13.09 -15.11
CA GLY A 1074 -1.74 13.42 -16.51
C GLY A 1074 -2.46 14.71 -16.81
N VAL A 1075 -2.87 15.46 -15.80
CA VAL A 1075 -3.56 16.73 -15.97
C VAL A 1075 -2.54 17.83 -15.75
N ASN A 1076 -2.26 18.61 -16.79
CA ASN A 1076 -1.31 19.71 -16.74
C ASN A 1076 -2.03 21.03 -16.55
N GLU A 1077 -1.24 22.09 -16.41
CA GLU A 1077 -1.80 23.43 -16.19
C GLU A 1077 -2.07 24.14 -17.51
N LYS A 1078 -2.78 23.42 -18.39
CA LYS A 1078 -3.33 24.02 -19.60
C LYS A 1078 -4.77 23.63 -19.86
N LEU A 1079 -5.25 22.49 -19.33
CA LEU A 1079 -6.66 22.15 -19.39
C LEU A 1079 -7.47 22.85 -18.31
N THR A 1080 -6.80 23.52 -17.36
CA THR A 1080 -7.46 24.23 -16.28
C THR A 1080 -7.54 25.73 -16.53
N ILE A 1081 -7.01 26.22 -17.65
CA ILE A 1081 -7.06 27.65 -17.94
C ILE A 1081 -8.49 28.14 -18.20
N SER A 1082 -9.30 27.35 -18.91
CA SER A 1082 -10.67 27.71 -19.22
C SER A 1082 -11.63 26.89 -18.39
N GLU A 1083 -12.65 27.54 -17.85
CA GLU A 1083 -13.65 26.88 -17.02
C GLU A 1083 -14.55 25.95 -17.80
N GLU A 1084 -14.71 26.16 -19.11
CA GLU A 1084 -15.48 25.24 -19.94
C GLU A 1084 -14.70 23.99 -20.32
N THR A 1085 -13.38 24.01 -20.18
CA THR A 1085 -12.55 22.82 -20.31
C THR A 1085 -12.18 22.22 -18.96
N LEU A 1086 -12.20 23.03 -17.90
CA LEU A 1086 -11.94 22.52 -16.56
C LEU A 1086 -13.06 21.61 -16.06
N ALA A 1087 -14.31 21.93 -16.41
CA ALA A 1087 -15.45 21.15 -15.96
C ALA A 1087 -15.67 19.89 -16.77
N ASN A 1088 -15.05 19.78 -17.95
CA ASN A 1088 -15.16 18.60 -18.78
C ASN A 1088 -13.87 17.78 -18.80
N ASN A 1089 -12.98 18.05 -17.86
CA ASN A 1089 -11.70 17.34 -17.78
C ASN A 1089 -11.95 15.90 -17.31
N THR A 1090 -10.94 15.06 -17.49
CA THR A 1090 -11.01 13.68 -17.01
C THR A 1090 -10.87 13.58 -15.49
N TRP A 1091 -10.53 14.68 -14.83
CA TRP A 1091 -10.48 14.77 -13.37
C TRP A 1091 -11.77 15.32 -12.79
N SER A 1092 -12.31 16.38 -13.39
CA SER A 1092 -13.59 16.92 -12.93
C SER A 1092 -14.71 15.91 -13.11
N LEU A 1093 -14.70 15.15 -14.20
CA LEU A 1093 -15.70 14.11 -14.40
C LEU A 1093 -15.59 13.01 -13.34
N MET A 1094 -14.38 12.58 -13.00
CA MET A 1094 -14.21 11.60 -11.92
C MET A 1094 -14.70 12.17 -10.60
N LEU A 1095 -14.38 13.43 -10.31
CA LEU A 1095 -14.86 14.03 -9.07
C LEU A 1095 -16.38 14.12 -9.04
N LYS A 1096 -17.00 14.43 -10.17
CA LYS A 1096 -18.46 14.44 -10.24
C LYS A 1096 -19.02 13.05 -9.98
N GLU A 1097 -18.43 12.01 -10.58
CA GLU A 1097 -18.93 10.66 -10.38
C GLU A 1097 -18.69 10.15 -8.96
N VAL A 1098 -17.68 10.68 -8.26
CA VAL A 1098 -17.46 10.28 -6.87
C VAL A 1098 -18.33 11.08 -5.90
N LEU A 1099 -18.58 12.36 -6.18
CA LEU A 1099 -19.39 13.21 -5.32
C LEU A 1099 -20.89 12.96 -5.47
N SER A 1100 -21.36 12.63 -6.68
CA SER A 1100 -22.77 12.35 -6.87
C SER A 1100 -23.16 10.97 -6.37
N SER A 1101 -22.20 10.09 -6.12
CA SER A 1101 -22.47 8.75 -5.62
C SER A 1101 -22.46 8.70 -4.09
N ILE A 1102 -22.29 9.84 -3.43
CA ILE A 1102 -22.34 9.90 -1.97
C ILE A 1102 -23.78 10.05 -1.54
N LEU A 1103 -24.44 11.10 -2.02
CA LEU A 1103 -25.83 11.38 -1.69
C LEU A 1103 -26.81 10.55 -2.51
N LYS A 1104 -26.33 9.51 -3.22
CA LYS A 1104 -27.23 8.69 -4.02
C LYS A 1104 -28.07 7.77 -3.15
N VAL A 1105 -27.44 7.01 -2.26
CA VAL A 1105 -28.15 6.09 -1.38
C VAL A 1105 -27.63 6.27 0.05
N PRO A 1106 -28.50 6.21 1.05
CA PRO A 1106 -28.03 6.34 2.44
C PRO A 1106 -27.08 5.24 2.88
N GLU A 1107 -27.08 4.08 2.22
CA GLU A 1107 -26.11 3.06 2.54
C GLU A 1107 -24.70 3.47 2.12
N GLY A 1108 -24.59 4.26 1.06
CA GLY A 1108 -23.33 4.78 0.58
C GLY A 1108 -22.88 6.08 1.20
N PHE A 1109 -23.62 6.59 2.19
CA PHE A 1109 -23.23 7.84 2.82
C PHE A 1109 -21.86 7.73 3.49
N PHE A 1110 -21.64 6.63 4.21
CA PHE A 1110 -20.34 6.42 4.84
C PHE A 1110 -19.27 6.03 3.83
N SER A 1111 -19.65 5.24 2.81
CA SER A 1111 -18.68 4.79 1.82
C SER A 1111 -18.12 5.95 1.02
N GLY A 1112 -18.99 6.83 0.56
CA GLY A 1112 -18.52 7.99 -0.18
C GLY A 1112 -17.61 8.88 0.65
N LEU A 1113 -17.94 9.06 1.93
CA LEU A 1113 -17.11 9.89 2.79
C LEU A 1113 -15.74 9.25 3.00
N ILE A 1114 -15.70 7.95 3.27
CA ILE A 1114 -14.43 7.30 3.54
C ILE A 1114 -13.61 7.13 2.27
N LEU A 1115 -14.25 7.18 1.10
CA LEU A 1115 -13.52 7.21 -0.17
C LEU A 1115 -12.96 8.59 -0.47
N LEU A 1116 -13.79 9.62 -0.32
CA LEU A 1116 -13.33 10.99 -0.54
C LEU A 1116 -12.26 11.39 0.46
N SER A 1117 -12.23 10.78 1.65
CA SER A 1117 -11.18 11.06 2.62
C SER A 1117 -9.84 10.48 2.21
N GLU A 1118 -9.82 9.46 1.36
CA GLU A 1118 -8.57 8.93 0.81
C GLU A 1118 -8.18 9.59 -0.50
N LEU A 1119 -9.16 9.95 -1.33
CA LEU A 1119 -8.85 10.67 -2.56
C LEU A 1119 -8.22 12.03 -2.26
N LEU A 1120 -8.79 12.77 -1.31
CA LEU A 1120 -8.30 14.11 -1.01
C LEU A 1120 -6.92 14.04 -0.39
N PRO A 1121 -6.07 15.04 -0.63
CA PRO A 1121 -4.73 15.01 -0.07
C PRO A 1121 -4.72 15.21 1.44
N LEU A 1122 -3.66 14.71 2.08
CA LEU A 1122 -3.54 14.81 3.51
C LEU A 1122 -3.40 16.26 3.94
N PRO A 1123 -3.80 16.59 5.17
CA PRO A 1123 -3.62 17.97 5.65
C PRO A 1123 -2.15 18.33 5.76
N LEU A 1124 -1.84 19.58 5.42
CA LEU A 1124 -0.52 20.13 5.64
C LEU A 1124 -0.39 20.63 7.07
N PRO A 1125 0.83 20.67 7.63
CA PRO A 1125 2.10 20.23 7.04
C PRO A 1125 2.34 18.73 7.17
N MET A 1126 3.13 18.17 6.25
CA MET A 1126 3.53 16.78 6.37
C MET A 1126 4.47 16.59 7.55
N GLN A 1127 4.33 15.46 8.25
CA GLN A 1127 5.26 15.08 9.30
C GLN A 1127 6.35 14.23 8.69
N THR A 1128 7.52 14.83 8.47
CA THR A 1128 8.65 14.15 7.83
C THR A 1128 9.86 14.18 8.74
N THR A 1129 10.68 13.13 8.67
CA THR A 1129 11.86 13.01 9.51
C THR A 1129 13.07 13.74 8.96
N GLN A 1130 12.99 14.30 7.75
CA GLN A 1130 14.14 14.94 7.14
C GLN A 1130 13.69 16.18 6.38
N VAL A 1131 14.63 17.10 6.16
CA VAL A 1131 14.34 18.31 5.41
C VAL A 1131 14.06 17.95 3.96
N ILE A 1132 13.18 18.73 3.34
CA ILE A 1132 12.69 18.46 1.99
C ILE A 1132 13.00 19.66 1.10
N GLU A 1133 13.40 19.38 -0.15
CA GLU A 1133 13.74 20.44 -1.08
C GLU A 1133 12.50 21.27 -1.40
N PRO A 1134 12.67 22.55 -1.76
CA PRO A 1134 11.50 23.38 -2.09
C PRO A 1134 10.71 22.89 -3.29
N HIS A 1135 11.30 22.07 -4.16
CA HIS A 1135 10.57 21.56 -5.32
C HIS A 1135 9.39 20.71 -4.90
N ASP A 1136 9.59 19.84 -3.90
CA ASP A 1136 8.49 19.02 -3.41
C ASP A 1136 7.42 19.86 -2.73
N ILE A 1137 7.83 20.90 -2.00
CA ILE A 1137 6.87 21.81 -1.39
C ILE A 1137 6.02 22.48 -2.47
N SER A 1138 6.67 22.94 -3.54
CA SER A 1138 5.95 23.58 -4.64
C SER A 1138 5.02 22.59 -5.33
N VAL A 1139 5.45 21.36 -5.56
CA VAL A 1139 4.57 20.41 -6.25
C VAL A 1139 3.41 20.01 -5.36
N ALA A 1140 3.61 19.90 -4.05
CA ALA A 1140 2.50 19.60 -3.15
C ALA A 1140 1.49 20.74 -3.13
N LEU A 1141 1.97 21.98 -3.04
CA LEU A 1141 1.06 23.11 -3.06
C LEU A 1141 0.34 23.22 -4.39
N ASN A 1142 1.01 22.91 -5.50
CA ASN A 1142 0.35 22.92 -6.80
C ASN A 1142 -0.69 21.82 -6.90
N THR A 1143 -0.41 20.64 -6.34
CA THR A 1143 -1.39 19.57 -6.32
C THR A 1143 -2.63 19.98 -5.54
N ARG A 1144 -2.44 20.62 -4.38
CA ARG A 1144 -3.59 21.09 -3.61
C ARG A 1144 -4.35 22.19 -4.35
N LYS A 1145 -3.64 23.08 -5.05
CA LYS A 1145 -4.32 24.11 -5.83
C LYS A 1145 -5.14 23.48 -6.96
N LEU A 1146 -4.59 22.46 -7.61
CA LEU A 1146 -5.34 21.76 -8.66
C LEU A 1146 -6.56 21.06 -8.09
N TRP A 1147 -6.41 20.43 -6.92
CA TRP A 1147 -7.56 19.80 -6.27
C TRP A 1147 -8.64 20.83 -5.94
N SER A 1148 -8.23 21.99 -5.45
CA SER A 1148 -9.20 23.05 -5.16
C SER A 1148 -9.89 23.54 -6.43
N MET A 1149 -9.14 23.69 -7.52
CA MET A 1149 -9.74 24.12 -8.77
C MET A 1149 -10.74 23.10 -9.29
N HIS A 1150 -10.41 21.81 -9.18
CA HIS A 1150 -11.30 20.76 -9.66
C HIS A 1150 -12.43 20.45 -8.69
N LEU A 1151 -12.37 20.96 -7.45
CA LEU A 1151 -13.48 20.82 -6.52
C LEU A 1151 -14.39 22.04 -6.48
N HIS A 1152 -13.90 23.21 -6.87
CA HIS A 1152 -14.71 24.41 -6.88
C HIS A 1152 -15.72 24.41 -8.03
N VAL A 1153 -15.53 23.58 -9.05
CA VAL A 1153 -16.56 23.39 -10.06
C VAL A 1153 -17.69 22.50 -9.55
N GLN A 1154 -17.43 21.70 -8.52
CA GLN A 1154 -18.46 20.91 -7.83
C GLN A 1154 -18.90 21.59 -6.54
N ALA A 1155 -18.98 22.92 -6.54
CA ALA A 1155 -19.34 23.64 -5.33
C ALA A 1155 -20.72 23.25 -4.83
N LYS A 1156 -21.67 23.10 -5.75
CA LYS A 1156 -23.04 22.73 -5.38
C LYS A 1156 -23.16 21.30 -4.91
N LEU A 1157 -22.11 20.49 -5.05
CA LEU A 1157 -22.08 19.14 -4.51
C LEU A 1157 -21.40 19.06 -3.16
N LEU A 1158 -20.27 19.77 -2.98
CA LEU A 1158 -19.67 19.85 -1.65
C LEU A 1158 -20.60 20.57 -0.68
N GLN A 1159 -21.29 21.61 -1.16
CA GLN A 1159 -22.26 22.30 -0.30
C GLN A 1159 -23.35 21.34 0.16
N GLU A 1160 -23.85 20.50 -0.74
CA GLU A 1160 -24.87 19.52 -0.36
C GLU A 1160 -24.31 18.44 0.55
N ILE A 1161 -23.07 18.02 0.34
CA ILE A 1161 -22.47 17.02 1.21
C ILE A 1161 -22.33 17.55 2.63
N VAL A 1162 -21.88 18.79 2.79
CA VAL A 1162 -21.69 19.36 4.12
C VAL A 1162 -22.98 19.91 4.71
N ARG A 1163 -24.00 20.16 3.90
CA ARG A 1163 -25.32 20.54 4.42
C ARG A 1163 -26.18 19.34 4.75
N SER A 1164 -25.83 18.16 4.22
CA SER A 1164 -26.62 16.95 4.43
C SER A 1164 -26.19 16.19 5.67
N PHE A 1165 -24.90 15.87 5.77
CA PHE A 1165 -24.38 15.09 6.88
C PHE A 1165 -24.15 15.89 8.14
N SER A 1166 -24.27 17.21 8.06
CA SER A 1166 -24.20 18.04 9.26
C SER A 1166 -25.51 17.89 10.04
N GLY A 1167 -25.40 17.64 11.34
CA GLY A 1167 -26.57 17.38 12.17
C GLY A 1167 -26.88 15.91 12.32
N THR A 1168 -26.17 15.03 11.62
CA THR A 1168 -26.39 13.60 11.79
C THR A 1168 -25.88 13.15 13.16
N THR A 1169 -26.42 12.02 13.62
CA THR A 1169 -26.02 11.44 14.90
C THR A 1169 -25.28 10.12 14.73
N CYS A 1170 -25.14 9.64 13.50
CA CYS A 1170 -24.32 8.47 13.23
C CYS A 1170 -22.87 8.87 13.39
N GLN A 1171 -22.25 8.39 14.45
CA GLN A 1171 -20.88 8.82 14.77
C GLN A 1171 -19.87 8.59 13.65
N PRO A 1172 -19.83 7.44 12.97
CA PRO A 1172 -18.89 7.33 11.84
C PRO A 1172 -19.11 8.37 10.76
N ILE A 1173 -20.37 8.63 10.41
CA ILE A 1173 -20.66 9.57 9.33
C ILE A 1173 -20.29 10.99 9.74
N GLN A 1174 -20.64 11.40 10.96
CA GLN A 1174 -20.28 12.74 11.42
C GLN A 1174 -18.77 12.89 11.54
N HIS A 1175 -18.09 11.86 12.03
CA HIS A 1175 -16.64 11.92 12.14
C HIS A 1175 -15.98 12.05 10.77
N MET A 1176 -16.45 11.28 9.79
CA MET A 1176 -15.84 11.36 8.47
C MET A 1176 -16.23 12.65 7.76
N LEU A 1177 -17.40 13.21 8.07
CA LEU A 1177 -17.76 14.51 7.52
C LEU A 1177 -16.83 15.60 8.05
N ARG A 1178 -16.58 15.60 9.36
CA ARG A 1178 -15.67 16.60 9.91
C ARG A 1178 -14.22 16.29 9.59
N ARG A 1179 -13.91 15.08 9.12
CA ARG A 1179 -12.58 14.81 8.57
C ARG A 1179 -12.46 15.30 7.13
N ILE A 1180 -13.52 15.15 6.34
CA ILE A 1180 -13.55 15.67 4.98
C ILE A 1180 -13.42 17.18 5.01
N CYS A 1181 -14.17 17.84 5.88
CA CYS A 1181 -14.16 19.30 5.95
C CYS A 1181 -12.83 19.81 6.50
N VAL A 1182 -11.97 18.91 6.96
CA VAL A 1182 -10.63 19.28 7.38
C VAL A 1182 -9.67 19.08 6.22
N GLN A 1183 -9.76 17.93 5.55
CA GLN A 1183 -8.94 17.70 4.37
C GLN A 1183 -9.27 18.68 3.26
N LEU A 1184 -10.55 18.94 3.05
CA LEU A 1184 -10.99 19.69 1.88
C LEU A 1184 -10.88 21.19 2.07
N CYS A 1185 -10.67 21.67 3.30
CA CYS A 1185 -10.39 23.07 3.54
C CYS A 1185 -8.91 23.37 3.62
N ASP A 1186 -8.06 22.35 3.61
CA ASP A 1186 -6.61 22.54 3.65
C ASP A 1186 -6.00 22.69 2.28
N LEU A 1187 -6.82 22.67 1.22
CA LEU A 1187 -6.29 22.72 -0.13
C LEU A 1187 -5.93 24.15 -0.54
N ALA A 1188 -6.92 25.04 -0.56
CA ALA A 1188 -6.68 26.42 -0.98
C ALA A 1188 -7.78 27.30 -0.40
N SER A 1189 -7.63 28.60 -0.64
CA SER A 1189 -8.59 29.57 -0.11
C SER A 1189 -10.01 29.37 -0.61
N PRO A 1190 -10.27 29.20 -1.92
CA PRO A 1190 -11.67 29.07 -2.36
C PRO A 1190 -12.37 27.86 -1.79
N THR A 1191 -11.70 26.70 -1.75
CA THR A 1191 -12.33 25.47 -1.30
C THR A 1191 -12.50 25.40 0.21
N ALA A 1192 -11.81 26.26 0.97
CA ALA A 1192 -12.03 26.39 2.40
C ALA A 1192 -13.10 27.42 2.71
N LEU A 1193 -13.06 28.56 2.02
CA LEU A 1193 -14.11 29.56 2.17
C LEU A 1193 -15.46 29.00 1.76
N LEU A 1194 -15.50 28.13 0.76
CA LEU A 1194 -16.76 27.51 0.35
C LEU A 1194 -17.38 26.73 1.51
N ILE A 1195 -16.60 25.82 2.10
CA ILE A 1195 -17.11 24.98 3.18
C ILE A 1195 -17.49 25.83 4.38
N MET A 1196 -16.67 26.83 4.71
CA MET A 1196 -16.94 27.57 5.93
C MET A 1196 -18.11 28.53 5.75
N ARG A 1197 -18.26 29.13 4.56
CA ARG A 1197 -19.49 29.86 4.27
C ARG A 1197 -20.69 28.95 4.40
N THR A 1198 -20.60 27.73 3.87
CA THR A 1198 -21.74 26.82 3.95
C THR A 1198 -22.08 26.51 5.41
N VAL A 1199 -21.07 26.22 6.23
CA VAL A 1199 -21.33 25.86 7.63
C VAL A 1199 -21.91 27.04 8.40
N LEU A 1200 -21.33 28.23 8.23
CA LEU A 1200 -21.80 29.39 8.97
C LEU A 1200 -23.19 29.84 8.50
N ASP A 1201 -23.45 29.80 7.20
CA ASP A 1201 -24.78 30.11 6.70
C ASP A 1201 -25.80 29.09 7.17
N LEU A 1202 -25.40 27.82 7.25
CA LEU A 1202 -26.30 26.79 7.77
C LEU A 1202 -26.61 27.04 9.24
N ILE A 1203 -25.60 27.45 10.01
CA ILE A 1203 -25.84 27.78 11.42
C ILE A 1203 -26.79 28.96 11.55
N VAL A 1204 -26.57 30.02 10.77
CA VAL A 1204 -27.41 31.20 10.92
C VAL A 1204 -28.83 30.91 10.45
N GLU A 1205 -28.99 30.13 9.38
CA GLU A 1205 -30.33 29.76 8.94
C GLU A 1205 -31.02 28.83 9.91
N ASP A 1206 -30.28 27.96 10.61
CA ASP A 1206 -30.87 27.14 11.66
C ASP A 1206 -31.32 27.99 12.85
N LEU A 1207 -30.52 29.00 13.22
CA LEU A 1207 -30.91 29.83 14.36
C LEU A 1207 -32.04 30.79 14.01
N GLN A 1208 -32.16 31.22 12.76
CA GLN A 1208 -33.27 32.06 12.34
C GLN A 1208 -34.44 31.24 11.83
N SER A 1209 -34.32 29.91 11.80
CA SER A 1209 -35.39 29.03 11.34
C SER A 1209 -36.54 28.92 12.34
N THR A 1210 -36.25 28.97 13.64
CA THR A 1210 -37.27 28.85 14.66
C THR A 1210 -37.34 30.06 15.58
N SER A 1211 -36.48 31.06 15.38
CA SER A 1211 -36.45 32.25 16.22
C SER A 1211 -36.72 33.52 15.42
N GLU A 1212 -37.52 33.41 14.37
CA GLU A 1212 -37.87 34.57 13.57
C GLU A 1212 -38.83 35.47 14.33
N ASP A 1213 -38.53 36.77 14.33
CA ASP A 1213 -39.33 37.76 15.06
C ASP A 1213 -39.40 37.45 16.55
N LYS A 1214 -38.42 36.72 17.07
CA LYS A 1214 -38.39 36.31 18.46
C LYS A 1214 -36.94 36.22 18.92
N GLU A 1215 -36.77 36.00 20.22
CA GLU A 1215 -35.44 35.77 20.76
C GLU A 1215 -34.92 34.41 20.32
N LYS A 1216 -33.59 34.28 20.31
CA LYS A 1216 -32.96 33.08 19.79
C LYS A 1216 -33.32 31.86 20.62
N GLN A 1217 -33.70 30.79 19.93
CA GLN A 1217 -34.04 29.52 20.56
C GLN A 1217 -33.15 28.44 19.98
N TYR A 1218 -32.52 27.67 20.86
CA TYR A 1218 -31.53 26.68 20.44
C TYR A 1218 -32.08 25.27 20.64
N THR A 1219 -31.92 24.44 19.62
CA THR A 1219 -32.32 23.04 19.65
C THR A 1219 -31.09 22.16 19.57
N SER A 1220 -31.29 20.84 19.57
CA SER A 1220 -30.16 19.92 19.51
C SER A 1220 -29.56 19.86 18.12
N GLN A 1221 -30.34 20.17 17.08
CA GLN A 1221 -29.75 20.35 15.76
C GLN A 1221 -28.69 21.45 15.80
N THR A 1222 -28.99 22.54 16.51
CA THR A 1222 -28.02 23.61 16.65
C THR A 1222 -26.77 23.16 17.39
N THR A 1223 -26.92 22.36 18.44
CA THR A 1223 -25.72 21.96 19.18
C THR A 1223 -24.88 20.96 18.40
N ARG A 1224 -25.51 20.08 17.61
CA ARG A 1224 -24.72 19.21 16.74
C ARG A 1224 -24.01 20.03 15.66
N LEU A 1225 -24.70 21.03 15.11
CA LEU A 1225 -24.09 21.88 14.10
C LEU A 1225 -22.91 22.67 14.68
N LEU A 1226 -23.06 23.17 15.90
CA LEU A 1226 -21.97 23.86 16.57
C LEU A 1226 -20.84 22.91 16.92
N ALA A 1227 -21.15 21.66 17.25
CA ALA A 1227 -20.09 20.68 17.45
C ALA A 1227 -19.30 20.46 16.18
N LEU A 1228 -19.98 20.39 15.04
CA LEU A 1228 -19.27 20.31 13.77
C LEU A 1228 -18.39 21.53 13.55
N LEU A 1229 -18.93 22.72 13.78
CA LEU A 1229 -18.16 23.94 13.58
C LEU A 1229 -16.93 23.97 14.48
N ASP A 1230 -17.07 23.56 15.73
CA ASP A 1230 -15.96 23.51 16.67
C ASP A 1230 -14.91 22.46 16.30
N ALA A 1231 -15.35 21.28 15.84
CA ALA A 1231 -14.39 20.29 15.40
C ALA A 1231 -13.61 20.79 14.19
N LEU A 1232 -14.26 21.59 13.33
CA LEU A 1232 -13.55 22.19 12.21
C LEU A 1232 -12.70 23.37 12.65
N ALA A 1233 -13.21 24.20 13.57
CA ALA A 1233 -12.51 25.41 13.97
C ALA A 1233 -11.20 25.14 14.71
N SER A 1234 -10.97 23.91 15.15
CA SER A 1234 -9.73 23.58 15.84
C SER A 1234 -8.58 23.28 14.88
N HIS A 1235 -8.73 23.60 13.60
CA HIS A 1235 -7.73 23.31 12.59
C HIS A 1235 -7.26 24.61 11.95
N LYS A 1236 -6.08 24.55 11.32
CA LYS A 1236 -5.40 25.76 10.89
C LYS A 1236 -6.17 26.50 9.81
N ALA A 1237 -6.55 25.79 8.75
CA ALA A 1237 -7.18 26.46 7.61
C ALA A 1237 -8.63 26.83 7.90
N CYS A 1238 -9.37 25.96 8.58
CA CYS A 1238 -10.76 26.26 8.89
C CYS A 1238 -10.88 27.41 9.86
N LYS A 1239 -9.95 27.53 10.81
CA LYS A 1239 -9.97 28.66 11.73
C LYS A 1239 -9.79 29.98 10.99
N LEU A 1240 -8.84 30.02 10.05
CA LEU A 1240 -8.64 31.24 9.27
C LEU A 1240 -9.79 31.51 8.33
N ALA A 1241 -10.41 30.46 7.78
CA ALA A 1241 -11.59 30.65 6.94
C ALA A 1241 -12.75 31.24 7.75
N ILE A 1242 -12.94 30.76 8.98
CA ILE A 1242 -13.90 31.39 9.87
C ILE A 1242 -13.54 32.84 10.11
N LEU A 1243 -12.27 33.10 10.42
CA LEU A 1243 -11.84 34.42 10.81
C LEU A 1243 -12.03 35.44 9.70
N HIS A 1244 -11.65 35.09 8.47
CA HIS A 1244 -11.70 36.01 7.35
C HIS A 1244 -13.12 36.20 6.82
N LEU A 1245 -14.09 35.48 7.36
CA LEU A 1245 -15.50 35.74 7.14
C LEU A 1245 -16.10 36.59 8.25
N ILE A 1246 -15.76 36.27 9.51
CA ILE A 1246 -16.41 36.93 10.64
C ILE A 1246 -15.82 38.32 10.89
N ASN A 1247 -14.69 38.66 10.26
CA ASN A 1247 -14.23 40.05 10.34
C ASN A 1247 -15.26 41.01 9.75
N GLY A 1248 -15.96 40.58 8.71
CA GLY A 1248 -16.93 41.43 8.05
C GLY A 1248 -16.47 42.12 6.80
N THR A 1249 -15.38 41.67 6.17
CA THR A 1249 -14.94 42.21 4.90
C THR A 1249 -16.07 42.08 3.89
N ILE A 1250 -16.36 43.17 3.16
CA ILE A 1250 -17.58 43.22 2.35
C ILE A 1250 -17.49 42.27 1.16
N LYS A 1251 -18.16 41.13 1.28
CA LYS A 1251 -18.40 40.20 0.19
C LYS A 1251 -19.79 39.58 0.31
N GLY A 1252 -20.71 40.26 1.00
CA GLY A 1252 -21.95 39.64 1.41
C GLY A 1252 -21.88 38.86 2.70
N ASP A 1253 -20.91 39.17 3.57
CA ASP A 1253 -20.62 38.37 4.75
C ASP A 1253 -21.12 39.00 6.05
N GLU A 1254 -22.09 39.90 5.96
CA GLU A 1254 -22.66 40.48 7.17
C GLU A 1254 -23.35 39.44 8.02
N ARG A 1255 -23.99 38.45 7.39
CA ARG A 1255 -24.74 37.46 8.16
C ARG A 1255 -23.82 36.65 9.07
N TYR A 1256 -22.61 36.34 8.61
CA TYR A 1256 -21.68 35.59 9.45
C TYR A 1256 -21.23 36.41 10.65
N ALA A 1257 -20.94 37.70 10.45
CA ALA A 1257 -20.57 38.55 11.58
C ALA A 1257 -21.72 38.66 12.59
N GLU A 1258 -22.94 38.86 12.09
CA GLU A 1258 -24.09 38.93 13.00
C GLU A 1258 -24.31 37.63 13.75
N ILE A 1259 -24.15 36.48 13.08
CA ILE A 1259 -24.37 35.22 13.77
C ILE A 1259 -23.26 34.96 14.80
N PHE A 1260 -22.03 35.39 14.52
CA PHE A 1260 -20.99 35.24 15.52
C PHE A 1260 -21.27 36.14 16.72
N GLN A 1261 -21.75 37.37 16.49
CA GLN A 1261 -22.18 38.20 17.59
C GLN A 1261 -23.31 37.55 18.37
N ASP A 1262 -24.20 36.85 17.67
CA ASP A 1262 -25.29 36.15 18.36
C ASP A 1262 -24.77 35.01 19.24
N LEU A 1263 -23.79 34.26 18.75
CA LEU A 1263 -23.17 33.22 19.58
C LEU A 1263 -22.47 33.82 20.79
N LEU A 1264 -21.77 34.94 20.61
CA LEU A 1264 -21.13 35.60 21.75
C LEU A 1264 -22.16 36.06 22.77
N ALA A 1265 -23.28 36.62 22.30
CA ALA A 1265 -24.36 37.00 23.21
C ALA A 1265 -24.96 35.78 23.91
N LEU A 1266 -25.05 34.65 23.21
CA LEU A 1266 -25.48 33.41 23.83
C LEU A 1266 -24.57 33.04 24.99
N VAL A 1267 -23.26 33.09 24.76
CA VAL A 1267 -22.32 32.71 25.82
C VAL A 1267 -22.39 33.69 26.98
N ARG A 1268 -22.57 34.99 26.69
CA ARG A 1268 -22.74 35.97 27.76
C ARG A 1268 -23.96 35.70 28.63
N SER A 1269 -24.98 35.03 28.11
CA SER A 1269 -26.19 34.75 28.87
C SER A 1269 -26.71 33.37 28.49
N PRO A 1270 -26.20 32.30 29.13
CA PRO A 1270 -26.56 30.96 28.69
C PRO A 1270 -27.95 30.52 29.14
N GLY A 1271 -28.39 30.95 30.32
CA GLY A 1271 -29.67 30.53 30.84
C GLY A 1271 -29.61 29.17 31.51
N ASP A 1272 -30.78 28.70 31.93
CA ASP A 1272 -30.88 27.44 32.67
C ASP A 1272 -31.19 26.24 31.79
N SER A 1273 -31.44 26.44 30.51
CA SER A 1273 -31.80 25.33 29.63
C SER A 1273 -30.63 24.35 29.50
N VAL A 1274 -30.98 23.07 29.44
CA VAL A 1274 -29.96 22.01 29.35
C VAL A 1274 -29.33 21.94 27.96
N ILE A 1275 -29.99 22.48 26.94
CA ILE A 1275 -29.42 22.48 25.59
C ILE A 1275 -28.56 23.72 25.36
N ARG A 1276 -28.90 24.84 25.99
CA ARG A 1276 -28.06 26.03 25.89
C ARG A 1276 -26.73 25.83 26.61
N GLN A 1277 -26.76 25.14 27.75
CA GLN A 1277 -25.54 24.76 28.46
C GLN A 1277 -24.66 23.82 27.66
N GLN A 1278 -25.21 23.15 26.66
CA GLN A 1278 -24.42 22.30 25.78
C GLN A 1278 -23.95 23.02 24.54
N CYS A 1279 -24.58 24.14 24.17
CA CYS A 1279 -24.11 24.98 23.08
C CYS A 1279 -23.03 25.96 23.52
N VAL A 1280 -23.12 26.46 24.75
CA VAL A 1280 -22.15 27.43 25.21
C VAL A 1280 -20.76 26.81 25.33
N GLU A 1281 -20.68 25.52 25.70
CA GLU A 1281 -19.36 24.89 25.74
C GLU A 1281 -18.75 24.79 24.34
N TYR A 1282 -19.55 24.46 23.33
CA TYR A 1282 -19.04 24.43 21.97
C TYR A 1282 -18.61 25.81 21.50
N VAL A 1283 -19.40 26.84 21.81
CA VAL A 1283 -19.03 28.19 21.38
C VAL A 1283 -17.77 28.67 22.10
N THR A 1284 -17.63 28.34 23.39
CA THR A 1284 -16.40 28.73 24.10
C THR A 1284 -15.19 27.97 23.60
N SER A 1285 -15.37 26.69 23.21
CA SER A 1285 -14.27 25.98 22.58
C SER A 1285 -13.90 26.59 21.23
N ILE A 1286 -14.90 27.06 20.48
CA ILE A 1286 -14.62 27.79 19.25
C ILE A 1286 -13.82 29.05 19.54
N LEU A 1287 -14.21 29.78 20.58
CA LEU A 1287 -13.48 30.98 20.97
C LEU A 1287 -12.05 30.67 21.37
N GLN A 1288 -11.85 29.56 22.09
CA GLN A 1288 -10.50 29.11 22.43
C GLN A 1288 -9.69 28.83 21.17
N SER A 1289 -10.31 28.13 20.21
CA SER A 1289 -9.58 27.77 18.99
C SER A 1289 -9.23 29.00 18.17
N LEU A 1290 -10.14 29.96 18.03
CA LEU A 1290 -9.85 31.16 17.24
C LEU A 1290 -8.69 31.94 17.84
N CYS A 1291 -8.67 32.07 19.16
CA CYS A 1291 -7.64 32.83 19.84
C CYS A 1291 -6.35 32.06 20.04
N ASP A 1292 -6.32 30.77 19.67
CA ASP A 1292 -5.12 29.95 19.82
C ASP A 1292 -4.13 30.35 18.73
N GLN A 1293 -3.01 30.94 19.14
CA GLN A 1293 -1.99 31.35 18.17
C GLN A 1293 -1.37 30.15 17.45
N ASP A 1294 -1.24 29.01 18.14
CA ASP A 1294 -0.58 27.86 17.55
C ASP A 1294 -1.35 27.30 16.36
N ILE A 1295 -2.67 27.51 16.34
CA ILE A 1295 -3.52 27.01 15.25
C ILE A 1295 -3.53 28.10 14.18
N ALA A 1296 -2.61 27.99 13.22
CA ALA A 1296 -2.55 28.94 12.11
C ALA A 1296 -1.78 28.31 10.96
N LEU A 1297 -2.01 28.86 9.77
CA LEU A 1297 -1.26 28.40 8.60
C LEU A 1297 0.21 28.76 8.70
N ILE A 1298 0.51 29.96 9.17
CA ILE A 1298 1.88 30.37 9.45
C ILE A 1298 2.17 30.07 10.92
N LEU A 1299 2.90 28.99 11.16
CA LEU A 1299 3.18 28.59 12.54
C LEU A 1299 4.05 29.65 13.22
N PRO A 1300 3.78 29.97 14.49
CA PRO A 1300 4.53 31.03 15.16
C PRO A 1300 5.99 30.63 15.35
N SER A 1301 6.89 31.55 14.99
CA SER A 1301 8.33 31.32 15.14
C SER A 1301 9.02 32.67 15.19
N SER A 1302 9.68 32.96 16.30
CA SER A 1302 10.41 34.22 16.45
C SER A 1302 11.64 34.29 15.56
N SER A 1303 12.24 33.15 15.24
CA SER A 1303 13.42 33.13 14.39
C SER A 1303 13.04 33.23 12.92
N GLU A 1304 14.05 33.26 12.06
CA GLU A 1304 13.83 33.36 10.63
C GLU A 1304 13.23 32.06 10.09
N GLY A 1305 12.70 32.14 8.87
CA GLY A 1305 11.91 31.08 8.28
C GLY A 1305 10.42 31.34 8.32
N SER A 1306 9.99 32.36 9.06
CA SER A 1306 8.59 32.76 9.11
C SER A 1306 8.53 34.24 9.45
N ILE A 1307 7.35 34.83 9.25
CA ILE A 1307 7.19 36.25 9.54
C ILE A 1307 7.33 36.50 11.04
N SER A 1308 7.52 37.77 11.39
CA SER A 1308 7.69 38.15 12.79
C SER A 1308 6.41 37.85 13.58
N GLU A 1309 6.58 37.63 14.88
CA GLU A 1309 5.45 37.19 15.71
C GLU A 1309 4.34 38.23 15.73
N LEU A 1310 4.68 39.52 15.84
CA LEU A 1310 3.67 40.56 15.81
C LEU A 1310 2.96 40.61 14.45
N GLU A 1311 3.67 40.32 13.36
CA GLU A 1311 3.04 40.19 12.06
C GLU A 1311 2.34 38.85 11.88
N GLN A 1312 2.61 37.88 12.74
CA GLN A 1312 1.94 36.58 12.71
C GLN A 1312 0.64 36.56 13.47
N LEU A 1313 0.51 37.36 14.53
CA LEU A 1313 -0.74 37.45 15.27
C LEU A 1313 -1.85 38.10 14.46
N SER A 1314 -1.54 38.77 13.35
CA SER A 1314 -2.56 39.31 12.47
C SER A 1314 -3.19 38.24 11.59
N ASN A 1315 -2.55 37.09 11.44
CA ASN A 1315 -3.09 35.96 10.70
C ASN A 1315 -3.40 34.79 11.62
N SER A 1316 -3.57 35.04 12.92
CA SER A 1316 -3.82 33.99 13.89
C SER A 1316 -4.98 34.36 14.79
N LEU A 1317 -5.27 35.66 14.90
CA LEU A 1317 -6.21 36.20 15.86
C LEU A 1317 -7.20 37.13 15.17
N PRO A 1318 -8.39 37.32 15.77
CA PRO A 1318 -9.36 38.26 15.18
C PRO A 1318 -8.88 39.70 15.17
N ASN A 1319 -9.66 40.58 14.55
CA ASN A 1319 -9.34 42.01 14.54
C ASN A 1319 -9.60 42.58 15.93
N LYS A 1320 -9.36 43.89 16.10
CA LYS A 1320 -9.45 44.47 17.43
C LYS A 1320 -10.87 44.55 17.96
N GLU A 1321 -11.85 44.84 17.09
CA GLU A 1321 -13.24 44.90 17.55
C GLU A 1321 -13.74 43.52 17.95
N LEU A 1322 -13.47 42.52 17.11
CA LEU A 1322 -13.86 41.15 17.43
C LEU A 1322 -13.12 40.65 18.67
N MET A 1323 -11.87 41.07 18.86
CA MET A 1323 -11.14 40.69 20.05
C MET A 1323 -11.74 41.32 21.31
N THR A 1324 -12.16 42.58 21.23
CA THR A 1324 -12.85 43.19 22.35
C THR A 1324 -14.15 42.46 22.66
N SER A 1325 -14.90 42.10 21.62
CA SER A 1325 -16.15 41.37 21.83
C SER A 1325 -15.89 40.01 22.48
N ILE A 1326 -14.85 39.29 22.01
CA ILE A 1326 -14.53 37.99 22.58
C ILE A 1326 -14.07 38.14 24.03
N CYS A 1327 -13.28 39.16 24.32
CA CYS A 1327 -12.84 39.38 25.70
C CYS A 1327 -14.02 39.69 26.62
N ASP A 1328 -14.95 40.54 26.17
CA ASP A 1328 -16.12 40.82 26.97
C ASP A 1328 -16.98 39.59 27.17
N CYS A 1329 -17.11 38.76 26.12
CA CYS A 1329 -17.85 37.52 26.24
C CYS A 1329 -17.21 36.57 27.24
N LEU A 1330 -15.89 36.43 27.19
CA LEU A 1330 -15.18 35.56 28.13
C LEU A 1330 -15.34 36.06 29.56
N LEU A 1331 -15.22 37.37 29.77
CA LEU A 1331 -15.41 37.91 31.11
C LEU A 1331 -16.83 37.69 31.60
N ALA A 1332 -17.83 37.89 30.74
CA ALA A 1332 -19.21 37.68 31.15
C ALA A 1332 -19.48 36.23 31.51
N THR A 1333 -18.97 35.28 30.73
CA THR A 1333 -19.20 33.88 31.05
C THR A 1333 -18.35 33.41 32.22
N LEU A 1334 -17.25 34.08 32.54
CA LEU A 1334 -16.53 33.78 33.78
C LEU A 1334 -17.26 34.35 34.99
N ALA A 1335 -17.89 35.51 34.85
CA ALA A 1335 -18.60 36.12 35.98
C ALA A 1335 -19.95 35.48 36.23
N ASN A 1336 -20.52 34.80 35.24
CA ASN A 1336 -21.83 34.19 35.41
C ASN A 1336 -21.77 33.05 36.43
N SER A 1337 -22.75 33.03 37.34
CA SER A 1337 -22.85 31.97 38.33
C SER A 1337 -23.58 30.74 37.81
N GLU A 1338 -24.10 30.80 36.59
CA GLU A 1338 -24.82 29.68 35.98
C GLU A 1338 -23.94 28.88 35.03
N SER A 1339 -22.75 29.37 34.72
CA SER A 1339 -21.87 28.71 33.75
C SER A 1339 -21.44 27.32 34.26
N SER A 1340 -21.19 26.42 33.32
CA SER A 1340 -20.80 25.06 33.65
C SER A 1340 -19.33 25.02 34.06
N TYR A 1341 -18.80 23.81 34.20
CA TYR A 1341 -17.40 23.64 34.56
C TYR A 1341 -16.50 23.49 33.34
N ASN A 1342 -16.94 22.73 32.33
CA ASN A 1342 -16.15 22.61 31.11
C ASN A 1342 -16.00 23.95 30.41
N CYS A 1343 -17.07 24.75 30.38
CA CYS A 1343 -16.98 26.07 29.79
C CYS A 1343 -16.03 26.97 30.57
N LEU A 1344 -16.04 26.89 31.91
CA LEU A 1344 -15.11 27.67 32.70
C LEU A 1344 -13.66 27.25 32.42
N LEU A 1345 -13.42 25.95 32.31
CA LEU A 1345 -12.07 25.48 31.98
C LEU A 1345 -11.63 25.96 30.60
N THR A 1346 -12.53 25.88 29.62
CA THR A 1346 -12.20 26.35 28.28
C THR A 1346 -11.93 27.85 28.27
N CYS A 1347 -12.72 28.63 29.01
CA CYS A 1347 -12.50 30.06 29.07
C CYS A 1347 -11.20 30.44 29.77
N VAL A 1348 -10.83 29.74 30.85
CA VAL A 1348 -9.54 30.06 31.46
C VAL A 1348 -8.40 29.64 30.56
N ARG A 1349 -8.56 28.55 29.79
CA ARG A 1349 -7.57 28.21 28.79
C ARG A 1349 -7.45 29.31 27.74
N THR A 1350 -8.58 29.89 27.33
CA THR A 1350 -8.54 30.99 26.37
C THR A 1350 -7.86 32.22 26.95
N MET A 1351 -8.11 32.53 28.22
CA MET A 1351 -7.41 33.65 28.84
C MET A 1351 -5.91 33.39 28.90
N MET A 1352 -5.52 32.15 29.20
CA MET A 1352 -4.10 31.79 29.11
C MET A 1352 -3.55 32.04 27.72
N PHE A 1353 -4.33 31.68 26.70
CA PHE A 1353 -3.89 31.89 25.31
C PHE A 1353 -3.71 33.38 25.01
N LEU A 1354 -4.64 34.22 25.46
CA LEU A 1354 -4.54 35.65 25.21
C LEU A 1354 -3.49 36.34 26.07
N ALA A 1355 -3.06 35.72 27.17
CA ALA A 1355 -2.06 36.33 28.04
C ALA A 1355 -0.63 36.10 27.56
N GLU A 1356 -0.45 35.37 26.46
CA GLU A 1356 0.89 35.03 25.98
C GLU A 1356 1.49 36.08 25.05
N HIS A 1357 0.76 37.16 24.75
CA HIS A 1357 1.26 38.20 23.86
C HIS A 1357 0.61 39.52 24.22
N ASP A 1358 1.28 40.62 23.84
CA ASP A 1358 0.87 41.94 24.30
C ASP A 1358 -0.47 42.38 23.71
N TYR A 1359 -0.82 41.91 22.51
CA TYR A 1359 -2.04 42.37 21.85
C TYR A 1359 -3.28 41.82 22.54
N GLY A 1360 -3.42 40.50 22.59
CA GLY A 1360 -4.55 39.90 23.27
C GLY A 1360 -4.58 40.24 24.75
N LEU A 1361 -3.41 40.34 25.38
CA LEU A 1361 -3.36 40.70 26.79
C LEU A 1361 -3.82 42.13 27.01
N PHE A 1362 -3.47 43.04 26.09
CA PHE A 1362 -3.99 44.40 26.17
C PHE A 1362 -5.51 44.42 26.03
N HIS A 1363 -6.04 43.65 25.09
CA HIS A 1363 -7.49 43.63 24.94
C HIS A 1363 -8.17 43.06 26.18
N LEU A 1364 -7.60 42.00 26.74
CA LEU A 1364 -8.13 41.42 27.98
C LEU A 1364 -8.09 42.43 29.12
N LYS A 1365 -6.96 43.11 29.27
CA LYS A 1365 -6.82 44.11 30.33
C LYS A 1365 -7.81 45.25 30.16
N SER A 1366 -8.01 45.71 28.92
CA SER A 1366 -9.00 46.74 28.67
C SER A 1366 -10.41 46.24 28.96
N SER A 1367 -10.65 44.95 28.81
CA SER A 1367 -11.98 44.41 29.09
C SER A 1367 -12.27 44.34 30.59
N LEU A 1368 -11.25 44.13 31.43
CA LEU A 1368 -11.46 44.03 32.87
C LEU A 1368 -11.94 45.33 33.51
N ARG A 1369 -11.73 46.48 32.87
CA ARG A 1369 -12.20 47.73 33.45
C ARG A 1369 -13.70 47.94 33.31
N LYS A 1370 -14.32 47.40 32.25
CA LYS A 1370 -15.77 47.48 32.13
C LYS A 1370 -16.46 46.34 32.87
N ASN A 1371 -15.72 45.33 33.30
CA ASN A 1371 -16.24 44.23 34.12
C ASN A 1371 -15.18 43.93 35.19
N SER A 1372 -15.27 44.61 36.33
CA SER A 1372 -14.26 44.51 37.36
C SER A 1372 -14.50 43.36 38.34
N SER A 1373 -15.64 42.67 38.25
CA SER A 1373 -15.96 41.58 39.16
C SER A 1373 -15.79 40.21 38.51
N ALA A 1374 -15.23 40.14 37.31
CA ALA A 1374 -15.11 38.87 36.61
C ALA A 1374 -14.14 37.94 37.31
N LEU A 1375 -12.93 38.43 37.64
CA LEU A 1375 -11.96 37.60 38.34
C LEU A 1375 -12.45 37.21 39.73
N HIS A 1376 -13.08 38.15 40.44
CA HIS A 1376 -13.62 37.84 41.76
C HIS A 1376 -14.69 36.77 41.66
N SER A 1377 -15.59 36.91 40.68
CA SER A 1377 -16.66 35.92 40.52
C SER A 1377 -16.09 34.55 40.17
N LEU A 1378 -15.10 34.50 39.29
CA LEU A 1378 -14.49 33.22 38.93
C LEU A 1378 -13.80 32.58 40.12
N LEU A 1379 -13.07 33.38 40.91
CA LEU A 1379 -12.38 32.82 42.06
C LEU A 1379 -13.37 32.33 43.11
N LYS A 1380 -14.45 33.08 43.32
CA LYS A 1380 -15.49 32.64 44.25
C LYS A 1380 -16.13 31.34 43.77
N ARG A 1381 -16.37 31.24 42.46
CA ARG A 1381 -16.93 30.02 41.89
C ARG A 1381 -15.99 28.83 42.08
N VAL A 1382 -14.69 29.04 41.91
CA VAL A 1382 -13.76 27.91 42.01
C VAL A 1382 -13.49 27.53 43.46
N VAL A 1383 -13.59 28.47 44.40
CA VAL A 1383 -13.37 28.11 45.80
C VAL A 1383 -14.64 27.63 46.49
N SER A 1384 -15.82 27.99 45.98
CA SER A 1384 -17.06 27.54 46.60
C SER A 1384 -17.38 26.09 46.28
N THR A 1385 -16.95 25.60 45.12
CA THR A 1385 -17.24 24.24 44.68
C THR A 1385 -15.95 23.52 44.33
N PHE A 1386 -14.95 23.60 45.20
CA PHE A 1386 -13.67 22.95 44.97
C PHE A 1386 -13.72 21.50 45.47
N SER A 1387 -13.20 20.59 44.64
CA SER A 1387 -13.09 19.18 45.01
C SER A 1387 -11.81 18.64 44.38
N LYS A 1388 -11.64 17.32 44.45
CA LYS A 1388 -10.46 16.70 43.86
C LYS A 1388 -10.54 16.59 42.34
N ASP A 1389 -11.74 16.73 41.76
CA ASP A 1389 -11.90 16.69 40.32
C ASP A 1389 -12.01 18.07 39.70
N THR A 1390 -12.48 19.06 40.46
CA THR A 1390 -12.54 20.43 39.96
C THR A 1390 -11.22 21.16 40.14
N GLY A 1391 -10.20 20.49 40.65
CA GLY A 1391 -8.92 21.15 40.87
C GLY A 1391 -8.22 21.56 39.58
N GLU A 1392 -8.62 20.98 38.46
CA GLU A 1392 -8.03 21.37 37.18
C GLU A 1392 -8.35 22.82 36.85
N LEU A 1393 -9.59 23.24 37.10
CA LEU A 1393 -9.97 24.63 36.85
C LEU A 1393 -9.17 25.57 37.75
N ALA A 1394 -9.01 25.20 39.02
CA ALA A 1394 -8.21 26.03 39.92
C ALA A 1394 -6.75 26.11 39.48
N SER A 1395 -6.18 24.98 39.03
CA SER A 1395 -4.80 24.99 38.57
C SER A 1395 -4.64 25.88 37.34
N SER A 1396 -5.58 25.79 36.40
CA SER A 1396 -5.54 26.63 35.21
C SER A 1396 -5.70 28.11 35.57
N PHE A 1397 -6.60 28.40 36.51
CA PHE A 1397 -6.80 29.78 36.93
C PHE A 1397 -5.55 30.34 37.58
N LEU A 1398 -4.89 29.53 38.42
CA LEU A 1398 -3.64 29.99 39.05
C LEU A 1398 -2.53 30.15 38.02
N GLU A 1399 -2.50 29.28 37.00
CA GLU A 1399 -1.50 29.44 35.95
C GLU A 1399 -1.71 30.73 35.17
N PHE A 1400 -2.96 31.05 34.83
CA PHE A 1400 -3.26 32.32 34.18
C PHE A 1400 -2.96 33.49 35.11
N MET A 1401 -3.30 33.35 36.39
CA MET A 1401 -3.03 34.31 37.45
C MET A 1401 -1.54 34.66 37.51
N ARG A 1402 -0.68 33.65 37.38
CA ARG A 1402 0.76 33.88 37.30
C ARG A 1402 1.17 34.46 35.95
N GLN A 1403 0.53 34.02 34.86
CA GLN A 1403 0.84 34.54 33.53
C GLN A 1403 0.60 36.04 33.42
N ILE A 1404 -0.31 36.59 34.21
CA ILE A 1404 -0.42 38.05 34.33
C ILE A 1404 0.68 38.65 35.19
N LEU A 1405 1.37 37.84 36.01
CA LEU A 1405 2.43 38.33 36.87
C LEU A 1405 3.81 37.77 36.53
N ASN A 1406 3.91 36.83 35.58
CA ASN A 1406 5.18 36.27 35.17
C ASN A 1406 5.97 37.20 34.25
N SER A 1407 5.44 38.39 33.96
CA SER A 1407 6.11 39.35 33.10
C SER A 1407 6.76 40.50 33.85
N ASP A 1408 6.32 40.79 35.07
CA ASP A 1408 6.95 41.84 35.87
C ASP A 1408 8.34 41.45 36.33
N THR A 1409 8.70 40.17 36.23
CA THR A 1409 10.03 39.70 36.64
C THR A 1409 11.10 40.23 35.69
N SER A 1428 10.46 41.18 29.59
CA SER A 1428 9.34 40.32 29.24
C SER A 1428 8.28 41.10 28.46
N ARG A 1429 7.01 40.84 28.77
CA ARG A 1429 5.92 41.55 28.13
C ARG A 1429 5.91 43.01 28.58
N THR A 1430 5.93 43.93 27.61
CA THR A 1430 5.84 45.34 27.95
C THR A 1430 4.45 45.72 28.45
N MET A 1431 3.45 44.87 28.20
CA MET A 1431 2.07 45.13 28.60
C MET A 1431 1.70 44.18 29.72
N SER A 1432 1.37 44.71 30.89
CA SER A 1432 1.01 43.90 32.05
C SER A 1432 0.47 44.82 33.14
N ILE A 1433 0.20 44.23 34.30
CA ILE A 1433 -0.26 44.95 35.48
C ILE A 1433 0.57 44.53 36.67
N ASN A 1434 0.62 45.40 37.68
CA ASN A 1434 1.33 45.10 38.91
C ASN A 1434 0.44 44.27 39.84
N ALA A 1435 1.03 43.88 40.98
CA ALA A 1435 0.28 43.08 41.93
C ALA A 1435 -0.84 43.85 42.59
N ALA A 1436 -0.64 45.15 42.84
CA ALA A 1436 -1.62 45.94 43.59
C ALA A 1436 -2.96 46.01 42.85
N GLU A 1437 -2.93 46.41 41.58
CA GLU A 1437 -4.17 46.53 40.82
C GLU A 1437 -4.84 45.19 40.65
N LEU A 1438 -4.07 44.12 40.47
CA LEU A 1438 -4.65 42.80 40.33
C LEU A 1438 -5.34 42.35 41.62
N LYS A 1439 -4.71 42.61 42.77
CA LYS A 1439 -5.34 42.28 44.04
C LYS A 1439 -6.61 43.07 44.25
N GLN A 1440 -6.61 44.37 43.93
CA GLN A 1440 -7.82 45.15 44.10
C GLN A 1440 -8.89 44.75 43.09
N LEU A 1441 -8.48 44.22 41.93
CA LEU A 1441 -9.43 43.69 40.97
C LEU A 1441 -10.05 42.39 41.46
N LEU A 1442 -9.30 41.63 42.27
CA LEU A 1442 -9.82 40.39 42.84
C LEU A 1442 -10.91 40.62 43.87
N GLN A 1443 -11.15 41.87 44.29
CA GLN A 1443 -12.14 42.16 45.31
C GLN A 1443 -13.13 43.20 44.81
N SER A 1444 -14.41 42.92 44.99
CA SER A 1444 -15.46 43.94 44.97
C SER A 1444 -15.86 44.36 46.38
N LYS A 1445 -15.85 43.42 47.32
CA LYS A 1445 -15.88 43.70 48.74
C LYS A 1445 -14.52 43.35 49.33
N GLU A 1446 -14.13 44.07 50.38
CA GLU A 1446 -12.77 43.94 50.90
C GLU A 1446 -12.58 42.62 51.65
N GLU A 1447 -12.59 41.50 50.90
CA GLU A 1447 -12.44 40.19 51.52
C GLU A 1447 -11.58 39.25 50.68
N SER A 1448 -10.76 39.79 49.78
CA SER A 1448 -9.87 38.94 48.99
C SER A 1448 -8.91 38.10 49.84
N PRO A 1449 -8.28 38.62 50.90
CA PRO A 1449 -7.49 37.74 51.76
C PRO A 1449 -8.29 36.58 52.33
N GLU A 1450 -9.58 36.79 52.60
CA GLU A 1450 -10.43 35.70 53.07
C GLU A 1450 -10.51 34.58 52.05
N ASN A 1451 -10.76 34.91 50.79
CA ASN A 1451 -10.84 33.90 49.75
C ASN A 1451 -9.49 33.22 49.53
N LEU A 1452 -8.42 34.00 49.51
CA LEU A 1452 -7.09 33.41 49.29
C LEU A 1452 -6.74 32.45 50.43
N PHE A 1453 -7.02 32.83 51.67
CA PHE A 1453 -6.81 31.92 52.78
C PHE A 1453 -7.67 30.67 52.62
N LEU A 1454 -8.98 30.83 52.43
CA LEU A 1454 -9.87 29.68 52.27
C LEU A 1454 -9.32 28.71 51.24
N GLU A 1455 -8.83 29.24 50.12
CA GLU A 1455 -8.17 28.38 49.13
C GLU A 1455 -6.91 27.72 49.71
N LEU A 1456 -6.17 28.44 50.56
CA LEU A 1456 -4.95 27.88 51.12
C LEU A 1456 -5.24 26.69 52.02
N GLU A 1457 -6.15 26.85 52.98
CA GLU A 1457 -6.45 25.72 53.88
C GLU A 1457 -7.45 24.73 53.33
N LYS A 1458 -8.05 24.95 52.16
CA LYS A 1458 -8.82 23.88 51.54
C LYS A 1458 -7.91 22.79 50.98
N LEU A 1459 -6.70 23.15 50.55
CA LEU A 1459 -5.77 22.15 50.03
C LEU A 1459 -5.39 21.15 51.12
N VAL A 1460 -5.24 21.63 52.36
CA VAL A 1460 -4.90 20.72 53.46
C VAL A 1460 -6.01 19.69 53.67
N LEU A 1461 -7.27 20.12 53.63
CA LEU A 1461 -8.38 19.19 53.80
C LEU A 1461 -8.65 18.37 52.54
N GLU A 1462 -8.05 18.73 51.40
CA GLU A 1462 -8.10 17.89 50.21
C GLU A 1462 -7.05 16.78 50.24
N HIS A 1463 -6.43 16.54 51.41
CA HIS A 1463 -5.56 15.41 51.70
C HIS A 1463 -4.19 15.55 51.03
N SER A 1464 -4.07 16.51 50.11
CA SER A 1464 -2.80 17.06 49.63
C SER A 1464 -1.72 16.03 49.30
N LYS A 1465 -2.10 14.79 49.01
CA LYS A 1465 -1.12 13.72 48.82
C LYS A 1465 -1.36 12.86 47.59
N ASP A 1466 -2.54 12.92 46.97
CA ASP A 1466 -2.88 12.02 45.87
C ASP A 1466 -2.01 12.23 44.63
N ASP A 1467 -1.71 13.47 44.29
CA ASP A 1467 -0.96 13.76 43.07
C ASP A 1467 -0.16 15.03 43.24
N ASP A 1468 0.83 15.22 42.37
CA ASP A 1468 1.68 16.41 42.40
C ASP A 1468 0.94 17.66 41.95
N ASN A 1469 -0.22 17.52 41.32
CA ASN A 1469 -1.01 18.70 40.96
C ASN A 1469 -1.45 19.47 42.19
N LEU A 1470 -1.80 18.76 43.27
CA LEU A 1470 -2.16 19.44 44.52
C LEU A 1470 -0.99 20.26 45.05
N ASP A 1471 0.22 19.70 45.00
CA ASP A 1471 1.40 20.45 45.45
C ASP A 1471 1.69 21.63 44.54
N SER A 1472 1.50 21.48 43.23
CA SER A 1472 1.72 22.59 42.31
C SER A 1472 0.74 23.72 42.60
N LEU A 1473 -0.54 23.38 42.77
CA LEU A 1473 -1.53 24.40 43.11
C LEU A 1473 -1.23 25.03 44.47
N LEU A 1474 -0.73 24.23 45.42
CA LEU A 1474 -0.39 24.77 46.73
C LEU A 1474 0.74 25.79 46.63
N ASP A 1475 1.79 25.47 45.87
CA ASP A 1475 2.89 26.41 45.74
C ASP A 1475 2.46 27.67 44.99
N SER A 1476 1.63 27.51 43.96
CA SER A 1476 1.13 28.68 43.24
C SER A 1476 0.31 29.58 44.16
N VAL A 1477 -0.60 28.98 44.93
CA VAL A 1477 -1.48 29.80 45.78
C VAL A 1477 -0.69 30.42 46.93
N VAL A 1478 0.32 29.74 47.46
CA VAL A 1478 1.12 30.35 48.51
C VAL A 1478 1.98 31.47 47.94
N GLY A 1479 2.46 31.35 46.70
CA GLY A 1479 3.17 32.45 46.08
C GLY A 1479 2.29 33.67 45.88
N LEU A 1480 1.07 33.44 45.38
CA LEU A 1480 0.14 34.57 45.23
C LEU A 1480 -0.25 35.17 46.57
N LYS A 1481 -0.40 34.34 47.61
CA LYS A 1481 -0.66 34.86 48.95
C LYS A 1481 0.50 35.71 49.45
N GLN A 1482 1.74 35.28 49.19
CA GLN A 1482 2.90 36.08 49.54
C GLN A 1482 2.88 37.42 48.80
N MET A 1483 2.54 37.41 47.51
CA MET A 1483 2.43 38.68 46.79
C MET A 1483 1.26 39.52 47.30
N LEU A 1484 0.27 38.90 47.95
CA LEU A 1484 -0.88 39.65 48.45
C LEU A 1484 -0.46 40.65 49.53
N GLU A 1485 0.30 40.19 50.53
CA GLU A 1485 0.74 41.06 51.61
C GLU A 1485 2.04 41.79 51.29
N SER A 1486 2.63 41.55 50.12
CA SER A 1486 3.87 42.21 49.73
C SER A 1486 3.62 43.56 49.06
N SER A 1487 2.36 43.95 48.89
CA SER A 1487 2.04 45.24 48.28
C SER A 1487 0.65 45.65 48.72
N GLY A 1488 0.44 46.97 48.82
CA GLY A 1488 -0.87 47.50 49.15
C GLY A 1488 -1.92 47.15 48.12
N ASP A 1489 -3.06 46.64 48.58
CA ASP A 1489 -4.09 46.15 47.67
C ASP A 1489 -4.79 47.26 46.88
N PRO A 1490 -5.35 48.30 47.53
CA PRO A 1490 -6.17 49.25 46.76
C PRO A 1490 -5.35 50.14 45.84
N LEU A 1491 -5.42 49.87 44.54
CA LEU A 1491 -4.76 50.69 43.52
C LEU A 1491 -5.45 50.47 42.18
N PRO A 1492 -6.18 51.45 41.66
CA PRO A 1492 -6.93 51.25 40.40
C PRO A 1492 -6.00 50.89 39.25
N LEU A 1493 -6.55 50.09 38.33
CA LEU A 1493 -5.77 49.60 37.19
C LEU A 1493 -5.25 50.76 36.35
N SER A 1494 -4.06 50.56 35.77
CA SER A 1494 -3.47 51.57 34.92
C SER A 1494 -4.36 51.83 33.71
N ASP A 1495 -4.55 53.12 33.39
CA ASP A 1495 -5.55 53.50 32.38
C ASP A 1495 -4.93 53.71 31.00
N GLN A 1496 -3.91 54.56 30.90
CA GLN A 1496 -3.40 54.98 29.60
C GLN A 1496 -1.98 54.43 29.40
N ASP A 1497 -1.79 53.70 28.32
CA ASP A 1497 -0.48 53.19 27.92
C ASP A 1497 -0.52 52.87 26.44
N VAL A 1498 0.66 52.65 25.86
CA VAL A 1498 0.76 52.48 24.40
C VAL A 1498 -0.03 51.26 23.98
N GLU A 1499 -0.90 51.45 22.99
CA GLU A 1499 -1.80 50.38 22.55
C GLU A 1499 -1.11 49.55 21.46
N PRO A 1500 -0.93 48.25 21.67
CA PRO A 1500 -0.35 47.42 20.60
C PRO A 1500 -1.35 47.16 19.48
N VAL A 1501 -1.10 47.74 18.31
CA VAL A 1501 -1.98 47.59 17.16
C VAL A 1501 -1.36 46.58 16.20
N LEU A 1502 -2.17 45.63 15.75
CA LEU A 1502 -1.68 44.63 14.82
C LEU A 1502 -1.69 45.18 13.39
N SER A 1503 -0.98 44.48 12.50
CA SER A 1503 -0.94 44.86 11.11
C SER A 1503 -2.24 44.45 10.41
N ALA A 1504 -2.41 44.93 9.18
CA ALA A 1504 -3.54 44.53 8.38
C ALA A 1504 -3.48 43.03 8.10
N PRO A 1505 -4.63 42.35 8.02
CA PRO A 1505 -4.61 40.90 7.84
C PRO A 1505 -4.39 40.51 6.38
N GLU A 1506 -3.39 39.64 6.17
CA GLU A 1506 -3.04 39.21 4.82
C GLU A 1506 -4.18 38.43 4.19
N SER A 1507 -4.34 38.58 2.88
CA SER A 1507 -5.39 37.88 2.17
C SER A 1507 -5.21 36.37 2.29
N LEU A 1508 -6.34 35.66 2.36
CA LEU A 1508 -6.30 34.23 2.61
C LEU A 1508 -5.57 33.47 1.52
N GLN A 1509 -5.71 33.91 0.26
CA GLN A 1509 -5.00 33.26 -0.82
C GLN A 1509 -3.49 33.37 -0.66
N ASN A 1510 -3.00 34.50 -0.17
CA ASN A 1510 -1.58 34.65 0.08
C ASN A 1510 -1.13 33.81 1.26
N LEU A 1511 -1.95 33.70 2.30
CA LEU A 1511 -1.60 32.87 3.45
C LEU A 1511 -1.50 31.41 3.05
N PHE A 1512 -2.44 30.93 2.22
CA PHE A 1512 -2.39 29.55 1.77
C PHE A 1512 -1.18 29.29 0.89
N ASN A 1513 -0.80 30.25 0.04
CA ASN A 1513 0.37 30.08 -0.81
C ASN A 1513 1.65 30.08 0.02
N ASN A 1514 1.72 30.92 1.06
CA ASN A 1514 2.90 31.04 1.89
C ASN A 1514 2.90 30.10 3.08
N ARG A 1515 1.92 29.20 3.19
CA ARG A 1515 1.79 28.33 4.35
C ARG A 1515 3.01 27.42 4.50
N THR A 1516 3.33 27.05 5.73
CA THR A 1516 4.43 26.13 5.99
C THR A 1516 4.03 24.74 5.56
N ALA A 1517 4.57 24.27 4.43
CA ALA A 1517 4.14 23.01 3.84
C ALA A 1517 4.69 21.78 4.55
N TYR A 1518 5.89 21.86 5.11
CA TYR A 1518 6.50 20.70 5.74
C TYR A 1518 7.08 21.10 7.08
N VAL A 1519 7.06 20.15 8.02
CA VAL A 1519 7.65 20.34 9.34
C VAL A 1519 8.50 19.12 9.67
N LEU A 1520 9.49 19.32 10.54
CA LEU A 1520 10.41 18.26 10.92
C LEU A 1520 9.85 17.49 12.11
N ALA A 1521 9.55 16.22 11.91
CA ALA A 1521 9.02 15.38 12.98
C ALA A 1521 9.30 13.90 12.69
N SER A 1530 -5.78 10.78 16.75
CA SER A 1530 -7.07 10.45 17.37
C SER A 1530 -8.20 10.49 16.34
N MET A 1531 -8.26 11.58 15.59
CA MET A 1531 -9.28 11.73 14.56
C MET A 1531 -9.00 10.87 13.33
N TRP A 1532 -7.76 10.43 13.14
CA TRP A 1532 -7.36 9.77 11.90
C TRP A 1532 -7.12 8.28 12.04
N PHE A 1533 -7.06 7.76 13.26
CA PHE A 1533 -6.77 6.33 13.43
C PHE A 1533 -7.90 5.46 12.88
N THR A 1534 -9.14 5.79 13.22
CA THR A 1534 -10.27 4.98 12.77
C THR A 1534 -11.54 5.81 12.84
N PRO A 1535 -12.48 5.62 11.90
CA PRO A 1535 -13.75 6.36 11.98
C PRO A 1535 -14.75 5.77 12.96
N PHE A 1536 -14.70 4.46 13.22
CA PHE A 1536 -15.64 3.82 14.13
C PHE A 1536 -15.21 4.05 15.58
N GLN A 1537 -15.38 5.30 16.01
CA GLN A 1537 -15.04 5.66 17.37
C GLN A 1537 -16.01 5.00 18.35
N ALA A 1538 -15.52 4.74 19.57
CA ALA A 1538 -16.34 4.06 20.55
C ALA A 1538 -17.57 4.89 20.92
N GLU A 1539 -17.38 6.13 21.32
CA GLU A 1539 -18.49 7.04 21.57
C GLU A 1539 -17.97 8.48 21.62
N GLU A 1540 -18.48 9.30 20.71
CA GLU A 1540 -18.22 10.74 20.77
C GLU A 1540 -19.55 11.48 20.86
N ILE A 1541 -20.48 11.17 19.95
CA ILE A 1541 -21.77 11.82 19.95
C ILE A 1541 -22.88 10.84 20.33
N ASP A 1542 -22.80 9.61 19.81
CA ASP A 1542 -23.85 8.60 20.01
C ASP A 1542 -23.58 7.85 21.32
N THR A 1543 -23.50 8.60 22.41
CA THR A 1543 -23.24 8.00 23.71
C THR A 1543 -24.37 7.05 24.10
N ASP A 1544 -25.55 7.58 24.36
CA ASP A 1544 -26.72 6.74 24.61
C ASP A 1544 -28.01 7.27 24.00
N LEU A 1545 -28.01 8.43 23.37
CA LEU A 1545 -29.25 9.07 22.90
C LEU A 1545 -28.94 9.82 21.62
N ASP A 1546 -29.40 9.28 20.49
CA ASP A 1546 -29.10 9.82 19.17
C ASP A 1546 -30.23 10.64 18.58
N LEU A 1547 -31.28 10.91 19.35
CA LEU A 1547 -32.45 11.68 18.88
C LEU A 1547 -33.01 11.11 17.58
N VAL A 1548 -33.13 9.78 17.52
CA VAL A 1548 -33.74 9.17 16.35
C VAL A 1548 -35.19 9.62 16.24
N LYS A 1549 -35.56 10.14 15.08
CA LYS A 1549 -36.86 10.74 14.86
C LYS A 1549 -37.87 9.66 14.50
N VAL A 1550 -39.06 9.74 15.09
CA VAL A 1550 -40.12 8.78 14.82
C VAL A 1550 -40.70 9.09 13.44
N ASP A 1551 -40.25 8.36 12.43
CA ASP A 1551 -40.66 8.58 11.06
C ASP A 1551 -41.79 7.64 10.67
N LEU A 1552 -42.85 8.19 10.13
CA LEU A 1552 -44.03 7.44 9.69
C LEU A 1552 -43.91 7.23 8.18
N ILE A 1553 -43.27 6.12 7.80
CA ILE A 1553 -42.99 5.86 6.39
C ILE A 1553 -44.25 5.54 5.61
N GLU A 1554 -45.11 4.68 6.16
CA GLU A 1554 -46.26 4.20 5.39
C GLU A 1554 -47.23 5.33 5.07
N LEU A 1555 -47.52 6.19 6.04
CA LEU A 1555 -48.43 7.30 5.79
C LEU A 1555 -47.77 8.47 5.07
N SER A 1556 -46.44 8.49 5.02
CA SER A 1556 -45.71 9.47 4.21
C SER A 1556 -45.53 9.02 2.77
N GLU A 1557 -46.34 8.06 2.32
CA GLU A 1557 -46.25 7.54 0.96
C GLU A 1557 -47.41 8.00 0.09
N LYS A 1558 -48.63 8.05 0.66
CA LYS A 1558 -49.77 8.52 -0.10
C LYS A 1558 -49.65 10.01 -0.42
N CYS A 1559 -49.04 10.79 0.48
CA CYS A 1559 -48.83 12.21 0.20
C CYS A 1559 -47.94 12.39 -1.01
N CYS A 1560 -46.90 11.57 -1.13
CA CYS A 1560 -46.03 11.56 -2.30
C CYS A 1560 -46.59 10.56 -3.31
N SER A 1561 -45.79 10.22 -4.32
CA SER A 1561 -46.23 9.25 -5.32
C SER A 1561 -46.55 7.91 -4.66
N ASP A 1562 -47.59 7.25 -5.16
CA ASP A 1562 -48.06 6.01 -4.54
C ASP A 1562 -47.05 4.89 -4.72
N PHE A 1563 -46.99 4.02 -3.70
CA PHE A 1563 -46.08 2.89 -3.70
C PHE A 1563 -46.62 1.84 -2.76
N ASP A 1564 -46.44 0.57 -3.09
CA ASP A 1564 -47.02 -0.51 -2.32
C ASP A 1564 -46.29 -0.69 -0.99
N LEU A 1565 -46.80 -1.61 -0.17
CA LEU A 1565 -46.20 -1.87 1.13
C LEU A 1565 -44.80 -2.42 0.98
N HIS A 1566 -43.88 -1.93 1.81
CA HIS A 1566 -42.49 -2.36 1.73
C HIS A 1566 -42.28 -3.75 2.32
N SER A 1567 -43.07 -4.14 3.32
CA SER A 1567 -42.81 -5.36 4.08
C SER A 1567 -42.63 -6.56 3.15
N GLU A 1568 -43.53 -6.70 2.17
CA GLU A 1568 -43.37 -7.77 1.19
C GLU A 1568 -42.12 -7.58 0.34
N LEU A 1569 -41.75 -6.32 0.04
CA LEU A 1569 -40.55 -6.08 -0.76
C LEU A 1569 -39.31 -6.60 -0.05
N GLU A 1570 -39.15 -6.26 1.23
CA GLU A 1570 -37.97 -6.75 1.96
C GLU A 1570 -38.07 -8.25 2.23
N ARG A 1571 -39.27 -8.77 2.49
CA ARG A 1571 -39.39 -10.20 2.76
C ARG A 1571 -39.18 -11.07 1.52
N SER A 1572 -39.34 -10.50 0.32
CA SER A 1572 -39.04 -11.26 -0.89
C SER A 1572 -37.55 -11.41 -1.13
N PHE A 1573 -36.72 -10.65 -0.41
CA PHE A 1573 -35.28 -10.66 -0.62
C PHE A 1573 -34.54 -11.64 0.27
N LEU A 1574 -35.22 -12.34 1.17
CA LEU A 1574 -34.57 -13.22 2.12
C LEU A 1574 -34.79 -14.71 1.82
N SER A 1575 -35.38 -15.05 0.68
CA SER A 1575 -35.63 -16.44 0.34
C SER A 1575 -34.59 -17.00 -0.65
N GLU A 1576 -34.53 -16.44 -1.85
CA GLU A 1576 -33.59 -16.92 -2.85
C GLU A 1576 -32.18 -16.36 -2.68
N PRO A 1577 -31.99 -15.02 -2.53
CA PRO A 1577 -30.63 -14.49 -2.44
C PRO A 1577 -30.09 -14.47 -1.02
N SER A 1578 -30.74 -15.22 -0.11
CA SER A 1578 -30.26 -15.29 1.26
C SER A 1578 -28.87 -15.93 1.33
N SER A 1579 -28.71 -17.09 0.69
CA SER A 1579 -27.43 -17.76 0.66
C SER A 1579 -26.48 -17.05 -0.31
N PRO A 1580 -25.18 -17.10 -0.05
CA PRO A 1580 -24.22 -16.48 -0.97
C PRO A 1580 -24.26 -17.15 -2.35
N GLY A 1581 -24.02 -16.34 -3.37
CA GLY A 1581 -24.05 -16.79 -4.74
C GLY A 1581 -24.58 -15.68 -5.63
N ARG A 1582 -24.84 -16.03 -6.89
CA ARG A 1582 -25.39 -15.06 -7.84
C ARG A 1582 -26.82 -14.73 -7.46
N THR A 1583 -27.03 -13.54 -6.91
CA THR A 1583 -28.34 -13.11 -6.44
C THR A 1583 -29.19 -12.61 -7.58
N LYS A 1584 -30.51 -12.75 -7.42
CA LYS A 1584 -31.45 -12.25 -8.42
C LYS A 1584 -31.45 -10.74 -8.51
N THR A 1585 -31.10 -10.04 -7.44
CA THR A 1585 -31.05 -8.59 -7.44
C THR A 1585 -29.70 -8.08 -6.94
N GLN B 64 -5.92 -60.03 5.12
CA GLN B 64 -5.85 -59.97 6.58
C GLN B 64 -6.97 -59.08 7.13
N GLN B 65 -7.55 -59.50 8.25
CA GLN B 65 -8.60 -58.74 8.89
C GLN B 65 -8.12 -57.39 9.40
N GLN B 66 -6.84 -57.27 9.74
CA GLN B 66 -6.33 -56.01 10.29
C GLN B 66 -6.20 -54.94 9.22
N GLN B 67 -5.82 -55.33 8.00
CA GLN B 67 -5.62 -54.34 6.93
C GLN B 67 -6.92 -53.65 6.58
N GLU B 68 -7.98 -54.43 6.35
CA GLU B 68 -9.27 -53.82 6.00
C GLU B 68 -9.86 -53.06 7.17
N SER B 69 -9.63 -53.52 8.40
CA SER B 69 -10.10 -52.78 9.58
C SER B 69 -9.40 -51.43 9.68
N ALA B 70 -8.09 -51.39 9.43
CA ALA B 70 -7.37 -50.13 9.43
C ALA B 70 -7.84 -49.23 8.31
N ARG B 71 -8.13 -49.80 7.13
CA ARG B 71 -8.67 -48.99 6.04
C ARG B 71 -10.02 -48.39 6.41
N ARG B 72 -10.88 -49.17 7.07
CA ARG B 72 -12.16 -48.64 7.52
C ARG B 72 -11.97 -47.52 8.54
N GLU B 73 -11.04 -47.71 9.48
CA GLU B 73 -10.73 -46.65 10.43
C GLU B 73 -10.28 -45.39 9.71
N ASN B 74 -9.48 -45.56 8.65
CA ASN B 74 -9.05 -44.43 7.85
C ASN B 74 -10.22 -43.75 7.17
N ILE B 75 -11.19 -44.54 6.70
CA ILE B 75 -12.40 -43.97 6.11
C ILE B 75 -13.15 -43.10 7.12
N LEU B 76 -13.36 -43.63 8.33
CA LEU B 76 -14.05 -42.86 9.35
C LEU B 76 -13.27 -41.61 9.75
N VAL B 77 -11.94 -41.71 9.85
CA VAL B 77 -11.14 -40.52 10.18
C VAL B 77 -11.22 -39.49 9.06
N MET B 78 -11.24 -39.93 7.80
CA MET B 78 -11.42 -39.01 6.67
C MET B 78 -12.76 -38.29 6.76
N ARG B 79 -13.84 -39.05 6.98
CA ARG B 79 -15.16 -38.44 7.08
C ARG B 79 -15.21 -37.46 8.24
N LEU B 80 -14.63 -37.83 9.38
CA LEU B 80 -14.66 -36.96 10.55
C LEU B 80 -13.78 -35.73 10.33
N ALA B 81 -12.73 -35.84 9.53
CA ALA B 81 -11.92 -34.67 9.19
C ALA B 81 -12.71 -33.69 8.34
N THR B 82 -13.45 -34.20 7.36
CA THR B 82 -14.35 -33.33 6.60
C THR B 82 -15.40 -32.71 7.52
N LYS B 83 -15.89 -33.49 8.49
CA LYS B 83 -16.85 -32.96 9.46
C LYS B 83 -16.23 -31.84 10.29
N GLU B 84 -14.96 -31.96 10.66
CA GLU B 84 -14.32 -30.89 11.41
C GLU B 84 -14.11 -29.67 10.53
N GLN B 85 -13.89 -29.88 9.22
CA GLN B 85 -13.84 -28.77 8.29
C GLN B 85 -15.16 -28.00 8.29
N GLU B 86 -16.28 -28.73 8.26
CA GLU B 86 -17.58 -28.05 8.27
C GLU B 86 -17.88 -27.41 9.62
N MET B 87 -17.44 -28.04 10.72
CA MET B 87 -17.37 -27.34 12.00
C MET B 87 -16.67 -26.00 11.88
N GLN B 88 -15.49 -25.97 11.26
CA GLN B 88 -14.74 -24.72 11.17
C GLN B 88 -15.50 -23.69 10.35
N GLU B 89 -16.08 -24.11 9.23
CA GLU B 89 -16.81 -23.17 8.38
C GLU B 89 -18.02 -22.60 9.11
N CYS B 90 -18.83 -23.47 9.73
CA CYS B 90 -20.04 -22.99 10.41
C CYS B 90 -19.69 -22.14 11.62
N THR B 91 -18.64 -22.49 12.36
CA THR B 91 -18.26 -21.71 13.53
C THR B 91 -17.68 -20.35 13.14
N THR B 92 -16.90 -20.28 12.06
CA THR B 92 -16.41 -18.97 11.64
C THR B 92 -17.54 -18.13 11.06
N GLN B 93 -18.54 -18.76 10.43
CA GLN B 93 -19.71 -18.00 10.00
C GLN B 93 -20.50 -17.48 11.19
N ILE B 94 -20.62 -18.29 12.25
CA ILE B 94 -21.24 -17.82 13.49
C ILE B 94 -20.48 -16.63 14.05
N GLN B 95 -19.16 -16.76 14.16
CA GLN B 95 -18.34 -15.68 14.70
C GLN B 95 -18.39 -14.42 13.85
N TYR B 96 -18.60 -14.58 12.53
CA TYR B 96 -18.74 -13.40 11.67
C TYR B 96 -20.11 -12.75 11.85
N LEU B 97 -21.15 -13.57 12.00
CA LEU B 97 -22.50 -13.02 12.17
C LEU B 97 -22.68 -12.40 13.56
N LYS B 98 -22.23 -13.09 14.60
CA LYS B 98 -22.34 -12.64 15.99
C LYS B 98 -21.05 -12.04 16.50
N GLN B 99 -20.33 -11.32 15.65
CA GLN B 99 -19.03 -10.77 16.02
C GLN B 99 -19.19 -9.72 17.12
N VAL B 100 -18.12 -9.54 17.90
CA VAL B 100 -18.06 -8.44 18.86
C VAL B 100 -17.90 -7.14 18.06
N GLN B 101 -18.89 -6.26 18.16
CA GLN B 101 -18.96 -5.07 17.33
C GLN B 101 -19.18 -3.84 18.20
N GLN B 102 -18.70 -2.71 17.70
CA GLN B 102 -18.89 -1.44 18.37
C GLN B 102 -20.35 -1.00 18.26
N PRO B 103 -20.82 -0.15 19.17
CA PRO B 103 -22.14 0.47 18.97
C PRO B 103 -22.20 1.31 17.71
N SER B 104 -21.07 1.87 17.28
CA SER B 104 -21.06 2.76 16.11
C SER B 104 -21.43 2.01 14.84
N VAL B 105 -20.87 0.82 14.63
CA VAL B 105 -21.16 0.07 13.41
C VAL B 105 -22.61 -0.41 13.42
N ALA B 106 -23.12 -0.81 14.59
CA ALA B 106 -24.52 -1.19 14.68
C ALA B 106 -25.44 -0.03 14.36
N GLN B 107 -25.11 1.16 14.89
CA GLN B 107 -25.89 2.36 14.58
C GLN B 107 -25.85 2.66 13.08
N LEU B 108 -24.66 2.55 12.48
CA LEU B 108 -24.52 2.84 11.06
C LEU B 108 -25.33 1.86 10.20
N ARG B 109 -25.31 0.58 10.56
CA ARG B 109 -26.02 -0.42 9.78
C ARG B 109 -27.51 -0.48 10.09
N SER B 110 -27.96 0.12 11.19
CA SER B 110 -29.38 0.13 11.51
C SER B 110 -30.06 1.44 11.16
N THR B 111 -29.32 2.53 10.98
CA THR B 111 -29.91 3.81 10.63
C THR B 111 -29.75 4.17 9.17
N MET B 112 -28.60 3.89 8.57
CA MET B 112 -28.36 4.19 7.17
C MET B 112 -28.59 2.98 6.26
N VAL B 113 -28.06 1.82 6.65
CA VAL B 113 -28.07 0.64 5.81
C VAL B 113 -29.38 -0.11 6.05
N ASP B 114 -30.30 0.50 6.76
CA ASP B 114 -31.61 -0.08 6.99
C ASP B 114 -32.32 -0.30 5.65
N PRO B 115 -32.71 -1.53 5.31
CA PRO B 115 -33.30 -1.76 3.97
C PRO B 115 -34.55 -0.95 3.71
N ALA B 116 -35.40 -0.75 4.71
CA ALA B 116 -36.60 0.06 4.50
C ALA B 116 -36.24 1.50 4.19
N ILE B 117 -35.31 2.08 4.94
CA ILE B 117 -34.90 3.46 4.72
C ILE B 117 -34.22 3.60 3.36
N ASN B 118 -33.34 2.65 3.01
CA ASN B 118 -32.71 2.68 1.70
C ASN B 118 -33.70 2.59 0.56
N LEU B 119 -34.67 1.68 0.64
CA LEU B 119 -35.66 1.54 -0.41
C LEU B 119 -36.53 2.78 -0.54
N PHE B 120 -36.95 3.34 0.61
CA PHE B 120 -37.76 4.55 0.57
C PHE B 120 -36.96 5.71 -0.02
N PHE B 121 -35.69 5.84 0.37
CA PHE B 121 -34.85 6.91 -0.17
C PHE B 121 -34.67 6.76 -1.68
N LEU B 122 -34.43 5.53 -2.15
CA LEU B 122 -34.26 5.31 -3.58
C LEU B 122 -35.54 5.64 -4.34
N LYS B 123 -36.69 5.21 -3.82
CA LYS B 123 -37.96 5.52 -4.48
C LYS B 123 -38.21 7.02 -4.51
N MET B 124 -37.94 7.71 -3.39
CA MET B 124 -38.15 9.14 -3.34
C MET B 124 -37.22 9.88 -4.30
N LYS B 125 -35.95 9.47 -4.36
CA LYS B 125 -35.02 10.09 -5.30
C LYS B 125 -35.46 9.87 -6.73
N GLY B 126 -35.90 8.64 -7.06
CA GLY B 126 -36.37 8.38 -8.41
C GLY B 126 -37.58 9.21 -8.77
N GLU B 127 -38.56 9.28 -7.86
CA GLU B 127 -39.76 10.06 -8.13
C GLU B 127 -39.43 11.54 -8.28
N LEU B 128 -38.55 12.07 -7.42
CA LEU B 128 -38.16 13.47 -7.53
C LEU B 128 -37.45 13.74 -8.85
N GLU B 129 -36.57 12.82 -9.28
CA GLU B 129 -35.87 13.01 -10.54
C GLU B 129 -36.83 12.99 -11.72
N GLN B 130 -37.78 12.05 -11.72
CA GLN B 130 -38.77 12.02 -12.80
C GLN B 130 -39.62 13.28 -12.81
N THR B 131 -40.06 13.74 -11.64
CA THR B 131 -40.87 14.95 -11.58
C THR B 131 -40.07 16.16 -12.07
N LYS B 132 -38.80 16.25 -11.67
CA LYS B 132 -37.97 17.38 -12.11
C LYS B 132 -37.73 17.36 -13.61
N ASP B 133 -37.46 16.18 -14.18
CA ASP B 133 -37.22 16.13 -15.62
C ASP B 133 -38.49 16.44 -16.39
N LYS B 134 -39.65 15.95 -15.91
CA LYS B 134 -40.91 16.31 -16.55
C LYS B 134 -41.18 17.80 -16.44
N LEU B 135 -40.85 18.41 -15.29
CA LEU B 135 -41.07 19.84 -15.12
C LEU B 135 -40.20 20.66 -16.06
N GLU B 136 -38.92 20.30 -16.18
CA GLU B 136 -38.05 21.05 -17.08
C GLU B 136 -38.43 20.83 -18.53
N GLN B 137 -38.88 19.61 -18.88
CA GLN B 137 -39.40 19.36 -20.21
C GLN B 137 -40.62 20.24 -20.49
N ALA B 138 -41.54 20.34 -19.54
CA ALA B 138 -42.73 21.15 -19.73
C ALA B 138 -42.39 22.62 -19.82
N GLN B 139 -41.41 23.09 -19.03
CA GLN B 139 -41.00 24.49 -19.10
C GLN B 139 -40.39 24.83 -20.45
N ASN B 140 -39.43 24.02 -20.92
CA ASN B 140 -38.86 24.26 -22.24
C ASN B 140 -39.90 24.11 -23.34
N GLU B 141 -40.89 23.23 -23.15
CA GLU B 141 -41.88 23.01 -24.19
C GLU B 141 -42.85 24.20 -24.27
N LEU B 142 -43.30 24.72 -23.11
CA LEU B 142 -44.11 25.92 -23.12
C LEU B 142 -43.32 27.12 -23.63
N SER B 143 -42.00 27.12 -23.43
CA SER B 143 -41.16 28.08 -24.14
C SER B 143 -41.20 27.85 -25.65
N ALA B 144 -41.31 26.59 -26.07
CA ALA B 144 -41.40 26.27 -27.49
C ALA B 144 -42.68 26.78 -28.13
N TRP B 145 -43.84 26.71 -27.44
CA TRP B 145 -44.98 27.49 -27.95
C TRP B 145 -44.73 28.99 -27.88
N LYS B 146 -43.81 29.45 -27.04
CA LYS B 146 -43.45 30.86 -27.05
C LYS B 146 -42.35 31.19 -28.06
N PHE B 147 -41.90 30.19 -28.82
CA PHE B 147 -40.91 30.42 -29.87
C PHE B 147 -41.54 31.22 -31.01
N THR B 148 -40.85 32.27 -31.44
CA THR B 148 -41.24 33.08 -32.58
C THR B 148 -40.00 33.77 -33.12
N PRO B 149 -39.92 33.97 -34.44
CA PRO B 149 -38.73 34.62 -35.00
C PRO B 149 -38.57 36.05 -34.51
N ASP B 150 -37.32 36.50 -34.46
CA ASP B 150 -36.91 37.84 -34.06
C ASP B 150 -37.21 38.13 -32.59
N SER B 151 -37.34 37.10 -31.77
CA SER B 151 -37.53 37.25 -30.33
C SER B 151 -36.40 36.56 -29.59
N GLN B 152 -36.08 37.08 -28.40
CA GLN B 152 -34.95 36.55 -27.63
C GLN B 152 -35.10 35.06 -27.39
N THR B 153 -36.30 34.61 -27.01
CA THR B 153 -36.54 33.19 -26.86
C THR B 153 -36.31 32.45 -28.18
N GLY B 154 -36.83 33.01 -29.28
CA GLY B 154 -36.66 32.38 -30.57
C GLY B 154 -35.21 32.30 -30.99
N LYS B 155 -34.47 33.40 -30.85
CA LYS B 155 -33.06 33.41 -31.23
C LYS B 155 -32.27 32.42 -30.39
N LYS B 156 -32.47 32.42 -29.07
CA LYS B 156 -31.73 31.50 -28.20
C LYS B 156 -32.06 30.05 -28.53
N LEU B 157 -33.34 29.75 -28.74
CA LEU B 157 -33.76 28.38 -29.03
C LEU B 157 -33.21 27.89 -30.37
N MET B 158 -33.29 28.73 -31.40
CA MET B 158 -32.74 28.34 -32.70
C MET B 158 -31.23 28.22 -32.67
N ALA B 159 -30.54 29.09 -31.92
CA ALA B 159 -29.10 28.99 -31.79
C ALA B 159 -28.71 27.71 -31.07
N LYS B 160 -29.46 27.33 -30.03
CA LYS B 160 -29.20 26.06 -29.36
C LYS B 160 -29.41 24.89 -30.31
N CYS B 161 -30.47 24.94 -31.13
CA CYS B 161 -30.70 23.88 -32.09
C CYS B 161 -29.56 23.76 -33.08
N ARG B 162 -29.09 24.90 -33.61
CA ARG B 162 -27.99 24.86 -34.58
C ARG B 162 -26.70 24.39 -33.94
N MET B 163 -26.45 24.79 -32.69
CA MET B 163 -25.28 24.30 -31.97
C MET B 163 -25.34 22.79 -31.78
N LEU B 164 -26.54 22.26 -31.50
CA LEU B 164 -26.68 20.81 -31.38
C LEU B 164 -26.51 20.12 -32.73
N ILE B 165 -26.98 20.74 -33.81
CA ILE B 165 -26.69 20.21 -35.15
C ILE B 165 -25.19 20.11 -35.37
N GLN B 166 -24.46 21.18 -35.06
CA GLN B 166 -23.01 21.18 -35.27
C GLN B 166 -22.32 20.14 -34.39
N GLU B 167 -22.75 20.04 -33.12
CA GLU B 167 -22.14 19.07 -32.22
C GLU B 167 -22.42 17.64 -32.66
N ASN B 168 -23.64 17.37 -33.12
CA ASN B 168 -23.97 16.04 -33.62
C ASN B 168 -23.17 15.71 -34.87
N GLN B 169 -22.97 16.70 -35.75
CA GLN B 169 -22.13 16.47 -36.93
C GLN B 169 -20.69 16.18 -36.53
N GLU B 170 -20.17 16.90 -35.52
CA GLU B 170 -18.82 16.65 -35.06
C GLU B 170 -18.68 15.26 -34.46
N LEU B 171 -19.66 14.83 -33.65
CA LEU B 171 -19.60 13.47 -33.11
C LEU B 171 -19.75 12.43 -34.21
N GLY B 172 -20.56 12.71 -35.24
CA GLY B 172 -20.66 11.79 -36.36
C GLY B 172 -19.38 11.65 -37.15
N ARG B 173 -18.66 12.75 -37.38
CA ARG B 173 -17.39 12.65 -38.08
C ARG B 173 -16.30 12.05 -37.20
N GLN B 174 -16.42 12.22 -35.88
CA GLN B 174 -15.48 11.60 -34.96
C GLN B 174 -15.81 10.14 -34.68
N LEU B 175 -16.98 9.66 -35.11
CA LEU B 175 -17.34 8.26 -34.97
C LEU B 175 -17.49 7.54 -36.30
N SER B 176 -17.35 8.24 -37.43
CA SER B 176 -17.57 7.63 -38.72
C SER B 176 -16.50 6.57 -39.01
N GLN B 177 -16.83 5.67 -39.95
CA GLN B 177 -15.90 4.62 -40.32
C GLN B 177 -14.61 5.19 -40.91
N GLY B 178 -14.67 6.39 -41.50
CA GLY B 178 -13.46 7.00 -42.00
C GLY B 178 -12.46 7.32 -40.89
N ARG B 179 -12.95 7.86 -39.77
CA ARG B 179 -12.06 8.17 -38.66
C ARG B 179 -11.54 6.90 -37.98
N ILE B 180 -12.38 5.86 -37.88
CA ILE B 180 -11.90 4.59 -37.35
C ILE B 180 -10.82 4.00 -38.25
N ALA B 181 -11.00 4.08 -39.57
CA ALA B 181 -9.97 3.60 -40.49
C ALA B 181 -8.70 4.43 -40.37
N GLN B 182 -8.84 5.74 -40.18
CA GLN B 182 -7.66 6.58 -39.98
C GLN B 182 -6.90 6.20 -38.72
N LEU B 183 -7.62 5.96 -37.62
CA LEU B 183 -6.94 5.54 -36.39
C LEU B 183 -6.32 4.16 -36.53
N GLU B 184 -6.97 3.26 -37.28
CA GLU B 184 -6.37 1.95 -37.52
C GLU B 184 -5.11 2.08 -38.37
N ALA B 185 -5.12 2.97 -39.36
CA ALA B 185 -3.91 3.20 -40.16
C ALA B 185 -2.79 3.78 -39.30
N GLU B 186 -3.11 4.72 -38.42
CA GLU B 186 -2.10 5.25 -37.52
C GLU B 186 -1.57 4.20 -36.56
N LEU B 187 -2.44 3.32 -36.07
CA LEU B 187 -2.00 2.24 -35.21
C LEU B 187 -1.10 1.26 -35.95
N ALA B 188 -1.43 0.95 -37.21
CA ALA B 188 -0.57 0.10 -38.01
C ALA B 188 0.78 0.75 -38.28
N LEU B 189 0.79 2.06 -38.52
CA LEU B 189 2.04 2.77 -38.71
C LEU B 189 2.89 2.75 -37.44
N GLN B 190 2.26 2.94 -36.28
CA GLN B 190 3.00 2.85 -35.02
C GLN B 190 3.56 1.45 -34.79
N LYS B 191 2.76 0.42 -35.10
CA LYS B 191 3.27 -0.94 -34.97
C LYS B 191 4.45 -1.17 -35.90
N LYS B 192 4.35 -0.71 -37.14
CA LYS B 192 5.46 -0.86 -38.09
C LYS B 192 6.71 -0.15 -37.58
N TYR B 193 6.54 1.04 -37.01
CA TYR B 193 7.66 1.73 -36.38
C TYR B 193 8.24 0.89 -35.23
N SER B 194 7.38 0.18 -34.51
CA SER B 194 7.86 -0.67 -33.42
C SER B 194 8.70 -1.83 -33.93
N GLU B 195 8.26 -2.52 -34.99
CA GLU B 195 9.13 -3.58 -35.52
C GLU B 195 10.38 -3.01 -36.17
N GLU B 196 10.32 -1.80 -36.72
CA GLU B 196 11.55 -1.16 -37.22
C GLU B 196 12.52 -0.91 -36.07
N LEU B 197 12.01 -0.44 -34.93
CA LEU B 197 12.86 -0.25 -33.76
C LEU B 197 13.43 -1.56 -33.25
N LYS B 198 12.64 -2.64 -33.29
CA LYS B 198 13.15 -3.93 -32.85
C LYS B 198 14.22 -4.47 -33.81
N SER B 199 14.06 -4.27 -35.11
CA SER B 199 15.12 -4.64 -36.05
C SER B 199 16.38 -3.83 -35.80
N SER B 200 16.22 -2.53 -35.54
CA SER B 200 17.37 -1.71 -35.18
C SER B 200 18.03 -2.21 -33.90
N GLN B 201 17.23 -2.68 -32.94
CA GLN B 201 17.79 -3.23 -31.71
C GLN B 201 18.56 -4.51 -31.96
N ASP B 202 18.07 -5.36 -32.87
CA ASP B 202 18.82 -6.56 -33.23
C ASP B 202 20.15 -6.20 -33.88
N GLU B 203 20.14 -5.21 -34.78
CA GLU B 203 21.38 -4.76 -35.38
C GLU B 203 22.33 -4.18 -34.33
N LEU B 204 21.77 -3.45 -33.36
CA LEU B 204 22.56 -2.89 -32.28
C LEU B 204 23.20 -3.98 -31.43
N ASN B 205 22.46 -5.06 -31.16
CA ASN B 205 23.01 -6.19 -30.42
C ASN B 205 24.15 -6.84 -31.18
N ASP B 206 23.98 -7.01 -32.49
CA ASP B 206 25.07 -7.57 -33.30
C ASP B 206 26.29 -6.66 -33.27
N PHE B 207 26.07 -5.35 -33.34
CA PHE B 207 27.19 -4.40 -33.27
C PHE B 207 27.89 -4.47 -31.93
N ILE B 208 27.13 -4.63 -30.84
CA ILE B 208 27.74 -4.77 -29.51
C ILE B 208 28.59 -6.03 -29.45
N ILE B 209 28.08 -7.13 -29.99
CA ILE B 209 28.84 -8.38 -29.97
C ILE B 209 30.14 -8.23 -30.75
N GLN B 210 30.06 -7.62 -31.94
CA GLN B 210 31.28 -7.45 -32.73
C GLN B 210 32.25 -6.47 -32.07
N LEU B 211 31.74 -5.46 -31.36
CA LEU B 211 32.61 -4.54 -30.65
C LEU B 211 33.34 -5.24 -29.51
N ASP B 212 32.64 -6.08 -28.75
CA ASP B 212 33.30 -6.82 -27.69
C ASP B 212 34.34 -7.79 -28.24
N GLU B 213 34.05 -8.45 -29.36
CA GLU B 213 35.04 -9.32 -29.99
C GLU B 213 36.26 -8.52 -30.42
N GLU B 214 36.04 -7.32 -30.99
CA GLU B 214 37.15 -6.47 -31.39
C GLU B 214 37.98 -6.05 -30.19
N VAL B 215 37.33 -5.71 -29.08
CA VAL B 215 38.05 -5.31 -27.87
C VAL B 215 38.91 -6.47 -27.37
N GLU B 216 38.35 -7.68 -27.34
CA GLU B 216 39.11 -8.82 -26.87
C GLU B 216 40.31 -9.10 -27.78
N GLY B 217 40.11 -9.05 -29.10
CA GLY B 217 41.23 -9.24 -30.01
C GLY B 217 42.30 -8.18 -29.85
N MET B 218 41.89 -6.92 -29.65
CA MET B 218 42.86 -5.86 -29.45
C MET B 218 43.63 -6.04 -28.16
N GLN B 219 42.97 -6.47 -27.09
CA GLN B 219 43.69 -6.75 -25.85
C GLN B 219 44.68 -7.88 -26.04
N SER B 220 44.28 -8.93 -26.77
CA SER B 220 45.19 -10.05 -27.00
C SER B 220 46.42 -9.62 -27.78
N THR B 221 46.23 -8.82 -28.83
CA THR B 221 47.40 -8.37 -29.59
C THR B 221 48.22 -7.35 -28.80
N ILE B 222 47.59 -6.59 -27.90
CA ILE B 222 48.36 -5.72 -27.01
C ILE B 222 49.26 -6.55 -26.11
N LEU B 223 48.72 -7.63 -25.55
CA LEU B 223 49.54 -8.50 -24.70
C LEU B 223 50.68 -9.14 -25.49
N VAL B 224 50.40 -9.58 -26.72
CA VAL B 224 51.45 -10.16 -27.55
C VAL B 224 52.53 -9.12 -27.86
N LEU B 225 52.12 -7.90 -28.17
CA LEU B 225 53.07 -6.83 -28.43
C LEU B 225 53.91 -6.52 -27.21
N GLN B 226 53.30 -6.54 -26.03
CA GLN B 226 54.06 -6.34 -24.79
C GLN B 226 55.07 -7.45 -24.59
N GLN B 227 54.67 -8.70 -24.85
CA GLN B 227 55.61 -9.81 -24.76
C GLN B 227 56.81 -9.60 -25.68
N GLN B 228 56.55 -9.28 -26.94
CA GLN B 228 57.65 -9.12 -27.89
C GLN B 228 58.53 -7.93 -27.52
N LEU B 229 57.91 -6.82 -27.09
CA LEU B 229 58.68 -5.65 -26.69
C LEU B 229 59.57 -5.96 -25.49
N LYS B 230 59.04 -6.66 -24.49
CA LYS B 230 59.88 -7.12 -23.39
C LYS B 230 61.04 -7.95 -23.91
N GLU B 231 60.74 -9.06 -24.59
CA GLU B 231 61.79 -9.95 -25.05
C GLU B 231 62.89 -9.20 -25.78
N THR B 232 62.51 -8.28 -26.66
CA THR B 232 63.51 -7.45 -27.34
C THR B 232 64.28 -6.58 -26.35
N ARG B 233 63.62 -6.03 -25.34
CA ARG B 233 64.30 -5.14 -24.41
C ARG B 233 65.34 -5.88 -23.57
N GLN B 234 64.96 -7.01 -22.98
CA GLN B 234 65.96 -7.79 -22.25
C GLN B 234 67.05 -8.37 -23.16
N GLN B 235 66.71 -8.77 -24.39
CA GLN B 235 67.76 -9.23 -25.30
C GLN B 235 68.75 -8.10 -25.59
N LEU B 236 68.24 -6.90 -25.84
CA LEU B 236 69.10 -5.75 -26.10
C LEU B 236 69.98 -5.44 -24.89
N ALA B 237 69.40 -5.46 -23.69
CA ALA B 237 70.18 -5.16 -22.50
C ALA B 237 71.26 -6.21 -22.26
N GLN B 238 70.91 -7.49 -22.37
CA GLN B 238 71.88 -8.54 -22.16
C GLN B 238 73.00 -8.51 -23.20
N TYR B 239 72.66 -8.25 -24.46
CA TYR B 239 73.70 -8.18 -25.49
C TYR B 239 74.49 -6.88 -25.43
N GLN B 240 73.94 -5.83 -24.82
CA GLN B 240 74.71 -4.61 -24.61
C GLN B 240 75.72 -4.80 -23.49
N GLN B 241 75.33 -5.47 -22.41
CA GLN B 241 76.30 -5.83 -21.39
C GLN B 241 77.33 -6.84 -21.91
N GLN B 242 76.90 -7.77 -22.75
CA GLN B 242 77.78 -8.83 -23.21
C GLN B 242 78.83 -8.32 -24.21
N GLN B 243 78.42 -7.51 -25.19
CA GLN B 243 79.33 -7.06 -26.22
C GLN B 243 80.28 -5.97 -25.77
N SER B 244 80.03 -5.36 -24.61
CA SER B 244 80.91 -4.30 -24.11
C SER B 244 82.22 -4.83 -23.55
N GLN B 245 82.29 -6.12 -23.20
CA GLN B 245 83.50 -6.70 -22.63
C GLN B 245 84.58 -6.95 -23.68
N ALA B 246 84.23 -6.95 -24.96
CA ALA B 246 85.20 -7.19 -26.02
C ALA B 246 85.80 -5.91 -26.58
N SER B 247 85.43 -4.75 -26.05
CA SER B 247 85.96 -3.49 -26.52
C SER B 247 87.39 -3.26 -26.02
N GLN C 64 -1.17 -57.96 17.24
CA GLN C 64 -2.12 -57.56 16.21
C GLN C 64 -3.50 -58.14 16.50
N GLN C 65 -4.28 -57.41 17.30
CA GLN C 65 -5.60 -57.84 17.73
C GLN C 65 -6.68 -57.08 16.97
N GLN C 66 -7.82 -57.73 16.79
CA GLN C 66 -8.95 -57.12 16.08
C GLN C 66 -9.95 -56.45 17.03
N GLN C 67 -9.98 -56.84 18.30
CA GLN C 67 -10.92 -56.23 19.24
C GLN C 67 -10.61 -54.76 19.45
N GLU C 68 -9.32 -54.41 19.56
CA GLU C 68 -8.95 -53.01 19.70
C GLU C 68 -9.35 -52.20 18.48
N SER C 69 -9.17 -52.78 17.28
CA SER C 69 -9.57 -52.10 16.05
C SER C 69 -11.08 -51.90 16.01
N ALA C 70 -11.86 -52.91 16.41
CA ALA C 70 -13.30 -52.76 16.42
C ALA C 70 -13.74 -51.69 17.42
N ARG C 71 -13.12 -51.66 18.60
CA ARG C 71 -13.45 -50.63 19.58
C ARG C 71 -13.10 -49.24 19.06
N ARG C 72 -11.95 -49.11 18.40
CA ARG C 72 -11.57 -47.82 17.83
C ARG C 72 -12.56 -47.39 16.75
N GLU C 73 -12.99 -48.32 15.90
CA GLU C 73 -13.97 -47.99 14.88
C GLU C 73 -15.29 -47.56 15.49
N ASN C 74 -15.73 -48.24 16.54
CA ASN C 74 -16.99 -47.87 17.20
C ASN C 74 -16.88 -46.49 17.84
N ILE C 75 -15.78 -46.20 18.53
CA ILE C 75 -15.64 -44.88 19.14
C ILE C 75 -15.53 -43.80 18.06
N LEU C 76 -14.89 -44.12 16.93
CA LEU C 76 -14.79 -43.15 15.84
C LEU C 76 -16.15 -42.85 15.24
N VAL C 77 -16.98 -43.88 15.01
CA VAL C 77 -18.30 -43.61 14.44
C VAL C 77 -19.18 -42.89 15.44
N MET C 78 -19.02 -43.17 16.74
CA MET C 78 -19.76 -42.41 17.75
C MET C 78 -19.35 -40.94 17.73
N ARG C 79 -18.05 -40.66 17.63
CA ARG C 79 -17.59 -39.29 17.55
C ARG C 79 -18.10 -38.60 16.28
N LEU C 80 -18.15 -39.34 15.17
CA LEU C 80 -18.68 -38.80 13.93
C LEU C 80 -20.16 -38.46 14.07
N ALA C 81 -20.93 -39.33 14.74
CA ALA C 81 -22.34 -39.06 14.96
C ALA C 81 -22.54 -37.83 15.84
N THR C 82 -21.70 -37.68 16.88
CA THR C 82 -21.77 -36.49 17.72
C THR C 82 -21.47 -35.24 16.89
N LYS C 83 -20.44 -35.31 16.05
CA LYS C 83 -20.11 -34.18 15.19
C LYS C 83 -21.24 -33.88 14.21
N GLU C 84 -21.99 -34.90 13.78
CA GLU C 84 -23.07 -34.67 12.82
C GLU C 84 -24.29 -34.07 13.50
N GLN C 85 -24.57 -34.45 14.74
CA GLN C 85 -25.66 -33.76 15.45
C GLN C 85 -25.27 -32.31 15.73
N GLU C 86 -23.97 -32.07 15.96
CA GLU C 86 -23.50 -30.68 16.03
C GLU C 86 -23.64 -29.97 14.68
N MET C 87 -23.44 -30.71 13.57
CA MET C 87 -23.80 -30.19 12.25
C MET C 87 -25.24 -29.70 12.22
N GLN C 88 -26.16 -30.53 12.66
CA GLN C 88 -27.57 -30.17 12.58
C GLN C 88 -27.86 -28.93 13.42
N GLU C 89 -27.37 -28.90 14.67
CA GLU C 89 -27.64 -27.74 15.52
C GLU C 89 -27.00 -26.48 14.95
N CYS C 90 -25.75 -26.56 14.52
CA CYS C 90 -25.06 -25.38 14.02
C CYS C 90 -25.69 -24.86 12.72
N THR C 91 -26.09 -25.76 11.83
CA THR C 91 -26.68 -25.31 10.57
C THR C 91 -28.08 -24.75 10.81
N THR C 92 -28.82 -25.26 11.79
CA THR C 92 -30.07 -24.60 12.15
C THR C 92 -29.81 -23.21 12.71
N GLN C 93 -28.75 -23.04 13.51
CA GLN C 93 -28.42 -21.71 14.00
C GLN C 93 -28.04 -20.76 12.87
N ILE C 94 -27.26 -21.25 11.90
CA ILE C 94 -26.91 -20.46 10.72
C ILE C 94 -28.16 -20.05 9.96
N GLN C 95 -29.07 -20.99 9.72
CA GLN C 95 -30.29 -20.67 8.99
C GLN C 95 -31.16 -19.68 9.76
N TYR C 96 -31.18 -19.79 11.09
CA TYR C 96 -31.99 -18.88 11.90
C TYR C 96 -31.43 -17.45 11.89
N LEU C 97 -30.13 -17.31 12.13
CA LEU C 97 -29.57 -15.95 12.25
C LEU C 97 -29.64 -15.18 10.94
N LYS C 98 -29.49 -15.89 9.82
CA LYS C 98 -29.34 -15.21 8.53
C LYS C 98 -30.64 -14.62 7.99
N GLN C 99 -31.80 -14.95 8.56
CA GLN C 99 -33.05 -14.49 7.98
C GLN C 99 -34.03 -13.87 8.98
N VAL C 100 -33.65 -13.72 10.24
CA VAL C 100 -34.54 -13.12 11.24
C VAL C 100 -34.28 -11.61 11.21
N GLN C 101 -34.96 -10.94 10.27
CA GLN C 101 -35.03 -9.48 10.25
C GLN C 101 -36.42 -9.00 9.84
N GLN C 102 -37.46 -9.80 10.08
CA GLN C 102 -38.82 -9.63 9.57
C GLN C 102 -39.32 -8.19 9.73
N PRO C 103 -39.52 -7.47 8.64
CA PRO C 103 -40.22 -6.18 8.71
C PRO C 103 -41.73 -6.40 8.74
N SER C 104 -42.44 -5.39 9.23
CA SER C 104 -43.89 -5.45 9.33
C SER C 104 -44.44 -4.05 9.07
N VAL C 105 -45.73 -3.87 9.35
CA VAL C 105 -46.37 -2.57 9.18
C VAL C 105 -46.38 -1.75 10.47
N ALA C 106 -46.56 -2.39 11.63
CA ALA C 106 -46.59 -1.68 12.91
C ALA C 106 -45.26 -1.05 13.27
N GLN C 107 -44.14 -1.58 12.78
CA GLN C 107 -42.82 -0.99 13.04
C GLN C 107 -42.32 -0.16 11.86
N LEU C 108 -43.12 -0.05 10.80
CA LEU C 108 -42.83 0.90 9.73
C LEU C 108 -43.65 2.18 9.85
N ARG C 109 -44.63 2.21 10.76
CA ARG C 109 -45.33 3.44 11.12
C ARG C 109 -44.55 4.26 12.13
N SER C 110 -43.55 3.67 12.78
CA SER C 110 -42.74 4.34 13.79
C SER C 110 -41.27 4.03 13.56
N THR C 111 -40.81 4.17 12.31
CA THR C 111 -39.41 3.88 11.99
C THR C 111 -38.48 4.88 12.66
N MET C 112 -37.40 4.37 13.25
CA MET C 112 -36.38 5.20 13.88
C MET C 112 -35.36 5.60 12.81
N VAL C 113 -35.38 6.87 12.42
CA VAL C 113 -34.44 7.38 11.44
C VAL C 113 -33.55 8.42 12.11
N ASP C 114 -32.34 8.56 11.58
CA ASP C 114 -31.42 9.57 12.09
C ASP C 114 -31.93 10.96 11.73
N PRO C 115 -31.52 11.99 12.48
CA PRO C 115 -31.95 13.35 12.12
C PRO C 115 -31.57 13.75 10.71
N ALA C 116 -30.40 13.32 10.23
CA ALA C 116 -30.02 13.61 8.85
C ALA C 116 -30.97 12.95 7.86
N ILE C 117 -31.33 11.69 8.11
CA ILE C 117 -32.22 10.97 7.20
C ILE C 117 -33.61 11.60 7.21
N ASN C 118 -34.10 11.97 8.40
CA ASN C 118 -35.39 12.63 8.49
C ASN C 118 -35.37 13.97 7.77
N LEU C 119 -34.27 14.72 7.90
CA LEU C 119 -34.14 15.97 7.18
C LEU C 119 -34.11 15.76 5.67
N PHE C 120 -33.44 14.70 5.21
CA PHE C 120 -33.45 14.39 3.79
C PHE C 120 -34.86 14.06 3.30
N PHE C 121 -35.60 13.28 4.09
CA PHE C 121 -36.96 12.94 3.72
C PHE C 121 -37.83 14.19 3.65
N LEU C 122 -37.71 15.09 4.64
CA LEU C 122 -38.47 16.32 4.63
C LEU C 122 -38.11 17.20 3.45
N LYS C 123 -36.82 17.33 3.17
CA LYS C 123 -36.38 18.18 2.06
C LYS C 123 -36.87 17.62 0.72
N MET C 124 -36.73 16.31 0.52
CA MET C 124 -37.19 15.71 -0.73
C MET C 124 -38.71 15.81 -0.85
N LYS C 125 -39.44 15.61 0.24
CA LYS C 125 -40.90 15.74 0.17
C LYS C 125 -41.31 17.17 -0.17
N GLY C 126 -40.66 18.16 0.44
CA GLY C 126 -40.98 19.55 0.11
C GLY C 126 -40.64 19.90 -1.34
N GLU C 127 -39.44 19.51 -1.78
CA GLU C 127 -39.06 19.76 -3.16
C GLU C 127 -40.00 19.06 -4.12
N LEU C 128 -40.42 17.84 -3.78
CA LEU C 128 -41.39 17.12 -4.59
C LEU C 128 -42.72 17.86 -4.64
N GLU C 129 -43.15 18.44 -3.52
CA GLU C 129 -44.42 19.16 -3.52
C GLU C 129 -44.36 20.41 -4.40
N GLN C 130 -43.29 21.19 -4.29
CA GLN C 130 -43.16 22.35 -5.18
C GLN C 130 -43.02 21.94 -6.64
N THR C 131 -42.26 20.87 -6.92
CA THR C 131 -42.15 20.42 -8.30
C THR C 131 -43.50 19.97 -8.84
N LYS C 132 -44.29 19.24 -8.05
CA LYS C 132 -45.62 18.81 -8.49
C LYS C 132 -46.53 20.01 -8.74
N ASP C 133 -46.56 20.98 -7.83
CA ASP C 133 -47.50 22.08 -8.02
C ASP C 133 -47.09 22.97 -9.19
N LYS C 134 -45.78 23.21 -9.36
CA LYS C 134 -45.33 23.99 -10.51
C LYS C 134 -45.48 23.20 -11.81
N LEU C 135 -45.43 21.86 -11.74
CA LEU C 135 -45.66 21.06 -12.93
C LEU C 135 -47.13 21.08 -13.34
N GLU C 136 -48.04 21.07 -12.36
CA GLU C 136 -49.46 21.25 -12.67
C GLU C 136 -49.71 22.64 -13.25
N GLN C 137 -49.05 23.66 -12.70
CA GLN C 137 -49.14 24.99 -13.28
C GLN C 137 -48.64 25.00 -14.71
N ALA C 138 -47.52 24.31 -14.97
CA ALA C 138 -47.01 24.22 -16.33
C ALA C 138 -47.99 23.53 -17.25
N GLN C 139 -48.62 22.44 -16.80
CA GLN C 139 -49.58 21.74 -17.65
C GLN C 139 -50.78 22.62 -17.98
N ASN C 140 -51.31 23.34 -16.98
CA ASN C 140 -52.44 24.21 -17.29
C ASN C 140 -52.03 25.37 -18.19
N GLU C 141 -50.78 25.83 -18.07
CA GLU C 141 -50.29 26.86 -18.99
C GLU C 141 -50.14 26.31 -20.41
N LEU C 142 -49.69 25.07 -20.55
CA LEU C 142 -49.66 24.41 -21.85
C LEU C 142 -51.06 24.30 -22.44
N SER C 143 -52.04 23.92 -21.61
CA SER C 143 -53.41 23.82 -22.08
C SER C 143 -53.99 25.18 -22.46
N ALA C 144 -53.54 26.25 -21.80
CA ALA C 144 -54.05 27.59 -22.12
C ALA C 144 -53.68 28.00 -23.54
N TRP C 145 -52.44 27.71 -23.96
CA TRP C 145 -52.00 28.12 -25.29
C TRP C 145 -52.73 27.33 -26.36
N LYS C 146 -52.95 27.99 -27.50
CA LYS C 146 -53.62 27.39 -28.64
C LYS C 146 -52.65 27.31 -29.81
N PHE C 147 -52.97 26.46 -30.77
CA PHE C 147 -52.05 26.15 -31.85
C PHE C 147 -51.87 27.34 -32.79
N THR C 148 -50.62 27.71 -33.04
CA THR C 148 -50.22 28.72 -34.02
C THR C 148 -49.03 28.16 -34.79
N PRO C 149 -48.82 28.63 -36.03
CA PRO C 149 -47.68 28.11 -36.81
C PRO C 149 -46.34 28.28 -36.11
N ASP C 150 -46.11 29.41 -35.45
CA ASP C 150 -44.90 29.58 -34.67
C ASP C 150 -44.83 28.56 -33.53
N SER C 151 -45.95 28.35 -32.84
CA SER C 151 -45.99 27.38 -31.76
C SER C 151 -45.71 25.97 -32.26
N GLN C 152 -46.29 25.61 -33.41
CA GLN C 152 -46.09 24.27 -33.95
C GLN C 152 -44.65 24.05 -34.40
N THR C 153 -44.06 25.04 -35.09
CA THR C 153 -42.67 24.87 -35.51
C THR C 153 -41.73 24.86 -34.32
N GLY C 154 -42.06 25.63 -33.27
CA GLY C 154 -41.28 25.56 -32.05
C GLY C 154 -41.36 24.21 -31.37
N LYS C 155 -42.56 23.63 -31.32
CA LYS C 155 -42.72 22.29 -30.74
C LYS C 155 -41.92 21.25 -31.53
N LYS C 156 -42.02 21.31 -32.87
CA LYS C 156 -41.28 20.37 -33.69
C LYS C 156 -39.78 20.51 -33.49
N LEU C 157 -39.29 21.75 -33.47
CA LEU C 157 -37.86 21.96 -33.31
C LEU C 157 -37.40 21.59 -31.91
N MET C 158 -38.25 21.76 -30.90
CA MET C 158 -37.89 21.35 -29.54
C MET C 158 -37.83 19.82 -29.42
N ALA C 159 -38.74 19.12 -30.10
CA ALA C 159 -38.63 17.66 -30.16
C ALA C 159 -37.34 17.25 -30.85
N LYS C 160 -36.99 17.96 -31.93
CA LYS C 160 -35.71 17.71 -32.59
C LYS C 160 -34.55 17.95 -31.63
N CYS C 161 -34.62 19.01 -30.84
CA CYS C 161 -33.57 19.33 -29.89
C CYS C 161 -33.43 18.25 -28.82
N ARG C 162 -34.55 17.75 -28.30
CA ARG C 162 -34.50 16.69 -27.30
C ARG C 162 -33.90 15.41 -27.88
N MET C 163 -34.32 15.04 -29.09
CA MET C 163 -33.74 13.87 -29.75
C MET C 163 -32.24 14.07 -29.99
N LEU C 164 -31.85 15.29 -30.38
CA LEU C 164 -30.45 15.59 -30.59
C LEU C 164 -29.65 15.46 -29.31
N ILE C 165 -30.18 15.95 -28.20
CA ILE C 165 -29.47 15.84 -26.92
C ILE C 165 -29.31 14.38 -26.53
N GLN C 166 -30.38 13.60 -26.68
CA GLN C 166 -30.32 12.18 -26.33
C GLN C 166 -29.26 11.46 -27.17
N GLU C 167 -29.32 11.62 -28.50
CA GLU C 167 -28.37 10.90 -29.34
C GLU C 167 -26.97 11.48 -29.23
N ASN C 168 -26.82 12.75 -28.85
CA ASN C 168 -25.49 13.31 -28.63
C ASN C 168 -24.85 12.71 -27.38
N GLN C 169 -25.64 12.55 -26.31
CA GLN C 169 -25.11 11.85 -25.14
C GLN C 169 -24.77 10.41 -25.46
N GLU C 170 -25.61 9.73 -26.25
CA GLU C 170 -25.31 8.35 -26.65
C GLU C 170 -24.04 8.29 -27.49
N LEU C 171 -23.86 9.21 -28.43
CA LEU C 171 -22.66 9.21 -29.26
C LEU C 171 -21.43 9.56 -28.44
N GLY C 172 -21.54 10.47 -27.47
CA GLY C 172 -20.43 10.80 -26.61
C GLY C 172 -20.05 9.68 -25.67
N ARG C 173 -21.00 8.83 -25.29
CA ARG C 173 -20.65 7.66 -24.50
C ARG C 173 -20.23 6.46 -25.36
N GLN C 174 -20.51 6.49 -26.66
CA GLN C 174 -19.86 5.53 -27.55
C GLN C 174 -18.42 5.92 -27.88
N LEU C 175 -18.16 7.22 -28.00
CA LEU C 175 -16.82 7.68 -28.37
C LEU C 175 -15.78 7.37 -27.30
N SER C 176 -16.12 7.49 -26.03
CA SER C 176 -15.18 7.25 -24.94
C SER C 176 -15.26 5.84 -24.37
N GLN C 177 -16.10 4.97 -24.93
CA GLN C 177 -16.23 3.62 -24.42
C GLN C 177 -16.15 2.59 -25.53
N GLY C 178 -16.49 2.99 -26.76
CA GLY C 178 -16.56 2.07 -27.87
C GLY C 178 -15.23 1.67 -28.46
N ARG C 179 -15.26 1.12 -29.67
CA ARG C 179 -14.03 0.67 -30.31
C ARG C 179 -13.07 1.82 -30.57
N ILE C 180 -13.59 3.03 -30.77
CA ILE C 180 -12.75 4.15 -31.21
C ILE C 180 -12.14 4.81 -29.98
N ALA C 181 -12.42 4.27 -28.81
CA ALA C 181 -11.68 4.62 -27.60
C ALA C 181 -10.58 3.61 -27.28
N GLN C 182 -10.85 2.32 -27.49
CA GLN C 182 -9.80 1.32 -27.40
C GLN C 182 -8.74 1.54 -28.47
N LEU C 183 -9.13 2.03 -29.64
CA LEU C 183 -8.16 2.33 -30.69
C LEU C 183 -7.23 3.46 -30.28
N GLU C 184 -7.79 4.54 -29.70
CA GLU C 184 -6.96 5.63 -29.23
C GLU C 184 -6.07 5.21 -28.07
N ALA C 185 -6.58 4.38 -27.16
CA ALA C 185 -5.75 3.86 -26.09
C ALA C 185 -4.61 3.00 -26.62
N GLU C 186 -4.90 2.16 -27.62
CA GLU C 186 -3.85 1.38 -28.27
C GLU C 186 -2.80 2.28 -28.91
N LEU C 187 -3.24 3.33 -29.60
CA LEU C 187 -2.30 4.25 -30.24
C LEU C 187 -1.41 4.93 -29.22
N ALA C 188 -2.01 5.42 -28.13
CA ALA C 188 -1.22 6.08 -27.09
C ALA C 188 -0.23 5.13 -26.44
N LEU C 189 -0.68 3.90 -26.16
CA LEU C 189 0.22 2.92 -25.54
C LEU C 189 1.33 2.49 -26.48
N GLN C 190 1.03 2.35 -27.77
CA GLN C 190 2.07 2.02 -28.73
C GLN C 190 3.08 3.14 -28.85
N LYS C 191 2.62 4.40 -28.84
CA LYS C 191 3.56 5.51 -28.85
C LYS C 191 4.43 5.52 -27.60
N LYS C 192 3.84 5.25 -26.44
CA LYS C 192 4.62 5.20 -25.21
C LYS C 192 5.66 4.09 -25.25
N TYR C 193 5.26 2.90 -25.71
CA TYR C 193 6.19 1.78 -25.79
C TYR C 193 7.31 2.07 -26.77
N SER C 194 6.98 2.63 -27.94
CA SER C 194 8.02 2.96 -28.91
C SER C 194 8.97 4.03 -28.40
N GLU C 195 8.46 5.03 -27.68
CA GLU C 195 9.35 6.06 -27.15
C GLU C 195 10.23 5.51 -26.02
N GLU C 196 9.71 4.60 -25.20
CA GLU C 196 10.53 3.96 -24.18
C GLU C 196 11.64 3.13 -24.82
N LEU C 197 11.28 2.34 -25.83
CA LEU C 197 12.27 1.54 -26.54
C LEU C 197 13.31 2.41 -27.23
N LYS C 198 12.89 3.53 -27.84
CA LYS C 198 13.83 4.44 -28.47
C LYS C 198 14.75 5.12 -27.49
N SER C 199 14.25 5.52 -26.31
CA SER C 199 15.13 6.11 -25.30
C SER C 199 16.14 5.07 -24.79
N SER C 200 15.70 3.83 -24.58
CA SER C 200 16.63 2.78 -24.17
C SER C 200 17.68 2.54 -25.25
N GLN C 201 17.27 2.54 -26.52
CA GLN C 201 18.24 2.38 -27.60
C GLN C 201 19.19 3.55 -27.68
N ASP C 202 18.72 4.76 -27.39
CA ASP C 202 19.61 5.92 -27.32
C ASP C 202 20.64 5.81 -26.22
N GLU C 203 20.24 5.33 -25.03
CA GLU C 203 21.23 5.09 -23.98
C GLU C 203 22.21 4.00 -24.39
N LEU C 204 21.72 2.93 -25.02
CA LEU C 204 22.62 1.89 -25.51
C LEU C 204 23.57 2.43 -26.57
N ASN C 205 23.15 3.44 -27.31
CA ASN C 205 24.04 4.06 -28.29
C ASN C 205 25.18 4.80 -27.60
N ASP C 206 24.91 5.47 -26.48
CA ASP C 206 25.98 6.09 -25.71
C ASP C 206 26.93 5.03 -25.14
N PHE C 207 26.37 3.91 -24.68
CA PHE C 207 27.22 2.83 -24.19
C PHE C 207 28.11 2.28 -25.31
N ILE C 208 27.55 2.15 -26.52
CA ILE C 208 28.33 1.73 -27.67
C ILE C 208 29.40 2.77 -28.01
N ILE C 209 29.09 4.05 -27.81
CA ILE C 209 30.10 5.09 -28.01
C ILE C 209 31.25 4.92 -27.04
N GLN C 210 30.94 4.57 -25.78
CA GLN C 210 31.99 4.29 -24.80
C GLN C 210 32.84 3.10 -25.25
N LEU C 211 32.19 2.04 -25.73
CA LEU C 211 32.95 0.89 -26.21
C LEU C 211 33.83 1.25 -27.40
N ASP C 212 33.32 2.11 -28.30
CA ASP C 212 34.08 2.51 -29.46
C ASP C 212 35.27 3.38 -29.07
N GLU C 213 35.12 4.24 -28.06
CA GLU C 213 36.26 5.02 -27.59
C GLU C 213 37.28 4.13 -26.90
N GLU C 214 36.83 3.08 -26.22
CA GLU C 214 37.76 2.08 -25.69
C GLU C 214 38.52 1.39 -26.82
N VAL C 215 37.82 1.07 -27.92
CA VAL C 215 38.46 0.48 -29.08
C VAL C 215 39.52 1.42 -29.65
N GLU C 216 39.18 2.71 -29.75
CA GLU C 216 40.14 3.68 -30.26
C GLU C 216 41.35 3.80 -29.35
N GLY C 217 41.14 3.80 -28.03
CA GLY C 217 42.27 3.85 -27.12
C GLY C 217 43.18 2.64 -27.25
N MET C 218 42.58 1.45 -27.36
CA MET C 218 43.39 0.25 -27.54
C MET C 218 44.11 0.25 -28.88
N GLN C 219 43.49 0.81 -29.92
CA GLN C 219 44.16 0.91 -31.22
C GLN C 219 45.35 1.85 -31.14
N SER C 220 45.19 2.97 -30.43
CA SER C 220 46.33 3.88 -30.23
C SER C 220 47.43 3.20 -29.44
N THR C 221 47.07 2.41 -28.43
CA THR C 221 48.07 1.66 -27.68
C THR C 221 48.78 0.66 -28.57
N ILE C 222 48.05 -0.02 -29.45
CA ILE C 222 48.67 -0.94 -30.40
C ILE C 222 49.66 -0.21 -31.29
N LEU C 223 49.27 0.97 -31.78
CA LEU C 223 50.16 1.74 -32.66
C LEU C 223 51.44 2.15 -31.94
N VAL C 224 51.30 2.65 -30.70
CA VAL C 224 52.50 3.12 -29.99
C VAL C 224 53.39 1.95 -29.60
N LEU C 225 52.79 0.82 -29.19
CA LEU C 225 53.60 -0.36 -28.88
C LEU C 225 54.28 -0.90 -30.14
N GLN C 226 53.60 -0.85 -31.28
CA GLN C 226 54.21 -1.32 -32.52
C GLN C 226 55.38 -0.42 -32.94
N GLN C 227 55.24 0.90 -32.80
CA GLN C 227 56.36 1.77 -33.15
C GLN C 227 57.53 1.58 -32.18
N GLN C 228 57.23 1.38 -30.89
CA GLN C 228 58.31 1.08 -29.94
C GLN C 228 58.99 -0.22 -30.28
N LEU C 229 58.21 -1.24 -30.63
CA LEU C 229 58.78 -2.53 -31.02
C LEU C 229 59.66 -2.39 -32.24
N LYS C 230 59.20 -1.63 -33.25
CA LYS C 230 59.97 -1.45 -34.46
C LYS C 230 61.29 -0.75 -34.17
N GLU C 231 61.25 0.33 -33.39
CA GLU C 231 62.48 1.07 -33.10
C GLU C 231 63.46 0.23 -32.28
N THR C 232 62.95 -0.49 -31.27
CA THR C 232 63.84 -1.35 -30.48
C THR C 232 64.40 -2.49 -31.31
N ARG C 233 63.60 -3.09 -32.18
CA ARG C 233 64.08 -4.19 -33.00
C ARG C 233 65.16 -3.73 -33.98
N GLN C 234 64.94 -2.60 -34.64
CA GLN C 234 65.95 -2.10 -35.57
C GLN C 234 67.21 -1.69 -34.83
N GLN C 235 67.07 -1.08 -33.65
CA GLN C 235 68.23 -0.72 -32.84
C GLN C 235 69.02 -1.96 -32.45
N LEU C 236 68.32 -3.01 -32.00
CA LEU C 236 68.98 -4.24 -31.61
C LEU C 236 69.70 -4.88 -32.79
N ALA C 237 69.05 -4.89 -33.96
CA ALA C 237 69.67 -5.50 -35.14
C ALA C 237 70.92 -4.73 -35.55
N GLN C 238 70.83 -3.40 -35.64
CA GLN C 238 71.99 -2.62 -36.03
C GLN C 238 73.11 -2.75 -35.00
N TYR C 239 72.78 -2.79 -33.71
CA TYR C 239 73.81 -2.94 -32.69
C TYR C 239 74.49 -4.31 -32.79
N GLN C 240 73.71 -5.36 -33.03
CA GLN C 240 74.25 -6.71 -33.13
C GLN C 240 75.15 -6.88 -34.34
N GLN C 241 74.73 -6.41 -35.52
CA GLN C 241 75.66 -6.47 -36.65
C GLN C 241 76.68 -5.33 -36.64
N GLN C 242 76.64 -4.45 -35.64
CA GLN C 242 77.69 -3.46 -35.48
C GLN C 242 78.85 -4.00 -34.64
N GLN C 243 78.58 -4.44 -33.42
CA GLN C 243 79.66 -4.88 -32.55
C GLN C 243 80.08 -6.33 -32.77
N SER C 244 79.38 -7.08 -33.61
CA SER C 244 79.81 -8.44 -33.90
C SER C 244 81.09 -8.49 -34.72
N GLN C 245 81.42 -7.41 -35.42
CA GLN C 245 82.61 -7.39 -36.27
C GLN C 245 83.80 -6.71 -35.61
N ALA C 246 83.57 -5.84 -34.62
CA ALA C 246 84.64 -5.11 -33.96
C ALA C 246 85.27 -5.89 -32.81
N SER C 247 84.73 -7.05 -32.46
CA SER C 247 85.26 -7.84 -31.36
C SER C 247 86.55 -8.54 -31.77
#